data_8ZN9
#
_entry.id   8ZN9
#
_cell.length_a   103.920
_cell.length_b   56.690
_cell.length_c   217.300
_cell.angle_alpha   90.00
_cell.angle_beta   96.10
_cell.angle_gamma   90.00
#
_symmetry.space_group_name_H-M   'P 1 21 1'
#
loop_
_entity.id
_entity.type
_entity.pdbx_description
1 polymer 'Oxidoreductase, putative'
2 non-polymer NICOTINAMIDE-ADENINE-DINUCLEOTIDE
3 non-polymer DI(HYDROXYETHYL)ETHER
4 water water
#
_entity_poly.entity_id   1
_entity_poly.type   'polypeptide(L)'
_entity_poly.pdbx_seq_one_letter_code
;MGSSHHHHHHSSGLVPRGSHMASMTGGQQMGRGSMTQLVRYGIIGCGMMGQEHLRNIALLDGAGVSAIFEPDAAMQRAAH
AIAPQAAFYPSVQALLASADIDCLVIASPNYCHADQIVEIAATRPLPLLVEKPLLTDPADIARLTQTAERYPAPIWVAME
YRYMPPIAALLARAEAVTGGIKMLSLREHRFPFLEKVGDWNRFNVNTGGTFVEKCCHFFDLMRLVLRRNPVRVMASAAQS
VNHLDERYDGKTPDILDNGYVIVDFEGGARAMLELCMFADGARYQETISAVGPAGKIEAFVPGPTRFWPGDLGAPPVPLI
EISPRLSKQIKVHEIPVDPKLLKAGDHNGATYFQHQRFMALVQGSSTETEVSFSDGLWAVRMGMAAQHSAATGQAVTLEG
;
_entity_poly.pdbx_strand_id   A,B,C,D,E,F
#
# COMPACT_ATOMS: atom_id res chain seq x y z
N GLY A 2 -13.34 24.55 38.51
CA GLY A 2 -13.12 25.97 38.39
C GLY A 2 -11.63 26.22 38.61
N SER A 3 -11.13 27.36 38.11
CA SER A 3 -9.74 27.83 38.18
C SER A 3 -9.31 28.05 39.64
N SER A 4 -8.08 27.63 39.95
CA SER A 4 -7.55 27.93 41.30
C SER A 4 -6.11 28.46 41.14
N HIS A 5 -5.88 29.70 41.57
CA HIS A 5 -4.55 30.36 41.48
C HIS A 5 -4.37 31.23 42.72
N HIS A 6 -3.60 30.73 43.67
CA HIS A 6 -3.34 31.47 44.92
C HIS A 6 -2.13 30.83 45.60
N HIS A 7 -1.17 31.64 46.02
CA HIS A 7 0.09 31.13 46.59
C HIS A 7 0.58 29.94 45.77
N HIS A 8 0.79 28.80 46.41
CA HIS A 8 1.39 27.64 45.70
C HIS A 8 0.31 26.76 45.05
N HIS A 9 -0.96 27.18 45.09
CA HIS A 9 -2.07 26.41 44.48
C HIS A 9 -2.34 26.89 43.04
N HIS A 10 -2.25 25.97 42.08
CA HIS A 10 -2.49 26.33 40.67
C HIS A 10 -3.15 25.15 39.93
N SER A 11 -4.29 25.42 39.29
CA SER A 11 -5.03 24.41 38.50
C SER A 11 -4.37 24.23 37.13
N SER A 12 -3.50 25.15 36.77
CA SER A 12 -2.88 25.15 35.42
C SER A 12 -1.53 25.89 35.45
N GLY A 13 -0.70 25.68 34.42
CA GLY A 13 0.54 26.46 34.22
C GLY A 13 1.77 25.92 34.93
N LEU A 14 1.74 24.78 35.62
CA LEU A 14 2.97 24.20 36.23
C LEU A 14 3.65 23.22 35.23
N VAL A 15 4.95 22.95 35.40
CA VAL A 15 5.66 21.99 34.48
C VAL A 15 5.46 20.53 34.96
N LEU A 38 -39.57 51.98 11.75
CA LEU A 38 -38.17 52.50 11.71
C LEU A 38 -37.41 52.05 12.96
N VAL A 39 -36.14 51.70 12.81
CA VAL A 39 -35.31 51.44 14.01
C VAL A 39 -34.52 52.73 14.30
N ARG A 40 -34.62 53.20 15.53
CA ARG A 40 -33.98 54.49 15.89
C ARG A 40 -32.75 54.18 16.76
N TYR A 41 -31.64 54.79 16.41
CA TYR A 41 -30.32 54.54 17.04
C TYR A 41 -29.93 55.79 17.84
N GLY A 42 -29.45 55.54 19.04
CA GLY A 42 -28.72 56.48 19.88
C GLY A 42 -27.24 56.15 19.81
N ILE A 43 -26.38 57.17 19.72
CA ILE A 43 -24.92 57.01 19.60
C ILE A 43 -24.27 57.73 20.77
N ILE A 44 -23.48 57.02 21.54
CA ILE A 44 -22.73 57.59 22.68
C ILE A 44 -21.27 57.64 22.25
N GLY A 45 -20.75 58.85 21.96
CA GLY A 45 -19.39 58.99 21.40
C GLY A 45 -19.49 59.01 19.88
N CYS A 46 -19.09 60.12 19.26
CA CYS A 46 -19.26 60.29 17.81
C CYS A 46 -18.07 61.06 17.23
N GLY A 47 -16.89 60.47 17.40
CA GLY A 47 -15.65 60.83 16.72
C GLY A 47 -15.52 60.02 15.44
N MET A 48 -14.31 59.64 15.14
CA MET A 48 -14.03 58.94 13.89
C MET A 48 -14.94 57.69 13.76
N MET A 49 -14.91 56.77 14.71
CA MET A 49 -15.66 55.51 14.55
C MET A 49 -17.15 55.76 14.72
N GLY A 50 -17.60 56.65 15.60
CA GLY A 50 -19.05 56.91 15.68
C GLY A 50 -19.57 57.54 14.37
N GLN A 51 -18.75 58.34 13.68
CA GLN A 51 -19.11 58.90 12.35
C GLN A 51 -19.18 57.77 11.32
N GLU A 52 -18.30 56.76 11.43
CA GLU A 52 -18.44 55.57 10.56
C GLU A 52 -19.78 54.88 10.87
N HIS A 53 -20.13 54.66 12.13
CA HIS A 53 -21.45 54.10 12.47
C HIS A 53 -22.55 54.96 11.81
N LEU A 54 -22.48 56.30 11.93
CA LEU A 54 -23.53 57.15 11.30
C LEU A 54 -23.63 56.84 9.80
N ARG A 55 -22.51 56.76 9.11
CA ARG A 55 -22.57 56.60 7.63
C ARG A 55 -23.18 55.22 7.28
N ASN A 56 -22.84 54.19 8.07
CA ASN A 56 -23.26 52.80 7.73
C ASN A 56 -24.72 52.62 8.12
N ILE A 57 -25.15 53.18 9.25
CA ILE A 57 -26.58 53.11 9.67
C ILE A 57 -27.43 53.75 8.56
N ALA A 58 -26.94 54.88 8.01
CA ALA A 58 -27.67 55.60 6.95
C ALA A 58 -27.85 54.74 5.70
N LEU A 59 -27.05 53.69 5.50
CA LEU A 59 -27.19 52.80 4.32
C LEU A 59 -28.25 51.72 4.57
N LEU A 60 -28.68 51.52 5.82
CA LEU A 60 -29.68 50.48 6.17
C LEU A 60 -31.08 50.97 5.79
N ASP A 61 -31.90 50.12 5.19
CA ASP A 61 -33.31 50.42 4.92
C ASP A 61 -34.05 50.33 6.26
N GLY A 62 -34.74 51.43 6.65
CA GLY A 62 -35.64 51.49 7.83
C GLY A 62 -34.87 51.72 9.11
N ALA A 63 -33.67 52.29 9.04
CA ALA A 63 -32.87 52.67 10.23
C ALA A 63 -32.58 54.16 10.18
N GLY A 64 -32.46 54.76 11.34
CA GLY A 64 -31.99 56.15 11.41
C GLY A 64 -31.40 56.46 12.75
N VAL A 65 -30.45 57.39 12.75
CA VAL A 65 -29.87 57.94 13.99
C VAL A 65 -30.74 59.09 14.51
N SER A 66 -31.30 58.90 15.70
CA SER A 66 -32.21 59.91 16.32
C SER A 66 -31.47 60.74 17.41
N ALA A 67 -30.42 60.22 17.98
CA ALA A 67 -29.82 60.81 19.21
C ALA A 67 -28.31 60.62 19.23
N ILE A 68 -27.60 61.67 19.61
CA ILE A 68 -26.12 61.58 19.71
C ILE A 68 -25.68 62.31 20.97
N PHE A 69 -24.85 61.68 21.79
CA PHE A 69 -24.09 62.37 22.86
C PHE A 69 -22.63 62.41 22.42
N GLU A 70 -22.16 63.60 22.15
CA GLU A 70 -20.76 63.86 21.72
C GLU A 70 -20.31 65.15 22.37
N PRO A 71 -19.39 65.07 23.37
CA PRO A 71 -19.04 66.28 24.15
C PRO A 71 -18.09 67.28 23.49
N ASP A 72 -17.49 66.94 22.35
CA ASP A 72 -16.46 67.76 21.67
C ASP A 72 -17.14 68.59 20.61
N ALA A 73 -17.00 69.93 20.67
CA ALA A 73 -17.70 70.81 19.74
C ALA A 73 -17.37 70.39 18.27
N ALA A 74 -16.10 70.19 17.91
CA ALA A 74 -15.70 69.98 16.48
C ALA A 74 -16.33 68.65 16.01
N MET A 75 -16.42 67.65 16.88
CA MET A 75 -17.04 66.35 16.48
C MET A 75 -18.56 66.52 16.40
N GLN A 76 -19.15 67.35 17.26
CA GLN A 76 -20.61 67.65 17.16
C GLN A 76 -20.87 68.30 15.79
N ARG A 77 -19.99 69.19 15.34
CA ARG A 77 -20.22 69.81 13.98
C ARG A 77 -20.10 68.75 12.88
N ALA A 78 -19.10 67.88 12.98
CA ALA A 78 -18.85 66.84 11.97
C ALA A 78 -20.02 65.85 11.97
N ALA A 79 -20.49 65.46 13.16
CA ALA A 79 -21.60 64.50 13.29
C ALA A 79 -22.89 65.11 12.74
N HIS A 80 -23.16 66.39 13.07
CA HIS A 80 -24.34 67.14 12.55
C HIS A 80 -24.31 67.19 11.01
N ALA A 81 -23.15 67.38 10.39
CA ALA A 81 -23.08 67.49 8.91
C ALA A 81 -23.49 66.13 8.29
N ILE A 82 -23.08 65.02 8.94
CA ILE A 82 -23.38 63.65 8.45
C ILE A 82 -24.84 63.31 8.65
N ALA A 83 -25.38 63.53 9.85
CA ALA A 83 -26.74 63.10 10.27
C ALA A 83 -27.51 64.32 10.72
N PRO A 84 -27.93 65.19 9.79
CA PRO A 84 -28.52 66.49 10.15
C PRO A 84 -29.82 66.43 10.96
N GLN A 85 -30.56 65.32 10.91
CA GLN A 85 -31.84 65.17 11.67
C GLN A 85 -31.59 64.70 13.10
N ALA A 86 -30.39 64.26 13.46
CA ALA A 86 -30.13 63.71 14.83
C ALA A 86 -30.12 64.85 15.84
N ALA A 87 -30.68 64.59 17.03
CA ALA A 87 -30.71 65.53 18.16
C ALA A 87 -29.48 65.24 19.02
N PHE A 88 -28.85 66.27 19.58
CA PHE A 88 -27.67 66.13 20.47
C PHE A 88 -28.10 66.27 21.91
N TYR A 89 -27.42 65.53 22.79
CA TYR A 89 -27.69 65.46 24.23
C TYR A 89 -26.39 65.67 24.97
N PRO A 90 -26.43 66.31 26.16
CA PRO A 90 -25.21 66.68 26.87
C PRO A 90 -24.56 65.59 27.74
N SER A 91 -25.23 64.47 27.87
CA SER A 91 -24.75 63.35 28.71
C SER A 91 -25.50 62.07 28.35
N VAL A 92 -24.96 60.96 28.84
CA VAL A 92 -25.66 59.66 28.76
C VAL A 92 -27.01 59.80 29.46
N GLN A 93 -27.05 60.33 30.69
CA GLN A 93 -28.30 60.45 31.49
C GLN A 93 -29.33 61.28 30.67
N ALA A 94 -28.92 62.36 30.02
CA ALA A 94 -29.87 63.19 29.26
C ALA A 94 -30.43 62.43 28.06
N LEU A 95 -29.55 61.73 27.33
CA LEU A 95 -30.00 60.95 26.14
C LEU A 95 -31.01 59.90 26.61
N LEU A 96 -30.67 59.12 27.65
CA LEU A 96 -31.57 58.04 28.11
C LEU A 96 -32.91 58.61 28.61
N ALA A 97 -32.92 59.85 29.15
CA ALA A 97 -34.14 60.44 29.76
C ALA A 97 -35.16 60.86 28.72
N SER A 98 -34.72 61.35 27.55
CA SER A 98 -35.70 61.96 26.63
C SER A 98 -35.60 61.43 25.19
N ALA A 99 -34.59 60.62 24.83
CA ALA A 99 -34.45 60.20 23.42
C ALA A 99 -35.42 59.06 23.06
N ASP A 100 -36.01 59.15 21.87
CA ASP A 100 -36.85 58.08 21.30
C ASP A 100 -35.91 57.19 20.51
N ILE A 101 -35.47 56.11 21.12
CA ILE A 101 -34.41 55.20 20.57
C ILE A 101 -34.81 53.76 20.85
N ASP A 102 -34.43 52.86 19.94
CA ASP A 102 -34.66 51.40 20.05
C ASP A 102 -33.37 50.70 20.45
N CYS A 103 -32.22 51.36 20.30
CA CYS A 103 -30.93 50.71 20.55
C CYS A 103 -29.83 51.77 20.66
N LEU A 104 -28.67 51.35 21.15
CA LEU A 104 -27.53 52.24 21.45
C LEU A 104 -26.26 51.67 20.85
N VAL A 105 -25.44 52.57 20.32
CA VAL A 105 -24.05 52.30 19.93
C VAL A 105 -23.17 53.08 20.88
N ILE A 106 -22.21 52.40 21.49
CA ILE A 106 -21.16 53.05 22.28
C ILE A 106 -19.86 53.11 21.45
N ALA A 107 -19.43 54.33 21.09
CA ALA A 107 -18.18 54.56 20.35
C ALA A 107 -17.32 55.61 21.07
N SER A 108 -17.38 55.63 22.38
CA SER A 108 -16.56 56.49 23.24
C SER A 108 -15.17 55.87 23.35
N PRO A 109 -14.20 56.61 23.93
CA PRO A 109 -12.89 56.04 24.17
C PRO A 109 -12.99 54.80 25.07
N ASN A 110 -12.02 53.93 24.88
CA ASN A 110 -12.02 52.57 25.44
C ASN A 110 -12.33 52.61 26.95
N TYR A 111 -11.64 53.47 27.71
CA TYR A 111 -11.77 53.51 29.18
C TYR A 111 -13.17 53.89 29.66
N CYS A 112 -13.98 54.42 28.77
CA CYS A 112 -15.35 54.87 29.11
C CYS A 112 -16.33 53.69 29.08
N HIS A 113 -16.03 52.61 28.35
CA HIS A 113 -17.09 51.63 28.00
C HIS A 113 -17.71 51.00 29.22
N ALA A 114 -16.90 50.58 30.20
CA ALA A 114 -17.42 49.81 31.36
C ALA A 114 -18.47 50.65 32.10
N ASP A 115 -18.12 51.89 32.48
CA ASP A 115 -18.93 52.84 33.27
C ASP A 115 -20.24 53.08 32.49
N GLN A 116 -20.15 53.20 31.15
CA GLN A 116 -21.35 53.54 30.36
C GLN A 116 -22.32 52.35 30.27
N ILE A 117 -21.77 51.14 30.15
CA ILE A 117 -22.64 49.93 30.14
C ILE A 117 -23.36 49.88 31.50
N VAL A 118 -22.62 50.12 32.58
CA VAL A 118 -23.22 50.05 33.96
C VAL A 118 -24.30 51.11 34.09
N GLU A 119 -24.03 52.28 33.56
CA GLU A 119 -24.97 53.41 33.67
C GLU A 119 -26.24 53.03 32.91
N ILE A 120 -26.06 52.55 31.67
CA ILE A 120 -27.24 52.18 30.83
C ILE A 120 -28.07 51.09 31.55
N ALA A 121 -27.41 50.08 32.07
CA ALA A 121 -28.08 48.94 32.77
C ALA A 121 -28.91 49.46 33.93
N ALA A 122 -28.48 50.50 34.63
CA ALA A 122 -29.17 51.01 35.82
C ALA A 122 -30.31 51.94 35.38
N THR A 123 -30.28 52.43 34.16
CA THR A 123 -31.19 53.53 33.79
C THR A 123 -32.22 53.12 32.75
N ARG A 124 -31.78 52.54 31.64
CA ARG A 124 -32.69 52.25 30.50
C ARG A 124 -32.04 51.18 29.63
N PRO A 125 -32.07 49.91 30.07
CA PRO A 125 -31.45 48.85 29.30
C PRO A 125 -32.09 48.77 27.89
N LEU A 126 -31.28 48.80 26.88
CA LEU A 126 -31.69 48.68 25.47
C LEU A 126 -30.66 47.79 24.77
N PRO A 127 -30.99 47.25 23.58
CA PRO A 127 -30.00 46.53 22.80
C PRO A 127 -28.78 47.43 22.58
N LEU A 128 -27.61 46.87 22.82
CA LEU A 128 -26.37 47.65 22.84
C LEU A 128 -25.36 47.07 21.85
N LEU A 129 -24.81 47.91 20.98
CA LEU A 129 -23.62 47.58 20.16
C LEU A 129 -22.47 48.36 20.81
N VAL A 130 -21.62 47.67 21.55
CA VAL A 130 -20.54 48.32 22.31
C VAL A 130 -19.23 48.18 21.54
N GLU A 131 -18.59 49.30 21.18
CA GLU A 131 -17.28 49.21 20.48
C GLU A 131 -16.28 48.41 21.29
N LYS A 132 -15.41 47.75 20.55
CA LYS A 132 -14.23 47.10 21.18
C LYS A 132 -13.28 48.17 21.67
N PRO A 133 -12.35 47.83 22.59
CA PRO A 133 -12.46 46.66 23.45
C PRO A 133 -13.57 46.82 24.48
N LEU A 134 -14.14 45.70 24.91
CA LEU A 134 -15.30 45.72 25.83
C LEU A 134 -14.94 46.53 27.07
N LEU A 135 -13.71 46.37 27.61
CA LEU A 135 -13.25 47.13 28.77
C LEU A 135 -11.73 47.26 28.71
N THR A 136 -11.18 48.03 29.65
CA THR A 136 -9.73 48.25 29.70
C THR A 136 -9.09 47.79 31.01
N ASP A 137 -9.80 47.92 32.12
CA ASP A 137 -9.26 47.75 33.48
C ASP A 137 -9.73 46.38 33.96
N PRO A 138 -8.80 45.46 34.32
CA PRO A 138 -9.22 44.18 34.87
C PRO A 138 -10.05 44.34 36.16
N ALA A 139 -9.94 45.46 36.85
CA ALA A 139 -10.78 45.73 38.03
C ALA A 139 -12.27 45.82 37.68
N ASP A 140 -12.62 45.98 36.41
CA ASP A 140 -14.02 46.11 35.96
C ASP A 140 -14.62 44.76 35.56
N ILE A 141 -13.83 43.69 35.50
CA ILE A 141 -14.36 42.42 34.91
C ILE A 141 -15.54 41.88 35.73
N ALA A 142 -15.42 41.87 37.05
CA ALA A 142 -16.45 41.25 37.91
C ALA A 142 -17.76 42.03 37.84
N ARG A 143 -17.68 43.36 37.98
CA ARG A 143 -18.89 44.20 37.98
C ARG A 143 -19.55 44.17 36.61
N LEU A 144 -18.76 44.17 35.54
CA LEU A 144 -19.35 44.19 34.17
C LEU A 144 -19.98 42.83 33.88
N THR A 145 -19.36 41.76 34.36
CA THR A 145 -19.94 40.41 34.15
C THR A 145 -21.28 40.35 34.89
N GLN A 146 -21.33 40.87 36.11
CA GLN A 146 -22.59 40.93 36.89
C GLN A 146 -23.63 41.71 36.09
N THR A 147 -23.24 42.87 35.58
CA THR A 147 -24.18 43.72 34.81
C THR A 147 -24.73 42.93 33.61
N ALA A 148 -23.85 42.24 32.89
CA ALA A 148 -24.26 41.55 31.65
C ALA A 148 -25.17 40.37 31.99
N GLU A 149 -24.88 39.65 33.08
CA GLU A 149 -25.71 38.48 33.48
C GLU A 149 -27.14 38.95 33.77
N ARG A 150 -27.30 40.17 34.28
CA ARG A 150 -28.61 40.65 34.76
C ARG A 150 -29.27 41.53 33.69
N TYR A 151 -28.60 41.75 32.55
CA TYR A 151 -29.04 42.80 31.57
C TYR A 151 -30.13 42.21 30.69
N PRO A 152 -31.30 42.88 30.56
CA PRO A 152 -32.42 42.27 29.84
C PRO A 152 -32.46 42.41 28.30
N ALA A 153 -31.44 42.93 27.68
CA ALA A 153 -31.43 43.19 26.23
C ALA A 153 -30.10 42.65 25.69
N PRO A 154 -29.99 42.47 24.37
CA PRO A 154 -28.74 41.98 23.78
C PRO A 154 -27.57 42.94 24.05
N ILE A 155 -26.39 42.36 24.23
CA ILE A 155 -25.12 43.11 24.22
C ILE A 155 -24.23 42.51 23.14
N TRP A 156 -23.97 43.26 22.09
CA TRP A 156 -23.16 42.87 20.93
C TRP A 156 -21.85 43.68 20.96
N VAL A 157 -20.70 43.01 20.98
CA VAL A 157 -19.41 43.70 21.05
C VAL A 157 -18.96 43.86 19.59
N ALA A 158 -18.69 45.08 19.18
CA ALA A 158 -18.57 45.49 17.76
C ALA A 158 -17.18 45.12 17.19
N MET A 159 -16.81 43.82 17.28
CA MET A 159 -15.63 43.24 16.62
C MET A 159 -16.12 42.76 15.24
N GLU A 160 -15.99 43.65 14.27
CA GLU A 160 -16.61 43.49 12.93
C GLU A 160 -15.69 42.72 11.94
N TYR A 161 -14.44 42.38 12.27
CA TYR A 161 -13.51 41.94 11.20
C TYR A 161 -14.01 40.69 10.47
N ARG A 162 -14.76 39.83 11.15
CA ARG A 162 -15.30 38.59 10.54
C ARG A 162 -16.16 38.94 9.33
N TYR A 163 -16.67 40.18 9.24
CA TYR A 163 -17.58 40.53 8.11
C TYR A 163 -16.80 41.15 6.95
N MET A 164 -15.50 41.43 7.09
CA MET A 164 -14.73 41.91 5.89
C MET A 164 -14.81 40.82 4.84
N PRO A 165 -15.25 41.10 3.58
CA PRO A 165 -15.41 40.02 2.59
C PRO A 165 -14.28 38.98 2.46
N PRO A 166 -12.97 39.34 2.41
CA PRO A 166 -11.93 38.32 2.35
C PRO A 166 -11.85 37.45 3.62
N ILE A 167 -12.04 38.06 4.79
CA ILE A 167 -12.03 37.31 6.06
C ILE A 167 -13.27 36.37 6.12
N ALA A 168 -14.46 36.89 5.81
CA ALA A 168 -15.69 36.08 5.72
C ALA A 168 -15.45 34.85 4.83
N ALA A 169 -14.79 35.03 3.69
CA ALA A 169 -14.57 33.90 2.77
C ALA A 169 -13.64 32.90 3.48
N LEU A 170 -12.55 33.37 4.09
CA LEU A 170 -11.67 32.42 4.82
C LEU A 170 -12.46 31.67 5.90
N LEU A 171 -13.26 32.39 6.69
CA LEU A 171 -14.01 31.77 7.80
C LEU A 171 -14.95 30.70 7.24
N ALA A 172 -15.54 30.93 6.08
CA ALA A 172 -16.52 29.97 5.50
C ALA A 172 -15.81 28.73 4.93
N ARG A 173 -14.60 28.89 4.42
CA ARG A 173 -13.94 27.83 3.61
C ARG A 173 -12.81 27.13 4.38
N ALA A 174 -12.39 27.64 5.56
CA ALA A 174 -11.11 27.19 6.15
C ALA A 174 -11.21 25.69 6.54
N GLU A 175 -12.32 25.26 7.13
CA GLU A 175 -12.46 23.84 7.59
C GLU A 175 -12.30 22.91 6.39
N ALA A 176 -12.92 23.25 5.26
CA ALA A 176 -12.93 22.39 4.06
C ALA A 176 -11.55 22.38 3.42
N VAL A 177 -10.88 23.52 3.31
CA VAL A 177 -9.55 23.60 2.67
C VAL A 177 -8.51 22.88 3.53
N THR A 178 -8.57 23.06 4.84
CA THR A 178 -7.47 22.60 5.74
C THR A 178 -7.66 21.15 6.16
N GLY A 179 -8.90 20.65 6.06
CA GLY A 179 -9.27 19.34 6.63
C GLY A 179 -9.17 19.38 8.14
N GLY A 180 -9.26 20.57 8.73
CA GLY A 180 -9.10 20.73 10.17
C GLY A 180 -7.95 21.68 10.43
N ILE A 181 -8.20 22.74 11.18
CA ILE A 181 -7.21 23.81 11.37
C ILE A 181 -6.24 23.43 12.48
N LYS A 182 -4.96 23.25 12.11
CA LYS A 182 -3.87 22.94 13.05
C LYS A 182 -3.15 24.22 13.45
N MET A 183 -3.03 25.18 12.55
CA MET A 183 -2.29 26.43 12.79
C MET A 183 -3.11 27.57 12.21
N LEU A 184 -3.09 28.72 12.89
CA LEU A 184 -3.75 29.93 12.43
C LEU A 184 -2.84 31.10 12.71
N SER A 185 -2.39 31.76 11.66
CA SER A 185 -1.40 32.85 11.72
C SER A 185 -2.07 34.14 11.25
N LEU A 186 -1.96 35.18 12.08
CA LEU A 186 -2.56 36.47 11.73
C LEU A 186 -1.49 37.56 11.83
N ARG A 187 -1.46 38.42 10.83
CA ARG A 187 -0.45 39.49 10.84
C ARG A 187 -1.13 40.81 10.52
N GLU A 188 -0.82 41.81 11.31
CA GLU A 188 -1.30 43.19 11.06
C GLU A 188 -0.08 44.10 10.90
N HIS A 189 0.09 44.64 9.71
CA HIS A 189 1.20 45.53 9.35
C HIS A 189 0.58 46.85 8.91
N ARG A 190 0.81 47.90 9.69
CA ARG A 190 0.11 49.17 9.39
C ARG A 190 0.89 50.35 9.92
N PHE A 191 0.31 51.50 9.68
CA PHE A 191 0.77 52.84 10.10
C PHE A 191 0.46 53.09 11.58
N PRO A 192 1.14 54.08 12.19
CA PRO A 192 0.94 54.33 13.62
C PRO A 192 -0.51 54.73 13.95
N PHE A 193 -0.90 54.51 15.19
CA PHE A 193 -2.18 54.97 15.76
C PHE A 193 -2.39 56.42 15.33
N LEU A 194 -3.57 56.66 14.80
CA LEU A 194 -4.01 58.01 14.42
C LEU A 194 -4.17 58.93 15.65
N GLU A 195 -4.17 60.22 15.39
CA GLU A 195 -4.45 61.26 16.39
C GLU A 195 -5.95 61.20 16.72
N LYS A 196 -6.30 61.29 17.99
CA LYS A 196 -7.67 61.14 18.48
C LYS A 196 -8.05 62.36 19.30
N VAL A 197 -9.33 62.49 19.58
CA VAL A 197 -9.88 63.64 20.36
C VAL A 197 -9.28 63.57 21.77
N GLY A 198 -8.56 64.61 22.17
CA GLY A 198 -7.91 64.68 23.49
C GLY A 198 -6.73 63.74 23.56
N ASP A 199 -6.24 63.25 22.41
CA ASP A 199 -5.02 62.40 22.37
C ASP A 199 -5.19 61.13 23.22
N TRP A 200 -6.42 60.60 23.32
CA TRP A 200 -6.69 59.59 24.37
C TRP A 200 -5.92 58.30 24.04
N ASN A 201 -5.67 57.98 22.78
CA ASN A 201 -5.13 56.60 22.48
C ASN A 201 -3.60 56.53 22.61
N ARG A 202 -2.99 57.49 23.31
CA ARG A 202 -1.50 57.50 23.45
C ARG A 202 -1.09 56.81 24.75
N PHE A 203 -2.03 56.40 25.62
CA PHE A 203 -1.71 55.96 27.01
C PHE A 203 -2.47 54.67 27.34
N ASN A 204 -1.73 53.66 27.79
CA ASN A 204 -2.27 52.36 28.20
C ASN A 204 -3.45 52.47 29.16
N VAL A 205 -3.42 53.39 30.13
CA VAL A 205 -4.55 53.56 31.07
C VAL A 205 -5.83 53.89 30.28
N ASN A 206 -5.72 54.57 29.15
CA ASN A 206 -6.90 54.94 28.35
C ASN A 206 -7.27 53.83 27.37
N THR A 207 -6.31 53.05 26.90
CA THR A 207 -6.60 52.13 25.78
C THR A 207 -6.79 50.72 26.28
N GLY A 208 -6.22 50.38 27.41
CA GLY A 208 -6.15 48.98 27.84
C GLY A 208 -4.86 48.30 27.40
N GLY A 209 -4.02 49.00 26.65
CA GLY A 209 -2.78 48.47 26.05
C GLY A 209 -3.05 48.05 24.62
N THR A 210 -1.99 47.96 23.83
CA THR A 210 -2.17 47.82 22.38
C THR A 210 -2.75 46.47 21.98
N PHE A 211 -2.38 45.40 22.66
CA PHE A 211 -2.95 44.09 22.30
C PHE A 211 -4.43 44.07 22.67
N VAL A 212 -4.85 44.79 23.70
CA VAL A 212 -6.32 44.91 24.01
C VAL A 212 -7.00 45.81 22.94
N GLU A 213 -6.47 46.99 22.69
CA GLU A 213 -7.13 48.04 21.83
C GLU A 213 -7.16 47.57 20.37
N LYS A 214 -6.05 47.08 19.87
CA LYS A 214 -5.89 46.84 18.40
C LYS A 214 -6.07 45.36 18.10
N CYS A 215 -5.67 44.48 19.02
CA CYS A 215 -5.57 43.05 18.69
C CYS A 215 -6.71 42.19 19.25
N CYS A 216 -7.63 42.76 20.04
CA CYS A 216 -8.87 42.04 20.45
C CYS A 216 -9.52 41.41 19.19
N HIS A 217 -9.55 42.12 18.08
CA HIS A 217 -10.16 41.59 16.83
C HIS A 217 -9.57 40.22 16.46
N PHE A 218 -8.23 40.12 16.56
CA PHE A 218 -7.53 38.91 16.08
C PHE A 218 -7.74 37.80 17.11
N PHE A 219 -7.66 38.07 18.40
CA PHE A 219 -7.91 37.05 19.44
C PHE A 219 -9.33 36.46 19.28
N ASP A 220 -10.31 37.31 19.03
CA ASP A 220 -11.69 36.85 18.76
C ASP A 220 -11.73 35.98 17.49
N LEU A 221 -11.07 36.39 16.41
CA LEU A 221 -11.06 35.55 15.18
C LEU A 221 -10.45 34.17 15.48
N MET A 222 -9.44 34.10 16.34
CA MET A 222 -8.85 32.79 16.72
C MET A 222 -9.92 31.92 17.39
N ARG A 223 -10.65 32.44 18.38
CA ARG A 223 -11.72 31.64 19.04
C ARG A 223 -12.80 31.27 18.02
N LEU A 224 -13.16 32.18 17.13
CA LEU A 224 -14.25 31.91 16.18
C LEU A 224 -13.86 30.76 15.24
N VAL A 225 -12.68 30.83 14.61
CA VAL A 225 -12.16 29.86 13.62
C VAL A 225 -11.93 28.50 14.28
N LEU A 226 -11.30 28.51 15.45
CA LEU A 226 -10.85 27.25 16.08
C LEU A 226 -11.96 26.63 16.93
N ARG A 227 -12.97 27.41 17.28
CA ARG A 227 -14.17 26.90 18.02
C ARG A 227 -13.72 26.36 19.38
N ARG A 228 -12.69 26.98 19.95
CA ARG A 228 -12.19 26.53 21.25
C ARG A 228 -11.65 27.75 22.00
N ASN A 229 -11.54 27.58 23.31
CA ASN A 229 -10.93 28.62 24.16
C ASN A 229 -9.42 28.46 24.27
N PRO A 230 -8.72 29.58 24.53
CA PRO A 230 -7.29 29.53 24.75
C PRO A 230 -6.94 28.98 26.14
N VAL A 231 -5.76 28.37 26.25
CA VAL A 231 -5.25 27.85 27.55
C VAL A 231 -3.92 28.51 27.91
N ARG A 232 -3.24 29.10 26.93
CA ARG A 232 -1.90 29.66 27.22
C ARG A 232 -1.53 30.75 26.21
N VAL A 233 -0.83 31.77 26.71
CA VAL A 233 -0.36 32.88 25.87
C VAL A 233 1.14 33.04 26.13
N MET A 234 1.91 33.20 25.06
CA MET A 234 3.35 33.56 25.15
C MET A 234 3.55 34.78 24.23
N ALA A 235 4.21 35.81 24.73
CA ALA A 235 4.34 37.02 23.89
C ALA A 235 5.66 37.75 24.07
N SER A 236 6.04 38.49 23.03
CA SER A 236 7.20 39.38 23.06
C SER A 236 6.71 40.69 22.43
N ALA A 237 6.89 41.82 23.11
CA ALA A 237 6.38 43.08 22.55
C ALA A 237 7.10 44.26 23.16
N ALA A 238 7.05 45.37 22.45
CA ALA A 238 7.61 46.59 23.02
C ALA A 238 7.04 47.84 22.35
N GLN A 239 7.43 48.99 22.86
CA GLN A 239 7.31 50.31 22.17
C GLN A 239 8.72 50.55 21.60
N SER A 240 8.94 50.20 20.36
CA SER A 240 10.30 50.22 19.77
C SER A 240 10.58 51.54 19.03
N VAL A 241 9.53 52.16 18.49
CA VAL A 241 9.67 53.26 17.51
C VAL A 241 8.65 54.35 17.79
N ASN A 242 7.36 54.00 17.79
CA ASN A 242 6.29 55.02 17.66
C ASN A 242 6.05 55.87 18.92
N HIS A 243 5.90 57.17 18.68
CA HIS A 243 5.38 58.14 19.68
C HIS A 243 6.39 58.43 20.78
N LEU A 244 7.61 57.94 20.63
CA LEU A 244 8.65 58.12 21.68
C LEU A 244 9.09 59.58 21.78
N ASP A 245 8.84 60.37 20.74
N ASP A 245 8.86 60.38 20.74
CA ASP A 245 9.21 61.81 20.72
CA ASP A 245 9.23 61.82 20.73
C ASP A 245 8.04 62.71 21.11
C ASP A 245 8.04 62.71 21.11
N GLU A 246 6.86 62.13 21.34
CA GLU A 246 5.67 62.94 21.73
C GLU A 246 5.63 63.17 23.24
N ARG A 247 5.03 64.29 23.63
CA ARG A 247 4.92 64.64 25.07
C ARG A 247 3.56 65.31 25.29
N TYR A 248 2.81 64.84 26.31
CA TYR A 248 1.48 65.39 26.67
C TYR A 248 1.57 65.91 28.11
N ASP A 249 1.89 67.22 28.27
CA ASP A 249 2.12 67.91 29.58
C ASP A 249 3.09 67.10 30.43
N GLY A 250 4.21 66.63 29.76
CA GLY A 250 5.30 65.99 30.48
C GLY A 250 5.21 64.50 30.29
N LYS A 251 4.05 64.00 29.87
CA LYS A 251 3.95 62.52 29.78
C LYS A 251 4.38 62.06 28.38
N THR A 252 5.21 61.03 28.30
CA THR A 252 5.54 60.31 27.05
C THR A 252 4.55 59.17 26.89
N PRO A 253 3.98 58.97 25.68
CA PRO A 253 3.15 57.79 25.39
C PRO A 253 3.88 56.49 25.73
N ASP A 254 3.12 55.50 26.16
CA ASP A 254 3.64 54.23 26.72
C ASP A 254 3.08 53.02 25.97
N ILE A 255 2.41 53.21 24.84
CA ILE A 255 1.71 52.12 24.13
C ILE A 255 2.71 51.30 23.32
N LEU A 256 2.50 49.97 23.31
CA LEU A 256 3.32 49.06 22.50
C LEU A 256 3.08 49.33 21.00
N ASP A 257 4.10 49.11 20.15
CA ASP A 257 3.90 49.26 18.69
C ASP A 257 4.27 48.01 17.90
N ASN A 258 4.76 46.94 18.54
CA ASN A 258 5.05 45.71 17.78
C ASN A 258 5.19 44.54 18.73
N GLY A 259 4.85 43.38 18.20
CA GLY A 259 5.13 42.14 18.92
C GLY A 259 4.62 40.91 18.24
N TYR A 260 4.85 39.82 18.93
CA TYR A 260 4.40 38.47 18.53
C TYR A 260 3.68 37.83 19.71
N VAL A 261 2.65 37.04 19.38
CA VAL A 261 1.86 36.34 20.41
C VAL A 261 1.61 34.93 19.89
N ILE A 262 1.96 33.96 20.70
CA ILE A 262 1.59 32.54 20.49
C ILE A 262 0.44 32.22 21.44
N VAL A 263 -0.61 31.63 20.89
CA VAL A 263 -1.77 31.24 21.70
C VAL A 263 -2.02 29.74 21.48
N ASP A 264 -2.04 28.99 22.57
CA ASP A 264 -2.42 27.56 22.55
C ASP A 264 -3.89 27.44 22.92
N PHE A 265 -4.58 26.47 22.28
CA PHE A 265 -6.03 26.26 22.44
C PHE A 265 -6.30 24.90 23.06
N GLU A 266 -7.40 24.82 23.80
CA GLU A 266 -8.01 23.51 24.20
C GLU A 266 -8.10 22.72 22.90
N GLY A 267 -7.64 21.46 22.97
CA GLY A 267 -7.75 20.53 21.82
C GLY A 267 -6.51 20.53 20.94
N GLY A 268 -5.59 21.45 21.15
CA GLY A 268 -4.23 21.37 20.58
C GLY A 268 -3.99 22.26 19.37
N ALA A 269 -4.96 23.00 18.86
CA ALA A 269 -4.67 23.98 17.80
C ALA A 269 -3.76 25.08 18.39
N ARG A 270 -3.00 25.72 17.52
CA ARG A 270 -2.11 26.84 17.91
C ARG A 270 -2.29 28.00 16.92
N ALA A 271 -2.08 29.19 17.47
CA ALA A 271 -2.21 30.39 16.65
C ALA A 271 -1.08 31.38 16.96
N MET A 272 -0.82 32.25 16.01
CA MET A 272 0.23 33.26 16.17
C MET A 272 -0.26 34.59 15.62
N LEU A 273 0.00 35.64 16.37
CA LEU A 273 -0.33 37.01 15.92
C LEU A 273 0.98 37.81 15.79
N GLU A 274 1.12 38.53 14.69
CA GLU A 274 2.29 39.41 14.50
C GLU A 274 1.71 40.82 14.30
N LEU A 275 2.20 41.76 15.10
CA LEU A 275 1.72 43.15 14.98
C LEU A 275 2.92 44.03 14.68
N CYS A 276 2.77 44.97 13.75
CA CYS A 276 3.77 46.05 13.58
C CYS A 276 3.05 47.34 13.18
N MET A 277 3.13 48.36 14.03
CA MET A 277 2.42 49.63 13.80
C MET A 277 3.35 50.62 13.10
N PHE A 278 4.49 50.18 12.53
CA PHE A 278 5.37 51.05 11.70
C PHE A 278 5.71 50.39 10.36
N ALA A 279 4.81 49.54 9.85
CA ALA A 279 4.92 48.82 8.56
C ALA A 279 3.90 49.36 7.55
N ASP A 280 3.83 50.70 7.48
CA ASP A 280 2.91 51.49 6.62
C ASP A 280 2.98 50.98 5.17
N GLY A 281 4.14 50.49 4.72
CA GLY A 281 4.34 50.18 3.29
C GLY A 281 3.74 48.85 2.86
N ALA A 282 3.33 47.99 3.79
CA ALA A 282 2.77 46.67 3.45
C ALA A 282 1.53 46.84 2.57
N ARG A 283 1.52 46.11 1.47
CA ARG A 283 0.44 46.18 0.48
C ARG A 283 -0.87 45.81 1.16
N TYR A 284 -0.84 44.72 1.92
CA TYR A 284 -2.02 44.18 2.66
C TYR A 284 -1.82 44.40 4.15
N GLN A 285 -2.77 45.08 4.74
CA GLN A 285 -2.72 45.47 6.15
C GLN A 285 -2.91 44.21 7.03
N GLU A 286 -3.87 43.35 6.72
CA GLU A 286 -4.02 42.07 7.45
C GLU A 286 -3.78 40.89 6.51
N THR A 287 -3.06 39.88 6.97
CA THR A 287 -3.01 38.60 6.27
C THR A 287 -3.34 37.53 7.33
N ILE A 288 -4.10 36.53 6.93
CA ILE A 288 -4.54 35.47 7.86
C ILE A 288 -4.34 34.16 7.11
N SER A 289 -3.63 33.24 7.72
CA SER A 289 -3.31 31.92 7.13
C SER A 289 -3.84 30.80 8.04
N ALA A 290 -4.57 29.84 7.46
CA ALA A 290 -5.02 28.63 8.19
C ALA A 290 -4.48 27.40 7.47
N VAL A 291 -3.87 26.49 8.24
CA VAL A 291 -3.17 25.31 7.69
C VAL A 291 -3.66 24.07 8.41
N GLY A 292 -3.94 23.04 7.63
CA GLY A 292 -4.25 21.72 8.14
C GLY A 292 -3.76 20.64 7.16
N PRO A 293 -4.04 19.36 7.51
CA PRO A 293 -3.48 18.23 6.80
C PRO A 293 -3.91 18.16 5.34
N ALA A 294 -4.98 18.83 4.91
CA ALA A 294 -5.46 18.77 3.50
C ALA A 294 -5.05 20.01 2.69
N GLY A 295 -4.60 21.10 3.31
CA GLY A 295 -4.34 22.34 2.55
C GLY A 295 -4.21 23.56 3.41
N LYS A 296 -4.02 24.69 2.76
CA LYS A 296 -3.79 26.00 3.42
C LYS A 296 -4.70 27.01 2.74
N ILE A 297 -5.24 27.94 3.53
CA ILE A 297 -5.99 29.09 2.98
C ILE A 297 -5.41 30.36 3.57
N GLU A 298 -5.31 31.38 2.72
CA GLU A 298 -4.75 32.67 3.16
C GLU A 298 -5.62 33.83 2.63
N ALA A 299 -5.91 34.79 3.50
CA ALA A 299 -6.64 36.02 3.15
C ALA A 299 -5.68 37.21 3.18
N PHE A 300 -5.81 38.11 2.22
CA PHE A 300 -5.00 39.32 2.03
C PHE A 300 -5.94 40.51 2.05
N VAL A 301 -5.86 41.29 3.13
CA VAL A 301 -6.91 42.28 3.44
C VAL A 301 -6.29 43.66 3.33
N PRO A 302 -6.78 44.51 2.40
CA PRO A 302 -6.27 45.88 2.27
C PRO A 302 -6.66 46.74 3.47
N GLY A 303 -5.82 47.75 3.77
CA GLY A 303 -6.18 48.77 4.75
C GLY A 303 -7.19 49.72 4.15
N PRO A 304 -7.51 50.79 4.90
CA PRO A 304 -8.52 51.74 4.47
C PRO A 304 -8.14 52.41 3.14
N THR A 305 -9.08 52.48 2.19
CA THR A 305 -8.76 53.11 0.88
C THR A 305 -8.39 54.59 1.07
N ARG A 306 -8.90 55.29 2.10
CA ARG A 306 -8.62 56.74 2.21
C ARG A 306 -7.13 56.98 2.51
N PHE A 307 -6.37 55.95 2.93
CA PHE A 307 -4.92 56.14 3.19
C PHE A 307 -4.09 55.57 2.04
N TRP A 308 -4.69 55.18 0.93
CA TRP A 308 -3.96 54.72 -0.26
C TRP A 308 -3.64 55.94 -1.13
N PRO A 309 -2.36 56.22 -1.42
CA PRO A 309 -1.98 57.36 -2.27
C PRO A 309 -2.48 57.27 -3.73
N GLY A 310 -3.24 58.28 -4.18
CA GLY A 310 -3.92 58.25 -5.49
C GLY A 310 -2.90 58.17 -6.62
N ASP A 311 -1.69 58.65 -6.36
CA ASP A 311 -0.58 58.59 -7.35
C ASP A 311 -0.21 57.13 -7.65
N LEU A 312 -0.51 56.20 -6.76
CA LEU A 312 -0.06 54.79 -6.91
C LEU A 312 -1.08 54.01 -7.75
N GLY A 313 -2.17 54.65 -8.17
CA GLY A 313 -3.25 53.96 -8.92
C GLY A 313 -4.32 53.34 -8.02
N ALA A 314 -5.04 52.33 -8.51
CA ALA A 314 -6.13 51.66 -7.75
C ALA A 314 -5.60 51.00 -6.48
N PRO A 315 -6.35 51.05 -5.36
CA PRO A 315 -5.91 50.34 -4.16
C PRO A 315 -5.87 48.82 -4.43
N PRO A 316 -5.14 48.06 -3.58
CA PRO A 316 -5.09 46.61 -3.68
C PRO A 316 -6.47 45.95 -3.49
N VAL A 317 -6.73 44.94 -4.29
CA VAL A 317 -7.99 44.17 -4.27
C VAL A 317 -7.83 43.12 -3.20
N PRO A 318 -8.87 42.91 -2.36
CA PRO A 318 -8.82 41.83 -1.39
C PRO A 318 -8.68 40.48 -2.11
N LEU A 319 -7.93 39.57 -1.49
CA LEU A 319 -7.69 38.24 -2.11
C LEU A 319 -7.73 37.08 -1.12
N ILE A 320 -8.09 35.91 -1.64
CA ILE A 320 -7.91 34.67 -0.85
C ILE A 320 -7.06 33.73 -1.74
N GLU A 321 -6.15 33.00 -1.12
CA GLU A 321 -5.29 32.06 -1.87
C GLU A 321 -5.50 30.67 -1.26
N ILE A 322 -5.90 29.74 -2.11
CA ILE A 322 -6.16 28.32 -1.71
C ILE A 322 -4.97 27.46 -2.17
N SER A 323 -4.31 26.77 -1.27
CA SER A 323 -3.12 25.94 -1.56
C SER A 323 -3.38 24.50 -1.13
N PRO A 324 -4.06 23.67 -1.97
CA PRO A 324 -4.33 22.28 -1.58
C PRO A 324 -3.04 21.46 -1.47
N ARG A 325 -2.95 20.61 -0.43
CA ARG A 325 -1.67 19.97 -0.06
C ARG A 325 -1.28 18.98 -1.17
N LEU A 326 -2.21 18.12 -1.58
CA LEU A 326 -1.80 17.02 -2.51
C LEU A 326 -1.81 17.46 -3.99
N SER A 327 -2.82 18.17 -4.43
CA SER A 327 -2.89 18.66 -5.82
C SER A 327 -1.80 19.68 -6.11
N LYS A 328 -1.51 20.56 -5.15
CA LYS A 328 -0.52 21.66 -5.34
C LYS A 328 -1.02 22.64 -6.40
N GLN A 329 -2.31 22.61 -6.70
N GLN A 329 -2.31 22.56 -6.72
CA GLN A 329 -2.97 23.48 -7.70
CA GLN A 329 -2.92 23.50 -7.69
C GLN A 329 -3.51 24.74 -7.01
C GLN A 329 -3.45 24.72 -6.92
N ILE A 330 -2.68 25.79 -6.90
CA ILE A 330 -3.05 27.01 -6.14
C ILE A 330 -4.11 27.82 -6.90
N LYS A 331 -5.10 28.33 -6.20
CA LYS A 331 -6.12 29.22 -6.79
C LYS A 331 -6.12 30.53 -6.01
N VAL A 332 -6.27 31.62 -6.75
CA VAL A 332 -6.41 32.97 -6.13
C VAL A 332 -7.79 33.52 -6.55
N HIS A 333 -8.53 34.06 -5.58
CA HIS A 333 -9.81 34.73 -5.83
C HIS A 333 -9.68 36.18 -5.40
N GLU A 334 -10.17 37.09 -6.25
CA GLU A 334 -10.45 38.48 -5.86
C GLU A 334 -11.79 38.52 -5.13
N ILE A 335 -11.85 39.23 -4.01
CA ILE A 335 -13.07 39.43 -3.20
C ILE A 335 -13.26 40.93 -2.96
N PRO A 336 -13.73 41.67 -3.98
CA PRO A 336 -13.88 43.11 -3.90
C PRO A 336 -15.05 43.51 -2.99
N VAL A 337 -14.92 44.68 -2.37
CA VAL A 337 -15.95 45.28 -1.49
C VAL A 337 -16.80 46.21 -2.34
N ASP A 338 -18.11 46.23 -2.12
CA ASP A 338 -19.00 47.17 -2.86
C ASP A 338 -18.47 48.59 -2.70
N PRO A 339 -18.31 49.37 -3.78
CA PRO A 339 -17.80 50.73 -3.64
C PRO A 339 -18.56 51.55 -2.56
N LYS A 340 -19.89 51.40 -2.52
CA LYS A 340 -20.76 52.19 -1.60
C LYS A 340 -20.29 51.95 -0.17
N LEU A 341 -19.90 50.72 0.13
CA LEU A 341 -19.44 50.41 1.51
C LEU A 341 -18.01 50.95 1.72
N LEU A 342 -17.17 50.96 0.68
CA LEU A 342 -15.79 51.51 0.84
C LEU A 342 -15.88 53.03 1.09
N LYS A 343 -16.88 53.74 0.49
CA LYS A 343 -17.09 55.21 0.72
C LYS A 343 -17.56 55.44 2.16
N ALA A 344 -18.18 54.45 2.81
CA ALA A 344 -18.83 54.66 4.13
C ALA A 344 -17.91 54.32 5.30
N GLY A 345 -16.70 53.82 5.09
CA GLY A 345 -15.86 53.45 6.25
C GLY A 345 -14.48 52.93 5.90
N ASP A 346 -13.73 52.57 6.93
CA ASP A 346 -12.29 52.20 6.86
C ASP A 346 -12.13 50.68 6.98
N HIS A 347 -13.22 49.91 7.06
CA HIS A 347 -13.14 48.47 7.46
C HIS A 347 -13.72 47.56 6.37
N ASN A 348 -13.50 47.89 5.11
CA ASN A 348 -13.85 46.98 4.02
C ASN A 348 -15.34 46.60 4.10
N GLY A 349 -16.19 47.55 4.49
CA GLY A 349 -17.64 47.33 4.50
C GLY A 349 -18.13 46.56 5.73
N ALA A 350 -17.22 46.08 6.58
CA ALA A 350 -17.61 45.22 7.73
C ALA A 350 -18.55 45.95 8.69
N THR A 351 -18.43 47.26 8.83
CA THR A 351 -19.37 47.98 9.73
C THR A 351 -20.81 47.86 9.25
N TYR A 352 -21.02 47.92 7.93
CA TYR A 352 -22.36 47.78 7.33
C TYR A 352 -22.94 46.39 7.60
N PHE A 353 -22.16 45.37 7.34
CA PHE A 353 -22.63 43.98 7.53
C PHE A 353 -22.98 43.75 9.01
N GLN A 354 -22.13 44.24 9.92
CA GLN A 354 -22.38 44.16 11.36
C GLN A 354 -23.74 44.79 11.64
N HIS A 355 -23.94 45.99 11.11
CA HIS A 355 -25.21 46.72 11.37
C HIS A 355 -26.39 45.94 10.78
N GLN A 356 -26.26 45.29 9.62
CA GLN A 356 -27.41 44.52 9.10
C GLN A 356 -27.84 43.46 10.13
N ARG A 357 -26.85 42.79 10.71
CA ARG A 357 -27.15 41.69 11.64
C ARG A 357 -27.66 42.24 12.97
N PHE A 358 -27.03 43.30 13.48
CA PHE A 358 -27.51 43.91 14.73
C PHE A 358 -28.94 44.42 14.52
N MET A 359 -29.21 45.09 13.41
CA MET A 359 -30.58 45.64 13.18
C MET A 359 -31.61 44.52 13.18
N ALA A 360 -31.31 43.39 12.53
CA ALA A 360 -32.24 42.23 12.46
C ALA A 360 -32.53 41.75 13.90
N LEU A 361 -31.50 41.73 14.76
CA LEU A 361 -31.65 41.32 16.18
C LEU A 361 -32.51 42.34 16.96
N VAL A 362 -32.27 43.63 16.77
CA VAL A 362 -33.14 44.66 17.41
C VAL A 362 -34.59 44.52 16.91
N GLN A 363 -34.79 44.22 15.62
CA GLN A 363 -36.15 44.11 15.04
C GLN A 363 -36.87 42.82 15.49
N GLY A 364 -36.14 41.81 15.95
CA GLY A 364 -36.67 40.49 16.37
C GLY A 364 -36.77 39.54 15.19
N SER A 365 -36.25 39.89 14.01
CA SER A 365 -36.21 38.96 12.85
C SER A 365 -35.13 37.89 13.11
N SER A 366 -34.12 38.22 13.93
CA SER A 366 -33.09 37.25 14.35
C SER A 366 -33.06 37.19 15.87
N THR A 367 -32.58 36.10 16.43
CA THR A 367 -32.41 35.95 17.89
C THR A 367 -30.90 35.82 18.23
N GLU A 368 -30.02 35.80 17.22
CA GLU A 368 -28.59 35.47 17.51
C GLU A 368 -27.74 36.72 17.76
N THR A 369 -27.07 36.82 18.90
CA THR A 369 -25.99 37.82 19.09
C THR A 369 -24.69 37.17 18.61
N GLU A 370 -24.15 37.58 17.47
CA GLU A 370 -23.01 36.82 16.87
C GLU A 370 -21.70 37.09 17.63
N VAL A 371 -21.59 38.26 18.22
CA VAL A 371 -20.37 38.62 18.99
C VAL A 371 -20.82 39.04 20.36
N SER A 372 -20.76 38.10 21.30
CA SER A 372 -21.38 38.26 22.62
C SER A 372 -20.48 39.05 23.57
N PHE A 373 -21.07 39.42 24.71
CA PHE A 373 -20.30 39.97 25.84
C PHE A 373 -19.13 39.02 26.15
N SER A 374 -19.41 37.73 26.24
N SER A 374 -19.41 37.73 26.24
CA SER A 374 -18.39 36.70 26.58
CA SER A 374 -18.39 36.72 26.59
C SER A 374 -17.28 36.76 25.51
C SER A 374 -17.28 36.76 25.51
N ASP A 375 -17.67 36.82 24.23
CA ASP A 375 -16.65 36.91 23.17
C ASP A 375 -15.78 38.16 23.35
N GLY A 376 -16.40 39.27 23.69
CA GLY A 376 -15.66 40.52 23.93
C GLY A 376 -14.69 40.40 25.09
N LEU A 377 -15.15 39.73 26.15
CA LEU A 377 -14.36 39.60 27.39
C LEU A 377 -13.21 38.63 27.14
N TRP A 378 -13.46 37.53 26.45
CA TRP A 378 -12.35 36.62 26.09
C TRP A 378 -11.27 37.36 25.30
N ALA A 379 -11.65 38.17 24.32
CA ALA A 379 -10.67 38.84 23.43
C ALA A 379 -9.86 39.83 24.28
N VAL A 380 -10.49 40.50 25.24
CA VAL A 380 -9.78 41.43 26.15
C VAL A 380 -8.84 40.66 27.06
N ARG A 381 -9.30 39.53 27.60
CA ARG A 381 -8.47 38.74 28.53
C ARG A 381 -7.24 38.18 27.78
N MET A 382 -7.42 37.81 26.52
CA MET A 382 -6.28 37.33 25.72
C MET A 382 -5.29 38.48 25.51
N GLY A 383 -5.77 39.72 25.23
CA GLY A 383 -4.83 40.84 25.08
C GLY A 383 -4.14 41.20 26.39
N MET A 384 -4.86 41.14 27.52
CA MET A 384 -4.24 41.38 28.84
C MET A 384 -3.21 40.30 29.12
N ALA A 385 -3.48 39.04 28.82
CA ALA A 385 -2.48 37.95 29.01
C ALA A 385 -1.23 38.18 28.15
N ALA A 386 -1.40 38.58 26.90
CA ALA A 386 -0.29 38.85 25.99
C ALA A 386 0.55 39.99 26.57
N GLN A 387 -0.09 41.06 27.01
CA GLN A 387 0.67 42.19 27.59
C GLN A 387 1.45 41.73 28.84
N HIS A 388 0.83 40.94 29.71
CA HIS A 388 1.48 40.45 30.95
C HIS A 388 2.65 39.54 30.55
N SER A 389 2.45 38.67 29.54
CA SER A 389 3.48 37.73 29.11
C SER A 389 4.66 38.53 28.54
N ALA A 390 4.38 39.56 27.73
CA ALA A 390 5.47 40.37 27.11
C ALA A 390 6.22 41.16 28.21
N ALA A 391 5.51 41.65 29.24
CA ALA A 391 6.11 42.46 30.29
C ALA A 391 6.96 41.58 31.20
N THR A 392 6.64 40.31 31.33
CA THR A 392 7.34 39.43 32.32
C THR A 392 8.28 38.44 31.65
N GLY A 393 8.22 38.25 30.34
CA GLY A 393 9.00 37.21 29.66
C GLY A 393 8.58 35.81 30.08
N GLN A 394 7.33 35.60 30.46
CA GLN A 394 6.82 34.28 30.92
C GLN A 394 5.51 33.96 30.24
N ALA A 395 5.27 32.69 30.05
CA ALA A 395 3.97 32.16 29.58
C ALA A 395 2.91 32.54 30.60
N VAL A 396 1.70 32.76 30.13
CA VAL A 396 0.52 33.12 30.95
C VAL A 396 -0.58 32.11 30.62
N THR A 397 -1.11 31.43 31.64
CA THR A 397 -2.24 30.48 31.45
C THR A 397 -3.57 31.23 31.52
N LEU A 398 -4.55 30.76 30.77
CA LEU A 398 -5.92 31.31 30.80
C LEU A 398 -6.82 30.12 31.16
N GLU A 399 -7.78 30.34 32.01
CA GLU A 399 -8.90 29.36 32.16
C GLU A 399 -10.22 30.09 31.87
N GLY A 400 -11.28 29.37 31.54
CA GLY A 400 -12.62 29.96 31.42
C GLY A 400 -13.63 29.02 32.05
N GLY B 2 -5.11 -70.54 -32.30
CA GLY B 2 -4.89 -69.10 -32.37
C GLY B 2 -3.40 -68.82 -32.14
N SER B 3 -2.92 -67.69 -32.67
CA SER B 3 -1.51 -67.24 -32.57
C SER B 3 -1.05 -66.99 -31.13
N SER B 4 0.16 -67.42 -30.81
CA SER B 4 0.72 -67.12 -29.47
C SER B 4 2.14 -66.58 -29.63
N HIS B 5 2.37 -65.35 -29.18
CA HIS B 5 3.70 -64.69 -29.27
C HIS B 5 3.87 -63.81 -28.03
N HIS B 6 4.66 -64.32 -27.09
CA HIS B 6 4.90 -63.56 -25.84
C HIS B 6 6.12 -64.20 -25.16
N HIS B 7 7.08 -63.38 -24.75
CA HIS B 7 8.35 -63.90 -24.18
C HIS B 7 8.84 -65.09 -25.00
N HIS B 8 9.04 -66.24 -24.35
CA HIS B 8 9.63 -67.40 -25.06
C HIS B 8 8.56 -68.28 -25.71
N HIS B 9 7.30 -67.86 -25.67
CA HIS B 9 6.18 -68.64 -26.28
C HIS B 9 5.93 -68.15 -27.71
N HIS B 10 6.01 -69.07 -28.66
CA HIS B 10 5.77 -68.72 -30.08
C HIS B 10 5.12 -69.89 -30.82
N SER B 11 3.98 -69.64 -31.47
CA SER B 11 3.25 -70.65 -32.25
C SER B 11 3.90 -70.82 -33.63
N SER B 12 4.78 -69.88 -34.00
CA SER B 12 5.43 -69.89 -35.33
C SER B 12 6.77 -69.15 -35.29
N GLY B 13 7.60 -69.32 -36.33
CA GLY B 13 8.83 -68.50 -36.46
C GLY B 13 10.07 -69.06 -35.82
N LEU B 14 10.02 -70.22 -35.15
CA LEU B 14 11.27 -70.83 -34.58
C LEU B 14 11.89 -71.80 -35.59
N VAL B 15 13.16 -72.14 -35.40
CA VAL B 15 13.85 -73.14 -36.29
C VAL B 15 13.64 -74.56 -35.71
N LEU B 38 2.47 -63.02 19.24
CA LEU B 38 2.83 -62.95 17.81
C LEU B 38 1.60 -62.68 16.94
N VAL B 39 1.73 -61.81 15.91
CA VAL B 39 0.65 -61.64 14.92
C VAL B 39 0.93 -62.61 13.77
N ARG B 40 0.00 -63.49 13.46
N ARG B 40 -0.01 -63.49 13.45
CA ARG B 40 0.16 -64.50 12.39
CA ARG B 40 0.15 -64.51 12.39
C ARG B 40 -0.64 -64.09 11.16
C ARG B 40 -0.64 -64.09 11.16
N TYR B 41 0.02 -64.11 10.00
CA TYR B 41 -0.57 -63.63 8.72
C TYR B 41 -0.84 -64.81 7.81
N GLY B 42 -1.98 -64.77 7.16
CA GLY B 42 -2.32 -65.63 6.04
C GLY B 42 -2.23 -64.82 4.75
N ILE B 43 -1.67 -65.39 3.70
CA ILE B 43 -1.46 -64.70 2.41
C ILE B 43 -2.23 -65.46 1.34
N ILE B 44 -3.12 -64.78 0.64
CA ILE B 44 -3.90 -65.36 -0.48
C ILE B 44 -3.30 -64.77 -1.76
N GLY B 45 -2.56 -65.58 -2.52
CA GLY B 45 -1.86 -65.06 -3.71
C GLY B 45 -0.44 -64.68 -3.30
N CYS B 46 0.56 -65.37 -3.86
CA CYS B 46 1.94 -65.16 -3.42
C CYS B 46 2.88 -65.24 -4.62
N GLY B 47 2.66 -64.35 -5.58
CA GLY B 47 3.56 -64.08 -6.70
C GLY B 47 4.49 -62.94 -6.32
N MET B 48 4.76 -62.07 -7.26
CA MET B 48 5.73 -61.01 -7.03
C MET B 48 5.34 -60.15 -5.81
N MET B 49 4.12 -59.61 -5.79
CA MET B 49 3.76 -58.69 -4.68
C MET B 49 3.53 -59.46 -3.38
N GLY B 50 2.96 -60.68 -3.43
CA GLY B 50 2.81 -61.45 -2.17
C GLY B 50 4.19 -61.81 -1.59
N GLN B 51 5.19 -62.04 -2.44
CA GLN B 51 6.59 -62.28 -1.97
C GLN B 51 7.15 -60.99 -1.35
N GLU B 52 6.80 -59.83 -1.90
CA GLU B 52 7.19 -58.56 -1.23
C GLU B 52 6.52 -58.47 0.16
N HIS B 53 5.22 -58.78 0.24
CA HIS B 53 4.57 -58.83 1.57
C HIS B 53 5.35 -59.80 2.49
N LEU B 54 5.70 -60.99 2.01
CA LEU B 54 6.46 -61.93 2.89
C LEU B 54 7.74 -61.25 3.41
N ARG B 55 8.49 -60.60 2.53
CA ARG B 55 9.80 -60.04 2.96
C ARG B 55 9.58 -58.92 3.99
N ASN B 56 8.53 -58.11 3.81
CA ASN B 56 8.32 -56.93 4.68
C ASN B 56 7.73 -57.37 6.01
N ILE B 57 6.82 -58.34 6.00
CA ILE B 57 6.26 -58.90 7.27
C ILE B 57 7.41 -59.47 8.10
N ALA B 58 8.37 -60.12 7.43
CA ALA B 58 9.52 -60.73 8.15
C ALA B 58 10.37 -59.67 8.85
N LEU B 59 10.29 -58.39 8.44
CA LEU B 59 11.06 -57.30 9.10
C LEU B 59 10.34 -56.78 10.35
N LEU B 60 9.06 -57.09 10.51
CA LEU B 60 8.26 -56.62 11.69
C LEU B 60 8.63 -57.43 12.93
N ASP B 61 8.81 -56.76 14.04
CA ASP B 61 8.96 -57.44 15.35
C ASP B 61 7.57 -58.01 15.69
N GLY B 62 7.51 -59.34 15.92
CA GLY B 62 6.36 -60.03 16.53
C GLY B 62 5.34 -60.39 15.50
N ALA B 63 5.76 -60.48 14.23
CA ALA B 63 4.87 -60.87 13.12
C ALA B 63 5.47 -62.06 12.41
N GLY B 64 4.61 -62.90 11.89
CA GLY B 64 5.08 -63.99 11.05
C GLY B 64 4.01 -64.47 10.11
N VAL B 65 4.44 -64.97 8.95
CA VAL B 65 3.52 -65.62 7.99
C VAL B 65 3.33 -67.09 8.35
N SER B 66 2.09 -67.46 8.67
CA SER B 66 1.78 -68.87 9.06
C SER B 66 1.13 -69.65 7.91
N ALA B 67 0.53 -68.97 6.96
CA ALA B 67 -0.32 -69.67 5.95
C ALA B 67 -0.25 -68.98 4.61
N ILE B 68 -0.16 -69.79 3.55
CA ILE B 68 -0.13 -69.23 2.18
C ILE B 68 -1.00 -70.09 1.28
N PHE B 69 -1.90 -69.48 0.52
CA PHE B 69 -2.57 -70.14 -0.62
C PHE B 69 -1.98 -69.55 -1.91
N GLU B 70 -1.26 -70.37 -2.65
CA GLU B 70 -0.62 -69.98 -3.93
C GLU B 70 -0.73 -71.18 -4.86
N PRO B 71 -1.59 -71.09 -5.91
CA PRO B 71 -1.84 -72.26 -6.77
C PRO B 71 -0.78 -72.63 -7.80
N ASP B 72 0.24 -71.80 -7.98
CA ASP B 72 1.26 -71.96 -9.03
C ASP B 72 2.47 -72.64 -8.40
N ALA B 73 2.89 -73.78 -8.94
CA ALA B 73 3.99 -74.57 -8.36
C ALA B 73 5.27 -73.69 -8.24
N ALA B 74 5.68 -72.97 -9.28
CA ALA B 74 6.95 -72.21 -9.23
C ALA B 74 6.84 -71.10 -8.16
N MET B 75 5.67 -70.48 -8.02
CA MET B 75 5.53 -69.41 -6.98
C MET B 75 5.50 -70.04 -5.59
N GLN B 76 4.93 -71.26 -5.46
CA GLN B 76 4.98 -71.99 -4.16
C GLN B 76 6.45 -72.23 -3.79
N ARG B 77 7.27 -72.62 -4.77
CA ARG B 77 8.70 -72.87 -4.44
C ARG B 77 9.37 -71.55 -4.01
N ALA B 78 9.11 -70.47 -4.74
CA ALA B 78 9.72 -69.16 -4.42
C ALA B 78 9.25 -68.68 -3.04
N ALA B 79 7.96 -68.85 -2.75
CA ALA B 79 7.38 -68.40 -1.47
C ALA B 79 7.96 -69.24 -0.32
N HIS B 80 8.05 -70.57 -0.51
CA HIS B 80 8.67 -71.48 0.49
C HIS B 80 10.13 -71.06 0.78
N ALA B 81 10.88 -70.65 -0.23
CA ALA B 81 12.30 -70.30 0.02
C ALA B 81 12.38 -69.05 0.90
N ILE B 82 11.44 -68.10 0.70
CA ILE B 82 11.40 -66.84 1.50
C ILE B 82 10.91 -67.11 2.92
N ALA B 83 9.82 -67.84 3.09
CA ALA B 83 9.13 -68.05 4.38
C ALA B 83 9.03 -69.56 4.62
N PRO B 84 10.17 -70.20 4.98
CA PRO B 84 10.20 -71.67 5.08
C PRO B 84 9.28 -72.30 6.14
N GLN B 85 8.85 -71.54 7.15
CA GLN B 85 7.97 -72.08 8.22
C GLN B 85 6.49 -71.98 7.82
N ALA B 86 6.15 -71.27 6.75
CA ALA B 86 4.72 -71.10 6.37
C ALA B 86 4.17 -72.40 5.81
N ALA B 87 2.90 -72.69 6.14
CA ALA B 87 2.18 -73.87 5.63
C ALA B 87 1.41 -73.45 4.39
N PHE B 88 1.31 -74.31 3.39
CA PHE B 88 0.58 -74.05 2.14
C PHE B 88 -0.79 -74.72 2.17
N TYR B 89 -1.78 -74.08 1.57
CA TYR B 89 -3.17 -74.52 1.53
C TYR B 89 -3.65 -74.46 0.09
N PRO B 90 -4.52 -75.41 -0.33
CA PRO B 90 -4.93 -75.52 -1.73
C PRO B 90 -6.06 -74.59 -2.19
N SER B 91 -6.64 -73.85 -1.27
CA SER B 91 -7.76 -72.94 -1.58
C SER B 91 -7.94 -71.94 -0.44
N VAL B 92 -8.72 -70.91 -0.73
CA VAL B 92 -9.15 -69.98 0.33
C VAL B 92 -9.93 -70.76 1.40
N GLN B 93 -10.88 -71.62 1.01
CA GLN B 93 -11.71 -72.37 1.96
C GLN B 93 -10.80 -73.23 2.88
N ALA B 94 -9.79 -73.87 2.30
CA ALA B 94 -8.88 -74.72 3.13
C ALA B 94 -8.09 -73.88 4.12
N LEU B 95 -7.55 -72.75 3.67
CA LEU B 95 -6.76 -71.88 4.58
C LEU B 95 -7.67 -71.42 5.73
N LEU B 96 -8.88 -70.90 5.39
CA LEU B 96 -9.77 -70.39 6.45
C LEU B 96 -10.20 -71.50 7.41
N ALA B 97 -10.26 -72.77 6.94
CA ALA B 97 -10.79 -73.88 7.77
C ALA B 97 -9.79 -74.29 8.83
N SER B 98 -8.48 -74.22 8.52
CA SER B 98 -7.54 -74.85 9.48
C SER B 98 -6.35 -73.94 9.84
N ALA B 99 -6.17 -72.76 9.21
CA ALA B 99 -4.98 -71.94 9.53
C ALA B 99 -5.15 -71.11 10.81
N ASP B 100 -4.08 -71.08 11.61
CA ASP B 100 -4.02 -70.27 12.85
C ASP B 100 -3.48 -68.91 12.39
N ILE B 101 -4.39 -67.98 12.16
CA ILE B 101 -4.05 -66.65 11.56
C ILE B 101 -4.85 -65.58 12.29
N ASP B 102 -4.26 -64.38 12.41
CA ASP B 102 -4.92 -63.21 13.01
C ASP B 102 -5.39 -62.24 11.92
N CYS B 103 -4.87 -62.39 10.71
CA CYS B 103 -5.20 -61.43 9.63
C CYS B 103 -4.83 -62.02 8.28
N LEU B 104 -5.31 -61.38 7.22
CA LEU B 104 -5.12 -61.88 5.85
C LEU B 104 -4.62 -60.78 4.93
N VAL B 105 -3.74 -61.16 4.02
CA VAL B 105 -3.32 -60.29 2.91
C VAL B 105 -3.82 -60.95 1.63
N ILE B 106 -4.52 -60.19 0.81
CA ILE B 106 -4.91 -60.66 -0.54
C ILE B 106 -3.97 -60.03 -1.59
N ALA B 107 -3.17 -60.85 -2.26
CA ALA B 107 -2.27 -60.39 -3.33
C ALA B 107 -2.48 -61.25 -4.59
N SER B 108 -3.71 -61.66 -4.82
CA SER B 108 -4.11 -62.38 -6.02
C SER B 108 -4.28 -61.39 -7.18
N PRO B 109 -4.45 -61.89 -8.41
CA PRO B 109 -4.73 -61.00 -9.53
C PRO B 109 -5.98 -60.17 -9.26
N ASN B 110 -6.01 -59.00 -9.87
CA ASN B 110 -7.03 -57.98 -9.59
C ASN B 110 -8.45 -58.56 -9.65
N TYR B 111 -8.77 -59.30 -10.73
CA TYR B 111 -10.15 -59.80 -10.93
C TYR B 111 -10.62 -60.76 -9.83
N CYS B 112 -9.69 -61.26 -9.03
CA CYS B 112 -10.03 -62.23 -7.98
C CYS B 112 -10.50 -61.52 -6.70
N HIS B 113 -10.15 -60.24 -6.53
CA HIS B 113 -10.28 -59.62 -5.18
C HIS B 113 -11.72 -59.62 -4.67
N ALA B 114 -12.68 -59.25 -5.51
CA ALA B 114 -14.07 -59.09 -5.05
C ALA B 114 -14.58 -60.42 -4.49
N ASP B 115 -14.49 -61.50 -5.27
CA ASP B 115 -14.98 -62.86 -4.93
C ASP B 115 -14.30 -63.30 -3.62
N GLN B 116 -13.01 -62.99 -3.45
CA GLN B 116 -12.29 -63.48 -2.25
C GLN B 116 -12.73 -62.74 -1.00
N ILE B 117 -12.98 -61.44 -1.11
CA ILE B 117 -13.50 -60.65 0.05
C ILE B 117 -14.85 -61.26 0.43
N VAL B 118 -15.69 -61.52 -0.57
CA VAL B 118 -17.06 -62.05 -0.28
C VAL B 118 -16.95 -63.44 0.38
N GLU B 119 -16.02 -64.24 -0.10
CA GLU B 119 -15.85 -65.59 0.45
C GLU B 119 -15.39 -65.46 1.90
N ILE B 120 -14.40 -64.61 2.14
CA ILE B 120 -13.88 -64.44 3.53
C ILE B 120 -14.99 -63.95 4.47
N ALA B 121 -15.76 -62.98 4.03
CA ALA B 121 -16.87 -62.41 4.82
C ALA B 121 -17.88 -63.50 5.20
N ALA B 122 -18.11 -64.48 4.34
CA ALA B 122 -19.12 -65.52 4.59
C ALA B 122 -18.52 -66.63 5.45
N THR B 123 -17.21 -66.69 5.58
CA THR B 123 -16.57 -67.90 6.15
C THR B 123 -15.89 -67.57 7.48
N ARG B 124 -15.01 -66.57 7.48
CA ARG B 124 -14.16 -66.29 8.66
C ARG B 124 -13.65 -64.86 8.56
N PRO B 125 -14.48 -63.86 8.86
CA PRO B 125 -14.04 -62.49 8.75
C PRO B 125 -12.84 -62.25 9.69
N LEU B 126 -11.80 -61.69 9.13
CA LEU B 126 -10.58 -61.30 9.86
C LEU B 126 -10.12 -59.95 9.29
N PRO B 127 -9.24 -59.24 10.01
CA PRO B 127 -8.65 -58.03 9.47
C PRO B 127 -7.99 -58.36 8.12
N LEU B 128 -8.27 -57.52 7.15
CA LEU B 128 -7.89 -57.80 5.77
C LEU B 128 -7.06 -56.64 5.21
N LEU B 129 -5.90 -56.96 4.64
CA LEU B 129 -5.13 -56.01 3.81
C LEU B 129 -5.32 -56.47 2.37
N VAL B 130 -6.16 -55.78 1.62
CA VAL B 130 -6.50 -56.22 0.25
C VAL B 130 -5.69 -55.39 -0.76
N GLU B 131 -4.90 -56.08 -1.58
CA GLU B 131 -4.14 -55.34 -2.63
C GLU B 131 -5.05 -54.50 -3.52
N LYS B 132 -4.49 -53.41 -3.99
CA LYS B 132 -5.20 -52.61 -5.03
C LYS B 132 -5.16 -53.37 -6.34
N PRO B 133 -6.03 -53.04 -7.30
CA PRO B 133 -7.24 -52.27 -7.05
C PRO B 133 -8.27 -53.09 -6.26
N LEU B 134 -9.14 -52.40 -5.52
CA LEU B 134 -10.11 -53.10 -4.65
C LEU B 134 -10.94 -54.08 -5.49
N LEU B 135 -11.35 -53.64 -6.70
CA LEU B 135 -12.13 -54.50 -7.60
C LEU B 135 -11.88 -54.07 -9.05
N THR B 136 -12.41 -54.84 -9.99
CA THR B 136 -12.21 -54.56 -11.42
C THR B 136 -13.51 -54.33 -12.17
N ASP B 137 -14.58 -54.99 -11.77
CA ASP B 137 -15.84 -55.02 -12.52
C ASP B 137 -16.84 -54.12 -11.79
N PRO B 138 -17.40 -53.10 -12.46
CA PRO B 138 -18.40 -52.25 -11.84
C PRO B 138 -19.64 -53.04 -11.39
N ALA B 139 -19.87 -54.22 -11.97
CA ALA B 139 -20.97 -55.09 -11.52
C ALA B 139 -20.79 -55.60 -10.08
N ASP B 140 -19.58 -55.48 -9.53
CA ASP B 140 -19.28 -55.95 -8.16
C ASP B 140 -19.44 -54.84 -7.11
N ILE B 141 -19.67 -53.59 -7.53
CA ILE B 141 -19.61 -52.47 -6.54
C ILE B 141 -20.69 -52.63 -5.47
N ALA B 142 -21.91 -52.97 -5.87
CA ALA B 142 -23.05 -53.00 -4.92
C ALA B 142 -22.84 -54.14 -3.91
N ARG B 143 -22.48 -55.33 -4.40
CA ARG B 143 -22.37 -56.50 -3.50
C ARG B 143 -21.16 -56.31 -2.59
N LEU B 144 -20.08 -55.73 -3.10
CA LEU B 144 -18.86 -55.56 -2.24
C LEU B 144 -19.13 -54.49 -1.19
N THR B 145 -19.87 -53.45 -1.57
CA THR B 145 -20.22 -52.39 -0.60
C THR B 145 -21.09 -53.01 0.51
N GLN B 146 -22.07 -53.84 0.13
CA GLN B 146 -22.91 -54.54 1.14
C GLN B 146 -22.00 -55.36 2.06
N THR B 147 -21.07 -56.10 1.46
CA THR B 147 -20.18 -56.98 2.24
C THR B 147 -19.39 -56.12 3.25
N ALA B 148 -18.82 -55.00 2.78
CA ALA B 148 -17.96 -54.16 3.64
C ALA B 148 -18.79 -53.52 4.76
N GLU B 149 -20.02 -53.08 4.45
CA GLU B 149 -20.89 -52.45 5.48
C GLU B 149 -21.17 -53.45 6.61
N ARG B 150 -21.25 -54.75 6.30
CA ARG B 150 -21.65 -55.77 7.28
C ARG B 150 -20.44 -56.48 7.87
N TYR B 151 -19.22 -56.11 7.45
CA TYR B 151 -18.01 -56.91 7.75
C TYR B 151 -17.50 -56.49 9.13
N PRO B 152 -17.27 -57.46 10.05
CA PRO B 152 -16.93 -57.09 11.44
C PRO B 152 -15.46 -56.79 11.77
N ALA B 153 -14.60 -56.73 10.79
CA ALA B 153 -13.17 -56.52 11.03
C ALA B 153 -12.68 -55.44 10.07
N PRO B 154 -11.50 -54.87 10.29
CA PRO B 154 -10.99 -53.83 9.41
C PRO B 154 -10.77 -54.34 7.98
N ILE B 155 -11.03 -53.46 7.02
CA ILE B 155 -10.60 -53.70 5.61
C ILE B 155 -9.69 -52.55 5.20
N TRP B 156 -8.43 -52.84 4.97
CA TRP B 156 -7.41 -51.86 4.57
C TRP B 156 -7.01 -52.15 3.11
N VAL B 157 -7.14 -51.16 2.23
CA VAL B 157 -6.81 -51.34 0.81
C VAL B 157 -5.34 -50.91 0.65
N ALA B 158 -4.50 -51.79 0.14
CA ALA B 158 -3.04 -51.67 0.23
C ALA B 158 -2.47 -50.70 -0.83
N MET B 159 -2.97 -49.45 -0.80
CA MET B 159 -2.42 -48.34 -1.61
C MET B 159 -1.34 -47.70 -0.72
N GLU B 160 -0.12 -48.14 -0.88
CA GLU B 160 0.99 -47.79 0.04
C GLU B 160 1.78 -46.52 -0.37
N TYR B 161 1.47 -45.87 -1.50
CA TYR B 161 2.41 -44.86 -2.02
C TYR B 161 2.62 -43.71 -1.03
N ARG B 162 1.59 -43.41 -0.23
CA ARG B 162 1.67 -42.32 0.76
C ARG B 162 2.82 -42.56 1.72
N TYR B 163 3.27 -43.81 1.87
CA TYR B 163 4.36 -44.11 2.85
C TYR B 163 5.75 -44.07 2.20
N MET B 164 5.84 -43.92 0.88
CA MET B 164 7.21 -43.72 0.30
C MET B 164 7.80 -42.45 0.91
N PRO B 165 9.02 -42.50 1.52
CA PRO B 165 9.56 -41.30 2.19
C PRO B 165 9.44 -39.94 1.47
N PRO B 166 9.78 -39.80 0.16
CA PRO B 166 9.57 -38.52 -0.52
C PRO B 166 8.10 -38.08 -0.59
N ILE B 167 7.21 -39.04 -0.86
CA ILE B 167 5.76 -38.72 -0.93
C ILE B 167 5.22 -38.35 0.47
N ALA B 168 5.58 -39.14 1.48
CA ALA B 168 5.24 -38.81 2.89
C ALA B 168 5.67 -37.37 3.24
N ALA B 169 6.87 -36.97 2.81
CA ALA B 169 7.34 -35.62 3.14
C ALA B 169 6.46 -34.61 2.41
N LEU B 170 6.17 -34.83 1.12
CA LEU B 170 5.27 -33.89 0.42
C LEU B 170 3.91 -33.81 1.13
N LEU B 171 3.35 -34.95 1.49
CA LEU B 171 2.02 -34.98 2.13
C LEU B 171 2.07 -34.18 3.45
N ALA B 172 3.15 -34.27 4.18
CA ALA B 172 3.25 -33.56 5.49
C ALA B 172 3.43 -32.06 5.31
N ARG B 173 4.11 -31.64 4.26
CA ARG B 173 4.52 -30.22 4.14
C ARG B 173 3.73 -29.42 3.10
N ALA B 174 2.86 -30.07 2.32
CA ALA B 174 2.28 -29.39 1.13
C ALA B 174 1.39 -28.21 1.55
N GLU B 175 0.58 -28.37 2.59
CA GLU B 175 -0.35 -27.29 2.99
C GLU B 175 0.46 -26.07 3.39
N ALA B 176 1.55 -26.27 4.13
CA ALA B 176 2.34 -25.15 4.65
C ALA B 176 3.10 -24.46 3.50
N VAL B 177 3.67 -25.24 2.60
CA VAL B 177 4.44 -24.65 1.48
C VAL B 177 3.52 -23.91 0.51
N THR B 178 2.35 -24.47 0.23
CA THR B 178 1.51 -23.91 -0.86
C THR B 178 0.59 -22.81 -0.33
N GLY B 179 0.37 -22.77 0.99
CA GLY B 179 -0.66 -21.89 1.56
C GLY B 179 -2.05 -22.34 1.15
N GLY B 180 -2.18 -23.60 0.75
CA GLY B 180 -3.46 -24.09 0.23
C GLY B 180 -3.23 -24.64 -1.17
N ILE B 181 -3.62 -25.89 -1.38
CA ILE B 181 -3.32 -26.56 -2.67
C ILE B 181 -4.38 -26.22 -3.72
N LYS B 182 -3.95 -25.49 -4.77
CA LYS B 182 -4.84 -25.13 -5.89
C LYS B 182 -4.68 -26.12 -7.03
N MET B 183 -3.47 -26.67 -7.20
CA MET B 183 -3.19 -27.61 -8.30
C MET B 183 -2.35 -28.75 -7.76
N LEU B 184 -2.60 -29.96 -8.27
CA LEU B 184 -1.79 -31.13 -7.89
C LEU B 184 -1.53 -31.95 -9.15
N SER B 185 -0.27 -32.06 -9.51
CA SER B 185 0.13 -32.71 -10.77
C SER B 185 0.93 -33.97 -10.43
N LEU B 186 0.55 -35.08 -11.02
CA LEU B 186 1.25 -36.35 -10.75
C LEU B 186 1.66 -36.98 -12.09
N ARG B 187 2.89 -37.45 -12.14
CA ARG B 187 3.36 -38.04 -13.40
C ARG B 187 4.04 -39.38 -13.08
N GLU B 188 3.68 -40.38 -13.84
CA GLU B 188 4.33 -41.71 -13.73
C GLU B 188 4.91 -42.07 -15.10
N HIS B 189 6.23 -42.15 -15.16
CA HIS B 189 7.01 -42.45 -16.37
C HIS B 189 7.80 -43.71 -16.07
N ARG B 190 7.46 -44.79 -16.75
CA ARG B 190 8.11 -46.07 -16.40
C ARG B 190 8.13 -47.03 -17.58
N PHE B 191 8.67 -48.20 -17.29
CA PHE B 191 8.78 -49.33 -18.24
C PHE B 191 7.46 -50.09 -18.35
N PRO B 192 7.31 -50.92 -19.40
CA PRO B 192 6.05 -51.63 -19.60
C PRO B 192 5.71 -52.57 -18.44
N PHE B 193 4.43 -52.87 -18.30
CA PHE B 193 3.94 -53.88 -17.35
C PHE B 193 4.82 -55.12 -17.47
N LEU B 194 5.23 -55.61 -16.33
CA LEU B 194 6.02 -56.85 -16.25
C LEU B 194 5.17 -58.09 -16.63
N GLU B 195 5.86 -59.17 -16.93
CA GLU B 195 5.24 -60.47 -17.19
C GLU B 195 4.77 -61.05 -15.86
N LYS B 196 3.57 -61.60 -15.84
CA LYS B 196 2.93 -62.09 -14.62
C LYS B 196 2.52 -63.55 -14.80
N VAL B 197 2.18 -64.18 -13.70
CA VAL B 197 1.78 -65.63 -13.71
C VAL B 197 0.52 -65.77 -14.55
N GLY B 198 0.57 -66.59 -15.60
CA GLY B 198 -0.55 -66.81 -16.52
C GLY B 198 -0.81 -65.58 -17.39
N ASP B 199 0.13 -64.64 -17.44
CA ASP B 199 0.03 -63.43 -18.30
C ASP B 199 -1.23 -62.60 -17.95
N TRP B 200 -1.65 -62.59 -16.68
CA TRP B 200 -3.00 -62.06 -16.37
C TRP B 200 -3.06 -60.55 -16.64
N ASN B 201 -1.97 -59.82 -16.51
CA ASN B 201 -2.09 -58.32 -16.55
C ASN B 201 -2.08 -57.76 -17.97
N ARG B 202 -2.33 -58.61 -18.98
CA ARG B 202 -2.29 -58.15 -20.39
C ARG B 202 -3.70 -57.78 -20.88
N PHE B 203 -4.73 -57.99 -20.05
CA PHE B 203 -6.14 -57.87 -20.52
C PHE B 203 -6.99 -57.08 -19.51
N ASN B 204 -7.69 -56.07 -20.02
CA ASN B 204 -8.57 -55.20 -19.22
C ASN B 204 -9.57 -55.99 -18.36
N VAL B 205 -10.12 -57.08 -18.87
CA VAL B 205 -11.07 -57.90 -18.07
C VAL B 205 -10.38 -58.45 -16.81
N ASN B 206 -9.07 -58.66 -16.86
CA ASN B 206 -8.34 -59.17 -15.67
C ASN B 206 -7.86 -58.02 -14.79
N THR B 207 -7.57 -56.85 -15.39
CA THR B 207 -6.88 -55.79 -14.60
C THR B 207 -7.87 -54.75 -14.10
N GLY B 208 -8.98 -54.58 -14.79
CA GLY B 208 -9.85 -53.43 -14.54
C GLY B 208 -9.53 -52.26 -15.45
N GLY B 209 -8.49 -52.40 -16.28
CA GLY B 209 -8.00 -51.29 -17.13
C GLY B 209 -6.82 -50.60 -16.46
N THR B 210 -6.00 -49.94 -17.25
CA THR B 210 -4.71 -49.44 -16.73
C THR B 210 -4.88 -48.32 -15.71
N PHE B 211 -5.84 -47.44 -15.91
CA PHE B 211 -6.03 -46.35 -14.91
C PHE B 211 -6.53 -46.95 -13.60
N VAL B 212 -7.28 -48.05 -13.64
CA VAL B 212 -7.68 -48.74 -12.37
C VAL B 212 -6.47 -49.48 -11.77
N GLU B 213 -5.76 -50.27 -12.54
CA GLU B 213 -4.67 -51.18 -12.04
C GLU B 213 -3.46 -50.35 -11.58
N LYS B 214 -3.05 -49.38 -12.37
CA LYS B 214 -1.76 -48.70 -12.09
C LYS B 214 -2.00 -47.33 -11.45
N CYS B 215 -3.12 -46.69 -11.76
CA CYS B 215 -3.29 -45.28 -11.36
C CYS B 215 -4.24 -45.08 -10.18
N CYS B 216 -4.88 -46.15 -9.67
CA CYS B 216 -5.65 -46.03 -8.40
C CYS B 216 -4.78 -45.33 -7.33
N HIS B 217 -3.50 -45.66 -7.28
CA HIS B 217 -2.59 -45.04 -6.28
C HIS B 217 -2.64 -43.50 -6.36
N PHE B 218 -2.61 -42.98 -7.58
CA PHE B 218 -2.53 -41.52 -7.78
C PHE B 218 -3.88 -40.86 -7.49
N PHE B 219 -4.97 -41.49 -7.91
CA PHE B 219 -6.33 -40.94 -7.63
C PHE B 219 -6.55 -40.87 -6.10
N ASP B 220 -6.11 -41.89 -5.39
CA ASP B 220 -6.19 -41.86 -3.92
C ASP B 220 -5.31 -40.75 -3.32
N LEU B 221 -4.09 -40.58 -3.82
CA LEU B 221 -3.25 -39.48 -3.30
C LEU B 221 -3.93 -38.11 -3.54
N MET B 222 -4.63 -37.96 -4.65
CA MET B 222 -5.37 -36.70 -4.91
C MET B 222 -6.41 -36.46 -3.80
N ARG B 223 -7.22 -37.48 -3.49
CA ARG B 223 -8.24 -37.32 -2.41
C ARG B 223 -7.56 -37.06 -1.07
N LEU B 224 -6.44 -37.75 -0.82
CA LEU B 224 -5.76 -37.62 0.49
C LEU B 224 -5.23 -36.19 0.67
N VAL B 225 -4.52 -35.65 -0.33
CA VAL B 225 -3.88 -34.33 -0.30
C VAL B 225 -4.93 -33.22 -0.28
N LEU B 226 -5.93 -33.34 -1.14
CA LEU B 226 -6.92 -32.25 -1.31
C LEU B 226 -8.04 -32.32 -0.28
N ARG B 227 -8.21 -33.46 0.36
CA ARG B 227 -9.21 -33.65 1.46
C ARG B 227 -10.61 -33.40 0.89
N ARG B 228 -10.82 -33.76 -0.36
CA ARG B 228 -12.13 -33.57 -0.98
C ARG B 228 -12.36 -34.69 -1.99
N ASN B 229 -13.61 -34.88 -2.34
CA ASN B 229 -13.98 -35.84 -3.39
C ASN B 229 -13.98 -35.20 -4.77
N PRO B 230 -13.75 -36.03 -5.81
CA PRO B 230 -13.81 -35.55 -7.18
C PRO B 230 -15.25 -35.36 -7.65
N VAL B 231 -15.44 -34.44 -8.60
CA VAL B 231 -16.78 -34.18 -9.20
C VAL B 231 -16.73 -34.42 -10.71
N ARG B 232 -15.54 -34.41 -11.29
CA ARG B 232 -15.46 -34.53 -12.78
C ARG B 232 -14.11 -35.09 -13.22
N VAL B 233 -14.15 -35.90 -14.27
CA VAL B 233 -12.92 -36.48 -14.85
C VAL B 233 -12.93 -36.22 -16.36
N MET B 234 -11.77 -35.84 -16.88
CA MET B 234 -11.61 -35.65 -18.33
C MET B 234 -10.30 -36.37 -18.70
N ALA B 235 -10.35 -37.19 -19.75
CA ALA B 235 -9.13 -37.96 -20.03
C ALA B 235 -8.88 -38.24 -21.53
N SER B 236 -7.62 -38.48 -21.83
CA SER B 236 -7.21 -38.89 -23.20
C SER B 236 -6.21 -40.03 -22.97
N ALA B 237 -6.45 -41.16 -23.60
CA ALA B 237 -5.56 -42.31 -23.35
C ALA B 237 -5.64 -43.28 -24.51
N ALA B 238 -4.59 -44.08 -24.63
CA ALA B 238 -4.63 -45.13 -25.65
C ALA B 238 -3.66 -46.27 -25.32
N GLN B 239 -3.70 -47.31 -26.12
CA GLN B 239 -2.61 -48.30 -26.25
C GLN B 239 -1.82 -47.89 -27.50
N SER B 240 -0.79 -47.12 -27.34
CA SER B 240 -0.08 -46.52 -28.50
C SER B 240 1.10 -47.39 -28.95
N VAL B 241 1.70 -48.14 -28.02
CA VAL B 241 2.99 -48.80 -28.31
C VAL B 241 3.04 -50.20 -27.70
N ASN B 242 2.77 -50.32 -26.41
CA ASN B 242 3.09 -51.57 -25.67
C ASN B 242 2.21 -52.80 -25.94
N HIS B 243 2.87 -53.93 -26.10
CA HIS B 243 2.18 -55.24 -26.18
C HIS B 243 1.37 -55.46 -27.47
N LEU B 244 1.49 -54.58 -28.45
CA LEU B 244 0.69 -54.70 -29.69
C LEU B 244 1.13 -55.92 -30.52
N ASP B 245 2.34 -56.40 -30.28
CA ASP B 245 2.90 -57.53 -31.06
C ASP B 245 2.73 -58.86 -30.30
N GLU B 246 2.19 -58.80 -29.08
CA GLU B 246 1.98 -60.03 -28.29
C GLU B 246 0.65 -60.70 -28.68
N ARG B 247 0.61 -62.02 -28.55
CA ARG B 247 -0.63 -62.77 -28.82
C ARG B 247 -0.74 -63.89 -27.77
N TYR B 248 -1.92 -64.04 -27.17
CA TYR B 248 -2.22 -65.09 -26.17
C TYR B 248 -3.36 -65.94 -26.71
N ASP B 249 -3.04 -67.03 -27.43
CA ASP B 249 -4.01 -67.92 -28.12
C ASP B 249 -4.95 -67.08 -28.98
N GLY B 250 -4.38 -66.16 -29.75
CA GLY B 250 -5.19 -65.41 -30.73
C GLY B 250 -5.52 -64.07 -30.19
N LYS B 251 -5.39 -63.88 -28.88
CA LYS B 251 -5.82 -62.59 -28.30
C LYS B 251 -4.66 -61.59 -28.24
N THR B 252 -4.88 -60.38 -28.74
CA THR B 252 -3.91 -59.27 -28.55
C THR B 252 -4.25 -58.51 -27.26
N PRO B 253 -3.25 -58.22 -26.41
CA PRO B 253 -3.47 -57.36 -25.24
C PRO B 253 -4.15 -56.03 -25.61
N ASP B 254 -5.00 -55.56 -24.70
CA ASP B 254 -5.90 -54.41 -24.96
C ASP B 254 -5.67 -53.30 -23.91
N ILE B 255 -4.64 -53.38 -23.10
CA ILE B 255 -4.43 -52.44 -21.98
C ILE B 255 -3.85 -51.12 -22.49
N LEU B 256 -4.31 -50.02 -21.92
CA LEU B 256 -3.79 -48.68 -22.24
C LEU B 256 -2.32 -48.57 -21.76
N ASP B 257 -1.49 -47.77 -22.45
CA ASP B 257 -0.10 -47.56 -22.00
C ASP B 257 0.25 -46.09 -21.80
N ASN B 258 -0.66 -45.15 -22.09
CA ASN B 258 -0.35 -43.72 -21.84
C ASN B 258 -1.63 -42.90 -21.84
N GLY B 259 -1.59 -41.83 -21.07
CA GLY B 259 -2.64 -40.84 -21.14
C GLY B 259 -2.50 -39.72 -20.15
N TYR B 260 -3.48 -38.86 -20.21
CA TYR B 260 -3.63 -37.70 -19.30
C TYR B 260 -5.03 -37.71 -18.70
N VAL B 261 -5.12 -37.29 -17.43
CA VAL B 261 -6.40 -37.23 -16.73
C VAL B 261 -6.42 -35.90 -15.97
N ILE B 262 -7.47 -35.13 -16.20
CA ILE B 262 -7.82 -33.95 -15.39
C ILE B 262 -8.93 -34.34 -14.43
N VAL B 263 -8.76 -34.03 -13.16
CA VAL B 263 -9.76 -34.31 -12.15
C VAL B 263 -10.10 -33.00 -11.44
N ASP B 264 -11.38 -32.65 -11.43
CA ASP B 264 -11.91 -31.49 -10.66
C ASP B 264 -12.45 -31.99 -9.34
N PHE B 265 -12.26 -31.18 -8.28
CA PHE B 265 -12.65 -31.54 -6.89
C PHE B 265 -13.73 -30.60 -6.39
N GLU B 266 -14.56 -31.12 -5.50
CA GLU B 266 -15.46 -30.29 -4.64
C GLU B 266 -14.52 -29.22 -4.06
N GLY B 267 -14.99 -27.97 -4.12
CA GLY B 267 -14.25 -26.85 -3.51
C GLY B 267 -13.29 -26.16 -4.45
N GLY B 268 -13.06 -26.72 -5.63
CA GLY B 268 -12.40 -26.01 -6.74
C GLY B 268 -10.95 -26.37 -6.96
N ALA B 269 -10.32 -27.21 -6.16
CA ALA B 269 -8.96 -27.69 -6.49
C ALA B 269 -9.04 -28.52 -7.79
N ARG B 270 -7.92 -28.57 -8.49
CA ARG B 270 -7.80 -29.39 -9.73
C ARG B 270 -6.50 -30.22 -9.68
N ALA B 271 -6.56 -31.37 -10.31
CA ALA B 271 -5.40 -32.28 -10.36
C ALA B 271 -5.24 -32.81 -11.77
N MET B 272 -4.02 -33.20 -12.07
CA MET B 272 -3.72 -33.82 -13.38
C MET B 272 -2.81 -35.02 -13.15
N LEU B 273 -3.11 -36.11 -13.85
CA LEU B 273 -2.25 -37.29 -13.89
C LEU B 273 -1.72 -37.48 -15.32
N GLU B 274 -0.43 -37.71 -15.44
CA GLU B 274 0.19 -38.09 -16.72
C GLU B 274 0.78 -39.48 -16.54
N LEU B 275 0.46 -40.39 -17.46
CA LEU B 275 1.01 -41.76 -17.40
C LEU B 275 1.71 -42.07 -18.71
N CYS B 276 2.89 -42.69 -18.62
CA CYS B 276 3.54 -43.24 -19.83
C CYS B 276 4.26 -44.53 -19.45
N MET B 277 3.82 -45.65 -20.00
CA MET B 277 4.42 -46.96 -19.66
C MET B 277 5.52 -47.33 -20.67
N PHE B 278 6.03 -46.36 -21.44
CA PHE B 278 7.20 -46.60 -22.33
C PHE B 278 8.26 -45.49 -22.14
N ALA B 279 8.33 -44.93 -20.93
CA ALA B 279 9.30 -43.84 -20.60
C ALA B 279 10.34 -44.41 -19.62
N ASP B 280 10.84 -45.59 -19.91
CA ASP B 280 11.81 -46.30 -19.03
C ASP B 280 13.02 -45.45 -18.66
N GLY B 281 13.39 -44.49 -19.49
CA GLY B 281 14.64 -43.75 -19.26
C GLY B 281 14.52 -42.63 -18.25
N ALA B 282 13.29 -42.31 -17.85
CA ALA B 282 13.08 -41.23 -16.86
C ALA B 282 13.81 -41.55 -15.58
N ARG B 283 14.59 -40.57 -15.12
CA ARG B 283 15.41 -40.71 -13.90
C ARG B 283 14.52 -41.02 -12.71
N TYR B 284 13.43 -40.27 -12.60
CA TYR B 284 12.42 -40.41 -11.51
C TYR B 284 11.13 -40.97 -12.09
N GLN B 285 10.71 -42.08 -11.52
CA GLN B 285 9.53 -42.82 -11.99
C GLN B 285 8.26 -42.01 -11.65
N GLU B 286 8.15 -41.49 -10.44
CA GLU B 286 7.00 -40.61 -10.08
C GLU B 286 7.50 -39.20 -9.76
N THR B 287 6.80 -38.19 -10.24
CA THR B 287 7.01 -36.81 -9.75
C THR B 287 5.62 -36.28 -9.38
N ILE B 288 5.55 -35.55 -8.28
CA ILE B 288 4.27 -35.02 -7.75
C ILE B 288 4.53 -33.58 -7.40
N SER B 289 3.74 -32.68 -7.94
CA SER B 289 3.87 -31.22 -7.74
C SER B 289 2.58 -30.67 -7.12
N ALA B 290 2.69 -29.89 -6.03
CA ALA B 290 1.55 -29.19 -5.42
C ALA B 290 1.87 -27.69 -5.40
N VAL B 291 0.91 -26.90 -5.87
CA VAL B 291 1.09 -25.45 -6.07
C VAL B 291 -0.07 -24.72 -5.41
N GLY B 292 0.27 -23.67 -4.66
CA GLY B 292 -0.70 -22.73 -4.12
C GLY B 292 -0.11 -21.32 -4.06
N PRO B 293 -0.90 -20.38 -3.49
CA PRO B 293 -0.57 -18.97 -3.52
C PRO B 293 0.72 -18.62 -2.78
N ALA B 294 1.24 -19.48 -1.90
CA ALA B 294 2.48 -19.18 -1.12
C ALA B 294 3.71 -19.91 -1.68
N GLY B 295 3.55 -20.90 -2.57
CA GLY B 295 4.73 -21.69 -2.99
C GLY B 295 4.35 -23.00 -3.65
N LYS B 296 5.37 -23.75 -4.02
CA LYS B 296 5.23 -25.03 -4.75
C LYS B 296 6.13 -26.06 -4.04
N ILE B 297 5.64 -27.29 -3.98
CA ILE B 297 6.47 -28.42 -3.50
C ILE B 297 6.42 -29.52 -4.53
N GLU B 298 7.58 -30.16 -4.74
CA GLU B 298 7.67 -31.24 -5.73
C GLU B 298 8.48 -32.41 -5.14
N ALA B 299 7.96 -33.62 -5.34
CA ALA B 299 8.62 -34.88 -4.94
C ALA B 299 9.12 -35.60 -6.20
N PHE B 300 10.30 -36.19 -6.11
CA PHE B 300 10.99 -36.92 -7.19
C PHE B 300 11.28 -38.32 -6.65
N VAL B 301 10.55 -39.30 -7.18
CA VAL B 301 10.49 -40.65 -6.57
C VAL B 301 11.14 -41.62 -7.53
N PRO B 302 12.25 -42.28 -7.11
CA PRO B 302 12.89 -43.28 -7.96
C PRO B 302 12.05 -44.55 -8.10
N GLY B 303 12.20 -45.23 -9.24
CA GLY B 303 11.61 -46.55 -9.44
C GLY B 303 12.39 -47.59 -8.63
N PRO B 304 12.01 -48.86 -8.79
CA PRO B 304 12.63 -49.94 -8.05
C PRO B 304 14.13 -50.03 -8.30
N THR B 305 14.95 -50.14 -7.24
CA THR B 305 16.41 -50.19 -7.44
C THR B 305 16.80 -51.45 -8.23
N ARG B 306 16.03 -52.55 -8.20
CA ARG B 306 16.46 -53.78 -8.91
C ARG B 306 16.41 -53.57 -10.43
N PHE B 307 15.76 -52.50 -10.93
CA PHE B 307 15.74 -52.24 -12.38
C PHE B 307 16.71 -51.13 -12.75
N TRP B 308 17.54 -50.66 -11.81
CA TRP B 308 18.58 -49.65 -12.12
C TRP B 308 19.85 -50.37 -12.58
N PRO B 309 20.36 -50.08 -13.79
CA PRO B 309 21.58 -50.72 -14.30
C PRO B 309 22.86 -50.39 -13.49
N GLY B 310 23.53 -51.42 -13.00
CA GLY B 310 24.65 -51.25 -12.04
C GLY B 310 25.82 -50.54 -12.71
N ASP B 311 25.86 -50.62 -14.04
CA ASP B 311 26.90 -49.92 -14.83
C ASP B 311 26.74 -48.41 -14.69
N LEU B 312 25.59 -47.92 -14.25
CA LEU B 312 25.34 -46.46 -14.19
C LEU B 312 25.71 -45.90 -12.81
N GLY B 313 26.21 -46.74 -11.89
CA GLY B 313 26.55 -46.32 -10.53
C GLY B 313 25.33 -46.29 -9.60
N ALA B 314 25.32 -45.46 -8.57
CA ALA B 314 24.27 -45.47 -7.54
C ALA B 314 22.92 -45.09 -8.14
N PRO B 315 21.81 -45.73 -7.73
CA PRO B 315 20.49 -45.26 -8.18
C PRO B 315 20.18 -43.84 -7.70
N PRO B 316 19.23 -43.16 -8.36
CA PRO B 316 18.83 -41.81 -7.98
C PRO B 316 18.30 -41.76 -6.53
N VAL B 317 18.68 -40.71 -5.82
CA VAL B 317 18.23 -40.47 -4.42
C VAL B 317 16.88 -39.78 -4.50
N PRO B 318 15.89 -40.16 -3.68
CA PRO B 318 14.62 -39.45 -3.64
C PRO B 318 14.81 -38.00 -3.17
N LEU B 319 14.05 -37.07 -3.75
CA LEU B 319 14.22 -35.62 -3.51
C LEU B 319 12.86 -35.00 -3.27
N ILE B 320 12.85 -33.95 -2.48
CA ILE B 320 11.77 -32.96 -2.52
C ILE B 320 12.42 -31.60 -2.79
N GLU B 321 11.68 -30.78 -3.50
CA GLU B 321 12.11 -29.42 -3.89
C GLU B 321 11.02 -28.47 -3.44
N ILE B 322 11.44 -27.49 -2.67
CA ILE B 322 10.55 -26.44 -2.10
C ILE B 322 10.83 -25.13 -2.86
N SER B 323 9.81 -24.54 -3.47
CA SER B 323 9.93 -23.29 -4.27
C SER B 323 9.00 -22.23 -3.70
N PRO B 324 9.43 -21.47 -2.65
CA PRO B 324 8.57 -20.44 -2.07
C PRO B 324 8.30 -19.28 -3.06
N ARG B 325 7.06 -18.80 -3.11
CA ARG B 325 6.63 -17.90 -4.22
C ARG B 325 7.36 -16.56 -4.05
N LEU B 326 7.34 -16.02 -2.83
CA LEU B 326 7.78 -14.61 -2.59
C LEU B 326 9.30 -14.55 -2.38
N SER B 327 9.88 -15.48 -1.61
CA SER B 327 11.35 -15.54 -1.41
C SER B 327 12.11 -15.97 -2.67
N LYS B 328 11.53 -16.88 -3.46
CA LYS B 328 12.20 -17.49 -4.65
C LYS B 328 13.46 -18.29 -4.26
N GLN B 329 13.67 -18.50 -2.94
N GLN B 329 13.67 -18.50 -2.94
CA GLN B 329 14.80 -19.30 -2.41
CA GLN B 329 14.81 -19.31 -2.41
C GLN B 329 14.39 -20.78 -2.48
C GLN B 329 14.39 -20.78 -2.48
N ILE B 330 14.93 -21.49 -3.46
CA ILE B 330 14.59 -22.92 -3.65
C ILE B 330 15.46 -23.79 -2.73
N LYS B 331 14.84 -24.76 -2.11
CA LYS B 331 15.58 -25.73 -1.28
C LYS B 331 15.32 -27.12 -1.84
N VAL B 332 16.36 -27.93 -1.85
CA VAL B 332 16.23 -29.35 -2.26
C VAL B 332 16.66 -30.20 -1.07
N HIS B 333 15.87 -31.21 -0.74
CA HIS B 333 16.22 -32.19 0.29
C HIS B 333 16.30 -33.60 -0.27
N GLU B 334 17.37 -34.33 0.09
CA GLU B 334 17.45 -35.79 -0.14
C GLU B 334 16.63 -36.51 0.95
N ILE B 335 15.83 -37.47 0.54
CA ILE B 335 15.01 -38.30 1.45
C ILE B 335 15.29 -39.78 1.14
N PRO B 336 16.44 -40.30 1.60
CA PRO B 336 16.84 -41.66 1.30
C PRO B 336 16.00 -42.69 2.06
N VAL B 337 15.84 -43.86 1.47
CA VAL B 337 15.11 -45.01 2.05
C VAL B 337 16.12 -45.90 2.76
N ASP B 338 15.80 -46.43 3.94
CA ASP B 338 16.71 -47.35 4.65
C ASP B 338 17.11 -48.48 3.71
N PRO B 339 18.40 -48.82 3.58
CA PRO B 339 18.80 -49.90 2.67
C PRO B 339 17.99 -51.19 2.91
N LYS B 340 17.74 -51.53 4.18
CA LYS B 340 17.08 -52.81 4.57
C LYS B 340 15.71 -52.84 3.88
N LEU B 341 15.05 -51.69 3.79
CA LEU B 341 13.71 -51.66 3.17
C LEU B 341 13.86 -51.71 1.63
N LEU B 342 14.93 -51.15 1.07
CA LEU B 342 15.12 -51.21 -0.40
C LEU B 342 15.41 -52.66 -0.82
N LYS B 343 16.09 -53.46 0.04
CA LYS B 343 16.37 -54.90 -0.24
C LYS B 343 15.05 -55.69 -0.19
N ALA B 344 14.04 -55.23 0.54
CA ALA B 344 12.81 -56.02 0.80
C ALA B 344 11.71 -55.74 -0.22
N GLY B 345 11.87 -54.80 -1.16
CA GLY B 345 10.75 -54.51 -2.08
C GLY B 345 11.04 -53.47 -3.14
N ASP B 346 10.04 -53.19 -3.96
CA ASP B 346 10.14 -52.35 -5.18
C ASP B 346 9.54 -50.95 -4.91
N HIS B 347 9.06 -50.68 -3.69
CA HIS B 347 8.20 -49.49 -3.44
C HIS B 347 8.83 -48.56 -2.38
N ASN B 348 10.14 -48.42 -2.42
CA ASN B 348 10.80 -47.41 -1.59
C ASN B 348 10.43 -47.61 -0.12
N GLY B 349 10.32 -48.85 0.31
CA GLY B 349 10.05 -49.18 1.73
C GLY B 349 8.59 -49.00 2.14
N ALA B 350 7.73 -48.49 1.25
CA ALA B 350 6.33 -48.21 1.61
C ALA B 350 5.57 -49.45 2.06
N THR B 351 5.92 -50.62 1.53
CA THR B 351 5.22 -51.85 2.00
C THR B 351 5.48 -52.12 3.49
N TYR B 352 6.69 -51.85 3.96
CA TYR B 352 7.05 -52.01 5.39
C TYR B 352 6.26 -51.06 6.26
N PHE B 353 6.24 -49.79 5.88
CA PHE B 353 5.53 -48.78 6.69
C PHE B 353 4.03 -49.12 6.75
N GLN B 354 3.46 -49.53 5.62
CA GLN B 354 2.05 -49.97 5.57
C GLN B 354 1.86 -51.07 6.59
N HIS B 355 2.75 -52.06 6.56
CA HIS B 355 2.61 -53.23 7.47
C HIS B 355 2.75 -52.77 8.92
N GLN B 356 3.63 -51.82 9.24
CA GLN B 356 3.73 -51.37 10.65
C GLN B 356 2.35 -50.87 11.13
N ARG B 357 1.68 -50.10 10.28
CA ARG B 357 0.40 -49.48 10.68
C ARG B 357 -0.69 -50.54 10.70
N PHE B 358 -0.75 -51.41 9.70
CA PHE B 358 -1.75 -52.48 9.68
C PHE B 358 -1.52 -53.37 10.91
N MET B 359 -0.28 -53.75 11.21
CA MET B 359 -0.04 -54.65 12.37
C MET B 359 -0.55 -54.00 13.66
N ALA B 360 -0.29 -52.70 13.85
CA ALA B 360 -0.74 -51.96 15.07
C ALA B 360 -2.28 -52.06 15.17
N LEU B 361 -2.97 -51.93 14.02
CA LEU B 361 -4.46 -52.03 13.99
C LEU B 361 -4.91 -53.45 14.31
N VAL B 362 -4.28 -54.47 13.76
CA VAL B 362 -4.61 -55.88 14.12
C VAL B 362 -4.35 -56.12 15.61
N GLN B 363 -3.28 -55.54 16.17
CA GLN B 363 -2.91 -55.76 17.60
C GLN B 363 -3.84 -55.00 18.55
N GLY B 364 -4.53 -53.97 18.06
CA GLY B 364 -5.38 -53.08 18.86
C GLY B 364 -4.65 -51.90 19.46
N SER B 365 -3.37 -51.68 19.11
CA SER B 365 -2.60 -50.50 19.58
C SER B 365 -3.12 -49.25 18.84
N SER B 366 -3.68 -49.45 17.66
CA SER B 366 -4.31 -48.36 16.88
C SER B 366 -5.75 -48.75 16.57
N THR B 367 -6.59 -47.77 16.30
CA THR B 367 -7.98 -48.01 15.86
C THR B 367 -8.17 -47.47 14.42
N GLU B 368 -7.16 -46.84 13.83
CA GLU B 368 -7.37 -46.13 12.53
C GLU B 368 -7.07 -47.02 11.31
N THR B 369 -8.03 -47.23 10.41
CA THR B 369 -7.74 -47.81 9.08
C THR B 369 -7.38 -46.63 8.16
N GLU B 370 -6.11 -46.49 7.78
CA GLU B 370 -5.69 -45.24 7.09
C GLU B 370 -6.15 -45.25 5.63
N VAL B 371 -6.29 -46.43 5.03
CA VAL B 371 -6.75 -46.54 3.64
C VAL B 371 -7.95 -47.47 3.64
N SER B 372 -9.13 -46.88 3.64
CA SER B 372 -10.38 -47.63 3.89
C SER B 372 -10.88 -48.30 2.61
N PHE B 373 -11.89 -49.14 2.79
CA PHE B 373 -12.65 -49.69 1.64
C PHE B 373 -13.15 -48.54 0.77
N SER B 374 -13.70 -47.50 1.40
N SER B 374 -13.70 -47.51 1.41
CA SER B 374 -14.26 -46.33 0.67
CA SER B 374 -14.27 -46.35 0.67
C SER B 374 -13.17 -45.61 -0.11
C SER B 374 -13.17 -45.62 -0.11
N ASP B 375 -11.98 -45.49 0.48
CA ASP B 375 -10.83 -44.93 -0.25
C ASP B 375 -10.49 -45.80 -1.47
N GLY B 376 -10.47 -47.11 -1.28
CA GLY B 376 -10.18 -48.03 -2.39
C GLY B 376 -11.20 -47.92 -3.51
N LEU B 377 -12.47 -47.81 -3.12
CA LEU B 377 -13.58 -47.77 -4.09
C LEU B 377 -13.55 -46.43 -4.82
N TRP B 378 -13.32 -45.34 -4.13
CA TRP B 378 -13.17 -44.03 -4.80
C TRP B 378 -12.06 -44.09 -5.85
N ALA B 379 -10.90 -44.66 -5.51
CA ALA B 379 -9.75 -44.67 -6.44
C ALA B 379 -10.10 -45.51 -7.66
N VAL B 380 -10.83 -46.60 -7.48
CA VAL B 380 -11.27 -47.46 -8.62
C VAL B 380 -12.29 -46.70 -9.46
N ARG B 381 -13.24 -46.02 -8.83
CA ARG B 381 -14.29 -45.30 -9.57
C ARG B 381 -13.64 -44.16 -10.39
N MET B 382 -12.62 -43.52 -9.84
CA MET B 382 -11.92 -42.46 -10.58
C MET B 382 -11.21 -43.09 -11.80
N GLY B 383 -10.58 -44.27 -11.66
CA GLY B 383 -9.93 -44.91 -12.82
C GLY B 383 -10.96 -45.37 -13.86
N MET B 384 -12.11 -45.88 -13.40
CA MET B 384 -13.18 -46.28 -14.34
C MET B 384 -13.71 -45.03 -15.06
N ALA B 385 -13.90 -43.92 -14.38
CA ALA B 385 -14.33 -42.66 -15.03
C ALA B 385 -13.32 -42.18 -16.07
N ALA B 386 -12.03 -42.24 -15.76
CA ALA B 386 -10.96 -41.83 -16.67
C ALA B 386 -11.02 -42.73 -17.91
N GLN B 387 -11.13 -44.03 -17.72
CA GLN B 387 -11.20 -44.94 -18.89
C GLN B 387 -12.43 -44.62 -19.75
N HIS B 388 -13.59 -44.40 -19.13
CA HIS B 388 -14.83 -44.08 -19.87
C HIS B 388 -14.64 -42.75 -20.61
N SER B 389 -14.04 -41.76 -19.96
CA SER B 389 -13.85 -40.42 -20.54
C SER B 389 -12.91 -40.58 -21.75
N ALA B 390 -11.83 -41.35 -21.61
CA ALA B 390 -10.85 -41.52 -22.72
C ALA B 390 -11.52 -42.28 -23.89
N ALA B 391 -12.39 -43.26 -23.60
CA ALA B 391 -13.03 -44.08 -24.62
C ALA B 391 -14.08 -43.27 -25.35
N THR B 392 -14.68 -42.28 -24.72
CA THR B 392 -15.83 -41.54 -25.32
C THR B 392 -15.43 -40.14 -25.78
N GLY B 393 -14.28 -39.62 -25.39
CA GLY B 393 -13.93 -38.23 -25.66
C GLY B 393 -14.84 -37.23 -24.94
N GLN B 394 -15.41 -37.60 -23.79
CA GLN B 394 -16.35 -36.72 -23.05
C GLN B 394 -15.96 -36.69 -21.58
N ALA B 395 -16.32 -35.58 -20.95
CA ALA B 395 -16.13 -35.45 -19.49
C ALA B 395 -17.07 -36.45 -18.79
N VAL B 396 -16.66 -36.93 -17.63
CA VAL B 396 -17.49 -37.87 -16.82
C VAL B 396 -17.67 -37.30 -15.42
N THR B 397 -18.93 -37.18 -14.98
N THR B 397 -18.94 -37.17 -14.99
CA THR B 397 -19.23 -36.62 -13.64
CA THR B 397 -19.23 -36.62 -13.63
C THR B 397 -19.18 -37.73 -12.58
C THR B 397 -19.18 -37.73 -12.59
N LEU B 398 -18.69 -37.40 -11.38
CA LEU B 398 -18.68 -38.39 -10.28
C LEU B 398 -19.45 -37.77 -9.11
N GLU B 399 -20.19 -38.60 -8.39
CA GLU B 399 -20.91 -38.12 -7.18
C GLU B 399 -20.77 -39.18 -6.07
N GLN C 37 19.99 -4.83 -49.63
CA GLN C 37 19.33 -3.51 -49.32
C GLN C 37 18.89 -3.47 -47.84
N LEU C 38 18.86 -2.28 -47.25
CA LEU C 38 18.34 -2.16 -45.86
C LEU C 38 16.87 -2.54 -45.81
N VAL C 39 16.44 -3.08 -44.68
CA VAL C 39 15.00 -3.37 -44.47
C VAL C 39 14.52 -2.31 -43.48
N ARG C 40 13.51 -1.57 -43.87
CA ARG C 40 12.98 -0.48 -43.02
C ARG C 40 11.65 -0.95 -42.43
N TYR C 41 11.58 -0.90 -41.13
CA TYR C 41 10.36 -1.35 -40.46
C TYR C 41 9.47 -0.24 -39.95
N GLY C 42 8.18 -0.43 -40.09
CA GLY C 42 7.20 0.39 -39.35
C GLY C 42 6.65 -0.40 -38.15
N ILE C 43 6.48 0.25 -36.99
CA ILE C 43 5.93 -0.40 -35.77
C ILE C 43 4.61 0.29 -35.38
N ILE C 44 3.56 -0.49 -35.24
CA ILE C 44 2.22 -0.04 -34.79
C ILE C 44 1.99 -0.55 -33.37
N GLY C 45 2.10 0.35 -32.40
CA GLY C 45 2.04 -0.05 -30.98
C GLY C 45 3.44 -0.32 -30.47
N CYS C 46 3.90 0.51 -29.52
CA CYS C 46 5.30 0.45 -29.10
C CYS C 46 5.41 0.69 -27.60
N GLY C 47 4.80 -0.25 -26.87
CA GLY C 47 4.98 -0.39 -25.42
C GLY C 47 6.05 -1.42 -25.10
N MET C 48 5.84 -2.23 -24.06
CA MET C 48 6.93 -3.11 -23.61
C MET C 48 7.39 -3.99 -24.77
N MET C 49 6.46 -4.66 -25.42
CA MET C 49 6.90 -5.64 -26.45
C MET C 49 7.34 -4.91 -27.74
N GLY C 50 6.73 -3.77 -28.08
CA GLY C 50 7.21 -2.98 -29.24
C GLY C 50 8.64 -2.43 -29.01
N GLN C 51 8.95 -2.10 -27.73
CA GLN C 51 10.33 -1.73 -27.34
C GLN C 51 11.26 -2.94 -27.49
N GLU C 52 10.78 -4.15 -27.22
CA GLU C 52 11.63 -5.37 -27.38
C GLU C 52 11.87 -5.62 -28.89
N HIS C 53 10.86 -5.37 -29.71
CA HIS C 53 11.03 -5.37 -31.18
C HIS C 53 12.10 -4.32 -31.52
N LEU C 54 11.99 -3.09 -30.99
CA LEU C 54 12.96 -2.01 -31.42
C LEU C 54 14.38 -2.51 -31.11
N ARG C 55 14.59 -3.07 -29.91
CA ARG C 55 15.96 -3.41 -29.48
C ARG C 55 16.51 -4.56 -30.29
N ASN C 56 15.67 -5.52 -30.67
CA ASN C 56 16.14 -6.71 -31.41
C ASN C 56 16.34 -6.37 -32.88
N ILE C 57 15.49 -5.52 -33.48
CA ILE C 57 15.71 -5.07 -34.89
C ILE C 57 17.06 -4.36 -34.91
N ALA C 58 17.38 -3.57 -33.89
CA ALA C 58 18.63 -2.77 -33.88
C ALA C 58 19.82 -3.73 -33.94
N LEU C 59 19.65 -5.01 -33.50
CA LEU C 59 20.79 -5.98 -33.48
C LEU C 59 21.01 -6.61 -34.86
N LEU C 60 19.99 -6.53 -35.74
CA LEU C 60 20.12 -7.13 -37.09
C LEU C 60 20.94 -6.21 -37.99
N ASP C 61 21.89 -6.76 -38.73
CA ASP C 61 22.63 -6.03 -39.80
C ASP C 61 21.62 -5.70 -40.90
N GLY C 62 21.54 -4.43 -41.29
CA GLY C 62 20.79 -4.02 -42.49
C GLY C 62 19.32 -3.77 -42.22
N ALA C 63 18.92 -3.72 -40.96
CA ALA C 63 17.52 -3.44 -40.59
C ALA C 63 17.49 -2.17 -39.76
N GLY C 64 16.37 -1.47 -39.86
CA GLY C 64 16.16 -0.27 -39.04
C GLY C 64 14.69 0.05 -38.91
N VAL C 65 14.32 0.69 -37.80
CA VAL C 65 12.93 1.17 -37.59
C VAL C 65 12.89 2.59 -38.16
N SER C 66 12.02 2.85 -39.13
N SER C 66 12.03 2.85 -39.14
CA SER C 66 11.90 4.21 -39.72
CA SER C 66 11.90 4.20 -39.74
C SER C 66 10.60 4.90 -39.30
C SER C 66 10.61 4.90 -39.30
N ALA C 67 9.65 4.16 -38.75
CA ALA C 67 8.32 4.72 -38.47
C ALA C 67 7.67 4.01 -37.29
N ILE C 68 7.03 4.79 -36.44
CA ILE C 68 6.30 4.29 -35.27
C ILE C 68 4.98 5.02 -35.10
N PHE C 69 3.91 4.30 -34.82
CA PHE C 69 2.66 4.88 -34.28
C PHE C 69 2.50 4.37 -32.84
N GLU C 70 2.60 5.27 -31.87
CA GLU C 70 2.40 4.93 -30.45
C GLU C 70 1.65 6.10 -29.83
N PRO C 71 0.36 5.92 -29.46
CA PRO C 71 -0.45 7.04 -28.97
C PRO C 71 -0.17 7.50 -27.52
N ASP C 72 0.59 6.73 -26.74
CA ASP C 72 0.89 7.05 -25.32
C ASP C 72 2.18 7.87 -25.20
N ALA C 73 2.13 9.10 -24.62
CA ALA C 73 3.29 10.00 -24.53
C ALA C 73 4.50 9.31 -23.86
N ALA C 74 4.30 8.68 -22.70
CA ALA C 74 5.43 8.08 -21.96
C ALA C 74 6.09 7.01 -22.85
N MET C 75 5.30 6.26 -23.57
CA MET C 75 5.85 5.17 -24.41
C MET C 75 6.54 5.85 -25.60
N GLN C 76 6.00 6.98 -26.07
CA GLN C 76 6.63 7.66 -27.21
C GLN C 76 8.03 8.11 -26.76
N ARG C 77 8.14 8.63 -25.52
CA ARG C 77 9.44 9.11 -25.02
C ARG C 77 10.40 7.92 -24.93
N ALA C 78 9.90 6.74 -24.47
CA ALA C 78 10.71 5.52 -24.24
C ALA C 78 11.21 4.92 -25.58
N ALA C 79 10.31 4.87 -26.55
CA ALA C 79 10.61 4.40 -27.93
C ALA C 79 11.61 5.34 -28.60
N HIS C 80 11.41 6.67 -28.47
CA HIS C 80 12.29 7.69 -29.06
C HIS C 80 13.69 7.53 -28.46
N ALA C 81 13.84 7.24 -27.16
CA ALA C 81 15.15 7.08 -26.51
C ALA C 81 15.88 5.82 -27.04
N ILE C 82 15.10 4.78 -27.41
CA ILE C 82 15.69 3.53 -27.96
C ILE C 82 16.08 3.77 -29.42
N ALA C 83 15.16 4.28 -30.23
CA ALA C 83 15.32 4.40 -31.69
C ALA C 83 15.22 5.85 -32.09
N PRO C 84 16.24 6.68 -31.81
CA PRO C 84 16.15 8.11 -32.03
C PRO C 84 15.91 8.56 -33.49
N GLN C 85 16.20 7.72 -34.46
CA GLN C 85 16.08 8.15 -35.87
C GLN C 85 14.66 7.88 -36.37
N ALA C 86 13.84 7.11 -35.65
CA ALA C 86 12.47 6.71 -36.08
C ALA C 86 11.55 7.92 -36.08
N ALA C 87 10.74 8.10 -37.14
CA ALA C 87 9.68 9.15 -37.16
C ALA C 87 8.42 8.61 -36.50
N PHE C 88 7.75 9.49 -35.74
CA PHE C 88 6.44 9.19 -35.14
C PHE C 88 5.32 9.76 -36.02
N TYR C 89 4.22 9.03 -36.09
CA TYR C 89 3.03 9.40 -36.87
C TYR C 89 1.83 9.45 -35.96
N PRO C 90 0.87 10.35 -36.25
CA PRO C 90 -0.29 10.50 -35.37
C PRO C 90 -1.34 9.41 -35.59
N SER C 91 -1.22 8.56 -36.60
CA SER C 91 -2.22 7.49 -36.86
C SER C 91 -1.60 6.43 -37.77
N VAL C 92 -2.23 5.27 -37.78
CA VAL C 92 -1.89 4.22 -38.78
C VAL C 92 -2.04 4.81 -40.21
N GLN C 93 -3.15 5.49 -40.50
CA GLN C 93 -3.34 6.08 -41.84
C GLN C 93 -2.13 6.93 -42.23
N ALA C 94 -1.65 7.78 -41.33
CA ALA C 94 -0.59 8.78 -41.65
C ALA C 94 0.71 8.01 -41.88
N LEU C 95 0.99 7.01 -41.05
CA LEU C 95 2.21 6.18 -41.20
C LEU C 95 2.17 5.45 -42.56
N LEU C 96 1.06 4.84 -42.92
CA LEU C 96 0.99 4.06 -44.17
C LEU C 96 1.01 5.00 -45.37
N ALA C 97 0.51 6.24 -45.23
CA ALA C 97 0.46 7.17 -46.36
C ALA C 97 1.89 7.56 -46.80
N SER C 98 2.77 7.86 -45.83
CA SER C 98 4.02 8.62 -46.11
C SER C 98 5.29 7.82 -45.82
N ALA C 99 5.29 6.79 -44.97
CA ALA C 99 6.57 6.20 -44.49
C ALA C 99 7.21 5.40 -45.64
N ASP C 100 8.55 5.40 -45.68
CA ASP C 100 9.30 4.47 -46.58
C ASP C 100 9.64 3.23 -45.77
N ILE C 101 8.77 2.24 -45.82
CA ILE C 101 8.98 0.99 -45.03
C ILE C 101 8.79 -0.18 -45.96
N ASP C 102 9.41 -1.29 -45.61
CA ASP C 102 9.31 -2.58 -46.32
C ASP C 102 8.35 -3.55 -45.62
N CYS C 103 8.09 -3.34 -44.32
CA CYS C 103 7.33 -4.32 -43.50
C CYS C 103 6.87 -3.66 -42.21
N LEU C 104 5.89 -4.29 -41.57
CA LEU C 104 5.23 -3.70 -40.39
C LEU C 104 5.26 -4.72 -39.26
N VAL C 105 5.37 -4.21 -38.05
CA VAL C 105 5.16 -4.98 -36.82
C VAL C 105 3.93 -4.40 -36.12
N ILE C 106 2.99 -5.24 -35.73
CA ILE C 106 1.86 -4.84 -34.87
C ILE C 106 2.17 -5.33 -33.46
N ALA C 107 2.31 -4.39 -32.53
CA ALA C 107 2.52 -4.70 -31.09
C ALA C 107 1.58 -3.84 -30.25
N SER C 108 0.39 -3.58 -30.79
CA SER C 108 -0.74 -2.99 -30.05
C SER C 108 -1.41 -4.02 -29.13
N PRO C 109 -2.30 -3.59 -28.21
CA PRO C 109 -3.01 -4.55 -27.35
C PRO C 109 -3.79 -5.56 -28.19
N ASN C 110 -3.95 -6.78 -27.62
CA ASN C 110 -4.57 -7.95 -28.30
C ASN C 110 -5.84 -7.52 -29.06
N TYR C 111 -6.75 -6.81 -28.42
CA TYR C 111 -8.10 -6.55 -29.00
C TYR C 111 -7.98 -5.63 -30.25
N CYS C 112 -6.83 -4.99 -30.51
CA CYS C 112 -6.64 -4.05 -31.63
C CYS C 112 -6.24 -4.81 -32.90
N HIS C 113 -5.74 -6.06 -32.76
CA HIS C 113 -4.96 -6.67 -33.87
C HIS C 113 -5.86 -6.84 -35.10
N ALA C 114 -7.06 -7.42 -34.94
CA ALA C 114 -7.90 -7.78 -36.11
C ALA C 114 -8.29 -6.51 -36.90
N ASP C 115 -8.72 -5.46 -36.20
CA ASP C 115 -9.08 -4.19 -36.87
C ASP C 115 -7.84 -3.61 -37.59
N GLN C 116 -6.64 -3.65 -36.99
CA GLN C 116 -5.44 -3.07 -37.65
C GLN C 116 -5.04 -3.92 -38.87
N ILE C 117 -5.17 -5.26 -38.84
CA ILE C 117 -4.90 -6.09 -40.04
C ILE C 117 -5.86 -5.63 -41.14
N VAL C 118 -7.14 -5.50 -40.82
CA VAL C 118 -8.16 -5.17 -41.85
C VAL C 118 -7.83 -3.77 -42.40
N GLU C 119 -7.41 -2.85 -41.53
CA GLU C 119 -7.09 -1.46 -41.94
C GLU C 119 -5.87 -1.49 -42.89
N ILE C 120 -4.81 -2.20 -42.51
CA ILE C 120 -3.58 -2.28 -43.33
C ILE C 120 -4.00 -2.90 -44.67
N ALA C 121 -4.77 -4.01 -44.66
CA ALA C 121 -5.22 -4.68 -45.90
C ALA C 121 -5.93 -3.68 -46.84
N ALA C 122 -6.72 -2.74 -46.31
CA ALA C 122 -7.51 -1.77 -47.09
C ALA C 122 -6.64 -0.60 -47.55
N THR C 123 -5.45 -0.41 -46.96
CA THR C 123 -4.67 0.86 -47.05
C THR C 123 -3.35 0.65 -47.80
N ARG C 124 -2.57 -0.34 -47.39
CA ARG C 124 -1.20 -0.53 -47.89
C ARG C 124 -0.68 -1.90 -47.46
N PRO C 125 -1.01 -2.96 -48.20
CA PRO C 125 -0.55 -4.30 -47.82
C PRO C 125 0.96 -4.42 -47.93
N LEU C 126 1.58 -4.75 -46.81
CA LEU C 126 3.00 -5.00 -46.64
C LEU C 126 3.17 -6.31 -45.87
N PRO C 127 4.36 -6.91 -45.99
CA PRO C 127 4.74 -8.02 -45.11
C PRO C 127 4.47 -7.60 -43.66
N LEU C 128 3.76 -8.44 -42.91
CA LEU C 128 3.26 -8.05 -41.58
C LEU C 128 3.70 -9.08 -40.54
N LEU C 129 4.34 -8.63 -39.48
CA LEU C 129 4.64 -9.43 -38.26
C LEU C 129 3.63 -8.98 -37.19
N VAL C 130 2.54 -9.76 -37.01
CA VAL C 130 1.47 -9.41 -36.05
C VAL C 130 1.74 -10.11 -34.72
N GLU C 131 1.74 -9.34 -33.63
CA GLU C 131 1.94 -9.98 -32.31
C GLU C 131 0.78 -10.94 -32.02
N LYS C 132 1.10 -11.97 -31.24
CA LYS C 132 0.03 -12.87 -30.78
C LYS C 132 -0.76 -12.13 -29.70
N PRO C 133 -1.97 -12.56 -29.37
CA PRO C 133 -2.69 -13.47 -30.23
C PRO C 133 -3.14 -12.78 -31.53
N LEU C 134 -3.31 -13.56 -32.60
CA LEU C 134 -3.76 -13.01 -33.90
C LEU C 134 -5.02 -12.15 -33.70
N LEU C 135 -5.96 -12.67 -32.90
CA LEU C 135 -7.22 -11.94 -32.67
C LEU C 135 -7.79 -12.44 -31.32
N THR C 136 -8.79 -11.74 -30.80
CA THR C 136 -9.39 -12.03 -29.48
C THR C 136 -10.87 -12.40 -29.59
N ASP C 137 -11.57 -11.84 -30.57
CA ASP C 137 -13.03 -11.92 -30.66
C ASP C 137 -13.37 -12.99 -31.70
N PRO C 138 -14.07 -14.07 -31.31
CA PRO C 138 -14.51 -15.09 -32.30
C PRO C 138 -15.30 -14.52 -33.48
N ALA C 139 -16.02 -13.40 -33.25
CA ALA C 139 -16.83 -12.75 -34.30
C ALA C 139 -15.92 -12.25 -35.43
N ASP C 140 -14.62 -12.12 -35.18
CA ASP C 140 -13.67 -11.57 -36.19
C ASP C 140 -13.12 -12.69 -37.06
N ILE C 141 -13.33 -13.96 -36.72
CA ILE C 141 -12.61 -15.06 -37.40
C ILE C 141 -12.97 -15.07 -38.89
N ALA C 142 -14.24 -14.99 -39.25
CA ALA C 142 -14.67 -15.10 -40.67
C ALA C 142 -14.04 -13.96 -41.48
N ARG C 143 -14.20 -12.71 -41.00
CA ARG C 143 -13.75 -11.49 -41.76
C ARG C 143 -12.22 -11.51 -41.87
N LEU C 144 -11.50 -11.92 -40.83
CA LEU C 144 -10.03 -11.92 -40.88
C LEU C 144 -9.52 -13.03 -41.80
N THR C 145 -10.17 -14.18 -41.77
CA THR C 145 -9.84 -15.30 -42.70
C THR C 145 -9.98 -14.80 -44.14
N GLN C 146 -11.08 -14.09 -44.46
CA GLN C 146 -11.34 -13.55 -45.83
C GLN C 146 -10.27 -12.48 -46.15
N THR C 147 -9.92 -11.65 -45.16
CA THR C 147 -8.85 -10.65 -45.36
C THR C 147 -7.53 -11.35 -45.73
N ALA C 148 -7.16 -12.38 -44.98
CA ALA C 148 -5.86 -13.04 -45.13
C ALA C 148 -5.83 -13.74 -46.50
N GLU C 149 -6.94 -14.37 -46.91
CA GLU C 149 -7.05 -15.04 -48.22
C GLU C 149 -6.72 -14.06 -49.35
N ARG C 150 -7.13 -12.81 -49.24
CA ARG C 150 -6.98 -11.81 -50.33
C ARG C 150 -5.71 -10.97 -50.13
N TYR C 151 -4.96 -11.14 -49.05
CA TYR C 151 -3.84 -10.22 -48.69
C TYR C 151 -2.60 -10.56 -49.52
N PRO C 152 -2.05 -9.62 -50.29
CA PRO C 152 -1.03 -9.98 -51.29
C PRO C 152 0.40 -10.00 -50.76
N ALA C 153 0.59 -10.07 -49.45
CA ALA C 153 1.94 -10.06 -48.84
C ALA C 153 1.93 -11.05 -47.69
N PRO C 154 3.09 -11.39 -47.12
CA PRO C 154 3.13 -12.35 -46.02
C PRO C 154 2.41 -11.81 -44.75
N ILE C 155 1.80 -12.72 -44.02
CA ILE C 155 1.35 -12.44 -42.63
C ILE C 155 2.01 -13.48 -41.75
N TRP C 156 2.86 -13.00 -40.86
CA TRP C 156 3.60 -13.83 -39.90
C TRP C 156 3.05 -13.53 -38.52
N VAL C 157 2.61 -14.54 -37.78
CA VAL C 157 2.14 -14.29 -36.39
C VAL C 157 3.31 -14.54 -35.43
N ALA C 158 3.56 -13.55 -34.55
CA ALA C 158 4.84 -13.44 -33.83
C ALA C 158 4.86 -14.36 -32.60
N MET C 159 4.64 -15.65 -32.82
CA MET C 159 4.76 -16.70 -31.76
C MET C 159 6.19 -17.23 -31.85
N GLU C 160 7.06 -16.62 -31.02
CA GLU C 160 8.52 -16.74 -31.18
C GLU C 160 9.13 -17.90 -30.36
N TYR C 161 8.35 -18.60 -29.54
CA TYR C 161 8.91 -19.55 -28.56
C TYR C 161 9.77 -20.60 -29.23
N ARG C 162 9.41 -21.04 -30.43
CA ARG C 162 10.19 -22.09 -31.15
C ARG C 162 11.66 -21.67 -31.32
N TYR C 163 11.98 -20.39 -31.18
CA TYR C 163 13.34 -19.88 -31.43
C TYR C 163 14.10 -19.68 -30.13
N MET C 164 13.49 -19.87 -28.96
CA MET C 164 14.26 -19.86 -27.72
C MET C 164 15.26 -21.00 -27.81
N PRO C 165 16.57 -20.75 -27.64
CA PRO C 165 17.55 -21.81 -27.88
C PRO C 165 17.24 -23.19 -27.27
N PRO C 166 16.81 -23.34 -25.97
CA PRO C 166 16.47 -24.67 -25.44
C PRO C 166 15.30 -25.33 -26.18
N ILE C 167 14.35 -24.54 -26.58
CA ILE C 167 13.15 -25.04 -27.30
C ILE C 167 13.56 -25.44 -28.72
N ALA C 168 14.33 -24.61 -29.38
CA ALA C 168 14.82 -24.90 -30.75
C ALA C 168 15.61 -26.23 -30.69
N ALA C 169 16.46 -26.39 -29.64
CA ALA C 169 17.27 -27.63 -29.48
C ALA C 169 16.35 -28.86 -29.34
N LEU C 170 15.29 -28.74 -28.52
CA LEU C 170 14.35 -29.85 -28.36
C LEU C 170 13.69 -30.13 -29.72
N LEU C 171 13.28 -29.11 -30.45
CA LEU C 171 12.56 -29.36 -31.73
C LEU C 171 13.47 -30.10 -32.72
N ALA C 172 14.77 -29.76 -32.74
CA ALA C 172 15.72 -30.28 -33.75
C ALA C 172 16.01 -31.74 -33.40
N ARG C 173 15.91 -32.10 -32.13
CA ARG C 173 16.39 -33.45 -31.70
C ARG C 173 15.23 -34.40 -31.37
N ALA C 174 13.99 -33.91 -31.24
CA ALA C 174 12.89 -34.70 -30.63
C ALA C 174 12.58 -35.96 -31.45
N GLU C 175 12.62 -35.89 -32.77
CA GLU C 175 12.24 -37.05 -33.63
C GLU C 175 13.26 -38.17 -33.40
N ALA C 176 14.54 -37.80 -33.42
CA ALA C 176 15.63 -38.80 -33.33
C ALA C 176 15.62 -39.47 -31.94
N VAL C 177 15.40 -38.68 -30.91
CA VAL C 177 15.43 -39.18 -29.51
C VAL C 177 14.20 -40.06 -29.27
N THR C 178 13.02 -39.58 -29.63
CA THR C 178 11.73 -40.21 -29.26
C THR C 178 11.39 -41.40 -30.14
N GLY C 179 11.81 -41.41 -31.40
CA GLY C 179 11.33 -42.38 -32.39
C GLY C 179 9.91 -42.10 -32.81
N GLY C 180 9.50 -40.87 -32.62
CA GLY C 180 8.12 -40.46 -32.90
C GLY C 180 7.44 -39.96 -31.65
N ILE C 181 6.85 -38.78 -31.70
CA ILE C 181 6.32 -38.16 -30.46
C ILE C 181 4.87 -38.62 -30.22
N LYS C 182 4.65 -39.41 -29.16
CA LYS C 182 3.31 -39.92 -28.77
C LYS C 182 2.63 -38.95 -27.80
N MET C 183 3.42 -38.29 -26.97
CA MET C 183 2.89 -37.43 -25.88
C MET C 183 3.74 -36.17 -25.84
N LEU C 184 3.09 -35.01 -25.69
CA LEU C 184 3.86 -33.74 -25.49
C LEU C 184 3.24 -32.99 -24.31
N SER C 185 4.05 -32.71 -23.31
CA SER C 185 3.60 -32.03 -22.08
C SER C 185 4.31 -30.67 -21.96
N LEU C 186 3.53 -29.63 -21.71
CA LEU C 186 4.11 -28.28 -21.56
C LEU C 186 3.58 -27.68 -20.25
N ARG C 187 4.47 -27.06 -19.50
CA ARG C 187 4.10 -26.45 -18.20
C ARG C 187 4.64 -25.02 -18.14
N GLU C 188 3.77 -24.10 -17.75
CA GLU C 188 4.19 -22.68 -17.60
C GLU C 188 3.95 -22.33 -16.13
N HIS C 189 5.03 -22.11 -15.40
CA HIS C 189 4.94 -21.71 -13.98
C HIS C 189 5.60 -20.33 -13.88
N ARG C 190 4.81 -19.33 -13.59
CA ARG C 190 5.39 -17.98 -13.56
C ARG C 190 4.62 -17.06 -12.64
N PHE C 191 5.05 -15.81 -12.64
CA PHE C 191 4.44 -14.74 -11.82
C PHE C 191 3.27 -14.09 -12.54
N PRO C 192 2.42 -13.38 -11.80
CA PRO C 192 1.19 -12.80 -12.38
C PRO C 192 1.46 -11.84 -13.54
N PHE C 193 0.46 -11.68 -14.39
CA PHE C 193 0.50 -10.72 -15.51
C PHE C 193 0.97 -9.34 -15.01
N LEU C 194 1.95 -8.77 -15.72
CA LEU C 194 2.46 -7.43 -15.48
C LEU C 194 1.38 -6.36 -15.76
N GLU C 195 1.62 -5.22 -15.15
CA GLU C 195 0.82 -3.98 -15.37
C GLU C 195 1.18 -3.39 -16.74
N LYS C 196 0.16 -3.02 -17.49
CA LYS C 196 0.27 -2.60 -18.90
C LYS C 196 -0.33 -1.22 -19.07
N VAL C 197 -0.11 -0.65 -20.25
CA VAL C 197 -0.62 0.72 -20.55
C VAL C 197 -2.16 0.67 -20.59
N GLY C 198 -2.86 1.56 -19.83
CA GLY C 198 -4.32 1.55 -19.72
C GLY C 198 -4.86 0.25 -19.09
N ASP C 199 -3.98 -0.52 -18.42
CA ASP C 199 -4.35 -1.75 -17.65
C ASP C 199 -5.09 -2.75 -18.56
N TRP C 200 -4.73 -2.79 -19.83
CA TRP C 200 -5.60 -3.49 -20.82
C TRP C 200 -5.66 -4.99 -20.53
N ASN C 201 -4.63 -5.58 -19.93
CA ASN C 201 -4.53 -7.07 -19.90
C ASN C 201 -5.22 -7.64 -18.65
N ARG C 202 -6.11 -6.87 -18.02
CA ARG C 202 -6.84 -7.32 -16.80
C ARG C 202 -8.27 -7.81 -17.12
N PHE C 203 -8.69 -7.81 -18.42
CA PHE C 203 -10.06 -8.19 -18.79
C PHE C 203 -10.07 -9.04 -20.06
N ASN C 204 -10.84 -10.12 -20.02
CA ASN C 204 -11.02 -11.10 -21.11
C ASN C 204 -11.42 -10.39 -22.43
N VAL C 205 -12.30 -9.39 -22.37
CA VAL C 205 -12.74 -8.69 -23.63
C VAL C 205 -11.53 -8.04 -24.31
N ASN C 206 -10.51 -7.67 -23.53
CA ASN C 206 -9.28 -7.04 -24.07
C ASN C 206 -8.26 -8.11 -24.49
N THR C 207 -8.19 -9.23 -23.79
CA THR C 207 -7.04 -10.17 -23.98
C THR C 207 -7.44 -11.30 -24.90
N GLY C 208 -8.73 -11.64 -24.95
CA GLY C 208 -9.22 -12.92 -25.54
C GLY C 208 -9.34 -14.05 -24.52
N GLY C 209 -8.96 -13.79 -23.27
CA GLY C 209 -8.87 -14.81 -22.23
C GLY C 209 -7.45 -15.31 -22.07
N THR C 210 -7.12 -15.87 -20.92
CA THR C 210 -5.71 -16.21 -20.61
C THR C 210 -5.17 -17.32 -21.52
N PHE C 211 -5.99 -18.30 -21.89
CA PHE C 211 -5.48 -19.40 -22.76
C PHE C 211 -5.18 -18.85 -24.16
N VAL C 212 -5.91 -17.80 -24.59
CA VAL C 212 -5.65 -17.15 -25.89
C VAL C 212 -4.41 -16.27 -25.76
N GLU C 213 -4.36 -15.41 -24.75
CA GLU C 213 -3.32 -14.36 -24.57
C GLU C 213 -1.98 -15.04 -24.29
N LYS C 214 -1.92 -15.90 -23.27
CA LYS C 214 -0.62 -16.46 -22.81
C LYS C 214 -0.30 -17.83 -23.42
N CYS C 215 -1.32 -18.64 -23.70
CA CYS C 215 -1.05 -20.05 -24.08
C CYS C 215 -1.12 -20.33 -25.59
N CYS C 216 -1.45 -19.32 -26.38
CA CYS C 216 -1.40 -19.53 -27.85
C CYS C 216 -0.02 -20.08 -28.25
N HIS C 217 1.07 -19.58 -27.64
CA HIS C 217 2.44 -20.10 -27.87
C HIS C 217 2.44 -21.64 -27.75
N PHE C 218 1.91 -22.16 -26.64
CA PHE C 218 2.03 -23.60 -26.35
C PHE C 218 1.17 -24.42 -27.29
N PHE C 219 -0.03 -23.91 -27.64
CA PHE C 219 -0.92 -24.63 -28.60
C PHE C 219 -0.19 -24.73 -29.94
N ASP C 220 0.46 -23.63 -30.34
CA ASP C 220 1.17 -23.60 -31.66
C ASP C 220 2.35 -24.60 -31.59
N LEU C 221 3.04 -24.65 -30.44
CA LEU C 221 4.15 -25.63 -30.28
C LEU C 221 3.60 -27.05 -30.42
N MET C 222 2.40 -27.34 -29.92
CA MET C 222 1.81 -28.69 -30.04
C MET C 222 1.69 -29.03 -31.53
N ARG C 223 1.16 -28.12 -32.31
CA ARG C 223 0.98 -28.37 -33.78
C ARG C 223 2.34 -28.51 -34.46
N LEU C 224 3.33 -27.70 -34.08
CA LEU C 224 4.67 -27.73 -34.70
C LEU C 224 5.35 -29.07 -34.43
N VAL C 225 5.29 -29.54 -33.20
CA VAL C 225 5.93 -30.82 -32.80
C VAL C 225 5.17 -31.96 -33.43
N LEU C 226 3.85 -32.00 -33.29
CA LEU C 226 3.08 -33.21 -33.65
C LEU C 226 2.75 -33.23 -35.14
N ARG C 227 2.81 -32.09 -35.83
CA ARG C 227 2.60 -32.06 -37.30
C ARG C 227 1.22 -32.61 -37.63
N ARG C 228 0.26 -32.32 -36.76
CA ARG C 228 -1.14 -32.70 -36.94
C ARG C 228 -2.00 -31.57 -36.37
N ASN C 229 -3.25 -31.54 -36.82
CA ASN C 229 -4.23 -30.58 -36.28
C ASN C 229 -4.96 -31.19 -35.08
N PRO C 230 -5.35 -30.36 -34.10
CA PRO C 230 -6.15 -30.85 -32.97
C PRO C 230 -7.59 -31.16 -33.37
N VAL C 231 -8.20 -32.13 -32.69
CA VAL C 231 -9.63 -32.50 -32.93
C VAL C 231 -10.47 -32.33 -31.67
N ARG C 232 -9.85 -32.23 -30.51
CA ARG C 232 -10.66 -32.19 -29.27
C ARG C 232 -9.85 -31.50 -28.17
N VAL C 233 -10.54 -30.73 -27.33
CA VAL C 233 -9.91 -30.05 -26.18
C VAL C 233 -10.71 -30.31 -24.92
N MET C 234 -10.03 -30.67 -23.83
N MET C 234 -10.03 -30.67 -23.83
CA MET C 234 -10.68 -30.83 -22.52
CA MET C 234 -10.68 -30.83 -22.52
C MET C 234 -9.86 -29.98 -21.55
C MET C 234 -9.86 -29.98 -21.54
N ALA C 235 -10.53 -29.15 -20.76
CA ALA C 235 -9.83 -28.24 -19.84
C ALA C 235 -10.52 -28.06 -18.50
N SER C 236 -9.69 -27.68 -17.54
CA SER C 236 -10.15 -27.22 -16.20
C SER C 236 -9.33 -25.96 -15.88
N ALA C 237 -10.02 -24.90 -15.53
CA ALA C 237 -9.33 -23.62 -15.25
C ALA C 237 -10.21 -22.71 -14.38
N ALA C 238 -9.53 -21.81 -13.67
CA ALA C 238 -10.19 -20.81 -12.83
C ALA C 238 -9.31 -19.59 -12.64
N GLN C 239 -9.93 -18.57 -12.08
CA GLN C 239 -9.23 -17.43 -11.45
C GLN C 239 -9.19 -17.74 -9.95
N SER C 240 -8.12 -18.36 -9.47
CA SER C 240 -8.03 -18.85 -8.07
C SER C 240 -7.39 -17.80 -7.14
N VAL C 241 -6.44 -17.02 -7.64
CA VAL C 241 -5.56 -16.17 -6.78
C VAL C 241 -5.47 -14.74 -7.32
N ASN C 242 -5.12 -14.60 -8.58
CA ASN C 242 -4.52 -13.31 -9.05
C ASN C 242 -5.57 -12.24 -9.38
N HIS C 243 -5.26 -11.00 -8.94
CA HIS C 243 -5.94 -9.74 -9.36
C HIS C 243 -7.36 -9.64 -8.78
N LEU C 244 -7.76 -10.55 -7.89
CA LEU C 244 -9.13 -10.56 -7.29
C LEU C 244 -9.37 -9.31 -6.42
N ASP C 245 -8.32 -8.66 -5.91
CA ASP C 245 -8.42 -7.47 -5.02
C ASP C 245 -8.27 -6.19 -5.86
N GLU C 246 -8.07 -6.32 -7.16
CA GLU C 246 -7.88 -5.11 -8.03
C GLU C 246 -9.24 -4.62 -8.54
N ARG C 247 -9.36 -3.28 -8.66
CA ARG C 247 -10.60 -2.66 -9.20
C ARG C 247 -10.25 -1.57 -10.22
N TYR C 248 -10.91 -1.64 -11.39
CA TYR C 248 -10.70 -0.68 -12.51
C TYR C 248 -12.07 -0.13 -12.91
N ASP C 249 -12.35 1.15 -12.62
CA ASP C 249 -13.74 1.68 -12.73
C ASP C 249 -14.69 0.70 -11.99
N GLY C 250 -14.29 0.23 -10.81
CA GLY C 250 -15.20 -0.57 -9.94
C GLY C 250 -15.33 -1.99 -10.45
N LYS C 251 -14.66 -2.36 -11.55
CA LYS C 251 -14.79 -3.72 -12.13
C LYS C 251 -13.62 -4.57 -11.62
N THR C 252 -13.86 -5.89 -11.40
CA THR C 252 -12.82 -6.84 -10.93
C THR C 252 -12.23 -7.63 -12.11
N PRO C 253 -10.90 -7.65 -12.29
CA PRO C 253 -10.31 -8.46 -13.36
C PRO C 253 -10.94 -9.86 -13.37
N ASP C 254 -11.15 -10.37 -14.57
CA ASP C 254 -11.95 -11.61 -14.77
C ASP C 254 -11.06 -12.65 -15.47
N ILE C 255 -9.76 -12.46 -15.55
CA ILE C 255 -8.83 -13.38 -16.30
C ILE C 255 -8.45 -14.63 -15.49
N LEU C 256 -8.44 -15.79 -16.11
CA LEU C 256 -7.97 -17.08 -15.50
C LEU C 256 -6.48 -16.97 -15.14
N ASP C 257 -6.09 -17.69 -14.09
CA ASP C 257 -4.68 -17.69 -13.64
C ASP C 257 -4.13 -19.12 -13.52
N ASN C 258 -4.91 -20.16 -13.75
CA ASN C 258 -4.34 -21.51 -13.67
C ASN C 258 -5.25 -22.49 -14.41
N GLY C 259 -4.64 -23.58 -14.87
CA GLY C 259 -5.46 -24.63 -15.45
C GLY C 259 -4.64 -25.73 -16.12
N TYR C 260 -5.38 -26.71 -16.59
CA TYR C 260 -4.87 -27.87 -17.35
C TYR C 260 -5.68 -27.97 -18.64
N VAL C 261 -5.01 -28.29 -19.72
CA VAL C 261 -5.65 -28.51 -21.02
C VAL C 261 -5.10 -29.82 -21.61
N ILE C 262 -6.01 -30.70 -21.99
CA ILE C 262 -5.68 -31.90 -22.77
C ILE C 262 -6.12 -31.65 -24.20
N VAL C 263 -5.23 -31.96 -25.15
CA VAL C 263 -5.52 -31.76 -26.58
C VAL C 263 -5.28 -33.08 -27.33
N ASP C 264 -6.33 -33.57 -27.99
CA ASP C 264 -6.22 -34.73 -28.89
C ASP C 264 -5.98 -34.27 -30.32
N PHE C 265 -5.13 -35.02 -31.04
CA PHE C 265 -4.71 -34.67 -32.42
C PHE C 265 -5.19 -35.73 -33.39
N GLU C 266 -5.36 -35.27 -34.64
CA GLU C 266 -5.83 -36.13 -35.74
C GLU C 266 -4.82 -37.29 -35.82
N GLY C 267 -5.33 -38.50 -35.72
CA GLY C 267 -4.52 -39.72 -35.83
C GLY C 267 -3.97 -40.22 -34.51
N GLY C 268 -4.12 -39.51 -33.40
CA GLY C 268 -4.01 -40.19 -32.08
C GLY C 268 -3.00 -39.57 -31.12
N ALA C 269 -2.16 -38.63 -31.52
CA ALA C 269 -1.18 -38.08 -30.54
C ALA C 269 -1.98 -37.25 -29.51
N ARG C 270 -1.34 -37.01 -28.38
CA ARG C 270 -1.97 -36.24 -27.30
C ARG C 270 -0.97 -35.28 -26.66
N ALA C 271 -1.49 -34.17 -26.21
CA ALA C 271 -0.65 -33.19 -25.53
C ALA C 271 -1.38 -32.64 -24.31
N MET C 272 -0.59 -32.08 -23.39
CA MET C 272 -1.18 -31.50 -22.16
C MET C 272 -0.45 -30.22 -21.84
N LEU C 273 -1.18 -29.17 -21.51
CA LEU C 273 -0.62 -27.90 -21.02
C LEU C 273 -0.99 -27.75 -19.55
N GLU C 274 -0.05 -27.37 -18.73
CA GLU C 274 -0.33 -26.93 -17.35
C GLU C 274 0.08 -25.46 -17.24
N LEU C 275 -0.82 -24.64 -16.72
CA LEU C 275 -0.54 -23.21 -16.48
C LEU C 275 -0.75 -22.83 -15.02
N CYS C 276 0.22 -22.08 -14.46
CA CYS C 276 0.03 -21.44 -13.16
C CYS C 276 0.72 -20.08 -13.17
N MET C 277 -0.07 -19.01 -13.01
CA MET C 277 0.45 -17.63 -13.00
C MET C 277 0.73 -17.17 -11.56
N PHE C 278 0.76 -18.07 -10.58
CA PHE C 278 1.17 -17.73 -9.18
C PHE C 278 2.23 -18.71 -8.69
N ALA C 279 3.08 -19.19 -9.62
CA ALA C 279 4.15 -20.12 -9.33
C ALA C 279 5.49 -19.44 -9.60
N ASP C 280 5.64 -18.22 -9.04
CA ASP C 280 6.83 -17.35 -9.20
C ASP C 280 8.13 -18.04 -8.81
N GLY C 281 8.08 -18.99 -7.88
CA GLY C 281 9.31 -19.58 -7.32
C GLY C 281 9.89 -20.71 -8.14
N ALA C 282 9.22 -21.11 -9.22
CA ALA C 282 9.73 -22.21 -10.05
C ALA C 282 11.05 -21.80 -10.71
N ARG C 283 12.07 -22.66 -10.65
CA ARG C 283 13.40 -22.35 -11.20
C ARG C 283 13.28 -22.11 -12.70
N TYR C 284 12.53 -22.97 -13.40
CA TYR C 284 12.28 -22.81 -14.85
C TYR C 284 10.83 -22.39 -15.10
N GLN C 285 10.67 -21.42 -15.97
CA GLN C 285 9.34 -20.86 -16.26
C GLN C 285 8.60 -21.83 -17.17
N GLU C 286 9.26 -22.31 -18.22
CA GLU C 286 8.64 -23.37 -19.06
C GLU C 286 9.40 -24.69 -18.96
N THR C 287 8.66 -25.79 -18.93
CA THR C 287 9.25 -27.13 -19.13
C THR C 287 8.43 -27.78 -20.23
N ILE C 288 9.10 -28.49 -21.14
CA ILE C 288 8.47 -29.16 -22.30
C ILE C 288 9.06 -30.57 -22.41
N SER C 289 8.20 -31.58 -22.36
CA SER C 289 8.57 -33.01 -22.37
C SER C 289 7.93 -33.68 -23.59
N ALA C 290 8.73 -34.32 -24.45
CA ALA C 290 8.25 -35.09 -25.61
C ALA C 290 8.67 -36.54 -25.41
N VAL C 291 7.72 -37.48 -25.53
CA VAL C 291 7.99 -38.90 -25.23
C VAL C 291 7.55 -39.75 -26.41
N GLY C 292 8.39 -40.70 -26.75
CA GLY C 292 8.00 -41.70 -27.77
C GLY C 292 8.64 -43.04 -27.42
N PRO C 293 8.49 -44.03 -28.30
CA PRO C 293 8.90 -45.39 -27.99
C PRO C 293 10.41 -45.62 -27.84
N ALA C 294 11.21 -44.67 -28.28
CA ALA C 294 12.68 -44.84 -28.22
C ALA C 294 13.29 -43.93 -27.14
N GLY C 295 12.50 -43.02 -26.60
CA GLY C 295 13.08 -42.10 -25.61
C GLY C 295 12.26 -40.87 -25.27
N LYS C 296 12.83 -40.06 -24.41
CA LYS C 296 12.16 -38.81 -23.97
C LYS C 296 13.15 -37.65 -24.06
N ILE C 297 12.62 -36.47 -24.36
CA ILE C 297 13.46 -35.25 -24.38
C ILE C 297 12.69 -34.17 -23.62
N GLU C 298 13.40 -33.41 -22.80
CA GLU C 298 12.76 -32.38 -21.93
C GLU C 298 13.61 -31.11 -22.05
N ALA C 299 12.96 -29.99 -22.24
CA ALA C 299 13.61 -28.65 -22.22
C ALA C 299 13.20 -27.93 -20.92
N PHE C 300 14.17 -27.21 -20.37
CA PHE C 300 14.06 -26.39 -19.13
C PHE C 300 14.39 -24.96 -19.50
N VAL C 301 13.38 -24.09 -19.43
CA VAL C 301 13.45 -22.74 -20.05
C VAL C 301 13.35 -21.71 -18.95
N PRO C 302 14.39 -20.92 -18.66
CA PRO C 302 14.31 -19.91 -17.63
C PRO C 302 13.36 -18.78 -18.06
N GLY C 303 12.87 -18.08 -17.02
CA GLY C 303 12.11 -16.86 -17.23
C GLY C 303 13.05 -15.68 -17.52
N PRO C 304 12.47 -14.49 -17.72
CA PRO C 304 13.25 -13.33 -18.08
C PRO C 304 14.29 -12.92 -16.97
N THR C 305 15.56 -12.79 -17.41
CA THR C 305 16.66 -12.59 -16.46
C THR C 305 16.35 -11.32 -15.61
N ARG C 306 15.57 -10.34 -16.09
CA ARG C 306 15.37 -9.11 -15.30
C ARG C 306 14.51 -9.41 -14.07
N PHE C 307 13.84 -10.58 -14.01
CA PHE C 307 12.96 -10.97 -12.86
C PHE C 307 13.62 -12.01 -11.95
N TRP C 308 14.92 -12.28 -12.17
CA TRP C 308 15.76 -13.10 -11.26
C TRP C 308 16.55 -12.19 -10.34
N PRO C 309 16.15 -12.00 -9.07
CA PRO C 309 16.90 -11.08 -8.20
C PRO C 309 18.42 -11.43 -8.00
N GLY C 310 19.27 -10.38 -8.07
CA GLY C 310 20.74 -10.54 -7.94
C GLY C 310 21.14 -11.28 -6.64
N ASP C 311 20.29 -11.07 -5.60
CA ASP C 311 20.43 -11.72 -4.27
C ASP C 311 20.22 -13.25 -4.40
N LEU C 312 19.63 -13.77 -5.47
CA LEU C 312 19.49 -15.24 -5.64
C LEU C 312 20.71 -15.88 -6.35
N GLY C 313 21.78 -15.15 -6.69
CA GLY C 313 22.89 -15.73 -7.46
C GLY C 313 22.51 -15.79 -8.98
N ALA C 314 23.36 -16.41 -9.83
CA ALA C 314 23.29 -16.38 -11.32
C ALA C 314 21.96 -16.99 -11.76
N PRO C 315 21.27 -16.44 -12.77
CA PRO C 315 20.00 -17.02 -13.20
C PRO C 315 20.20 -18.45 -13.73
N PRO C 316 19.18 -19.32 -13.68
CA PRO C 316 19.33 -20.68 -14.18
C PRO C 316 19.66 -20.71 -15.68
N VAL C 317 20.61 -21.57 -16.03
CA VAL C 317 21.02 -21.83 -17.44
C VAL C 317 19.95 -22.71 -18.10
N PRO C 318 19.56 -22.44 -19.36
CA PRO C 318 18.61 -23.32 -20.04
C PRO C 318 19.23 -24.69 -20.26
N LEU C 319 18.41 -25.73 -20.19
CA LEU C 319 18.92 -27.12 -20.36
C LEU C 319 18.02 -27.94 -21.30
N ILE C 320 18.61 -28.93 -21.93
CA ILE C 320 17.77 -30.04 -22.45
C ILE C 320 18.25 -31.32 -21.74
N GLU C 321 17.34 -32.21 -21.42
CA GLU C 321 17.70 -33.52 -20.85
C GLU C 321 17.18 -34.58 -21.82
N ILE C 322 18.08 -35.47 -22.24
CA ILE C 322 17.72 -36.59 -23.14
C ILE C 322 17.77 -37.90 -22.33
N SER C 323 16.70 -38.66 -22.37
CA SER C 323 16.55 -39.91 -21.58
C SER C 323 16.14 -41.03 -22.53
N PRO C 324 17.15 -41.67 -23.16
CA PRO C 324 16.89 -42.78 -24.08
C PRO C 324 16.27 -43.91 -23.28
N ARG C 325 15.38 -44.64 -23.96
CA ARG C 325 14.55 -45.64 -23.28
C ARG C 325 15.38 -46.85 -22.92
N LEU C 326 16.23 -47.31 -23.84
CA LEU C 326 16.90 -48.64 -23.66
C LEU C 326 18.16 -48.49 -22.78
N SER C 327 18.88 -47.39 -22.87
CA SER C 327 20.16 -47.25 -22.11
C SER C 327 19.93 -46.73 -20.69
N LYS C 328 18.91 -45.90 -20.49
CA LYS C 328 18.63 -45.28 -19.17
C LYS C 328 19.79 -44.34 -18.78
N GLN C 329 20.71 -44.06 -19.74
CA GLN C 329 21.84 -43.13 -19.52
C GLN C 329 21.40 -41.74 -19.96
N ILE C 330 21.20 -40.85 -19.02
CA ILE C 330 20.63 -39.51 -19.33
C ILE C 330 21.79 -38.61 -19.80
N LYS C 331 21.50 -37.73 -20.74
CA LYS C 331 22.42 -36.68 -21.24
C LYS C 331 21.79 -35.32 -20.90
N VAL C 332 22.56 -34.45 -20.21
CA VAL C 332 22.05 -33.06 -19.98
C VAL C 332 22.97 -32.10 -20.73
N HIS C 333 22.39 -31.19 -21.49
CA HIS C 333 23.17 -30.18 -22.23
C HIS C 333 22.71 -28.78 -21.85
N GLU C 334 23.66 -27.91 -21.55
CA GLU C 334 23.36 -26.50 -21.26
C GLU C 334 23.20 -25.84 -22.62
N ILE C 335 22.19 -24.97 -22.77
N ILE C 335 22.12 -24.97 -22.84
CA ILE C 335 21.93 -24.28 -24.05
CA ILE C 335 21.86 -24.27 -24.13
C ILE C 335 21.85 -22.78 -23.72
C ILE C 335 21.78 -22.77 -23.80
N PRO C 336 22.98 -22.15 -23.39
CA PRO C 336 22.95 -20.74 -23.01
C PRO C 336 22.52 -19.82 -24.16
N VAL C 337 21.98 -18.67 -23.80
CA VAL C 337 21.62 -17.60 -24.76
C VAL C 337 22.75 -16.55 -24.80
N ASP C 338 23.03 -16.02 -25.98
CA ASP C 338 24.04 -14.95 -26.12
C ASP C 338 23.67 -13.79 -25.20
N PRO C 339 24.61 -13.31 -24.38
CA PRO C 339 24.31 -12.24 -23.43
C PRO C 339 23.69 -11.02 -24.12
N LYS C 340 24.13 -10.70 -25.34
CA LYS C 340 23.60 -9.51 -26.05
C LYS C 340 22.10 -9.68 -26.26
N LEU C 341 21.66 -10.89 -26.53
CA LEU C 341 20.20 -11.16 -26.75
C LEU C 341 19.45 -11.13 -25.42
N LEU C 342 20.06 -11.61 -24.33
CA LEU C 342 19.41 -11.54 -22.99
C LEU C 342 19.25 -10.07 -22.61
N LYS C 343 20.16 -9.21 -23.06
CA LYS C 343 20.10 -7.76 -22.73
C LYS C 343 18.93 -7.13 -23.53
N ALA C 344 18.59 -7.67 -24.70
CA ALA C 344 17.68 -7.00 -25.65
C ALA C 344 16.22 -7.39 -25.39
N GLY C 345 15.95 -8.40 -24.54
CA GLY C 345 14.54 -8.85 -24.38
C GLY C 345 14.30 -9.82 -23.23
N ASP C 346 13.04 -10.23 -23.08
CA ASP C 346 12.55 -11.10 -21.99
C ASP C 346 12.41 -12.58 -22.42
N HIS C 347 12.63 -12.90 -23.73
CA HIS C 347 12.22 -14.19 -24.32
C HIS C 347 13.45 -15.02 -24.81
N ASN C 348 14.55 -14.98 -24.07
CA ASN C 348 15.72 -15.83 -24.32
C ASN C 348 16.18 -15.64 -25.76
N GLY C 349 16.20 -14.38 -26.26
CA GLY C 349 16.73 -14.05 -27.58
C GLY C 349 15.79 -14.43 -28.72
N ALA C 350 14.66 -15.06 -28.42
CA ALA C 350 13.78 -15.58 -29.50
C ALA C 350 13.33 -14.44 -30.40
N THR C 351 13.16 -13.24 -29.88
CA THR C 351 12.63 -12.11 -30.70
C THR C 351 13.62 -11.79 -31.85
N TYR C 352 14.91 -11.90 -31.55
CA TYR C 352 16.00 -11.66 -32.53
C TYR C 352 15.92 -12.74 -33.62
N PHE C 353 15.88 -14.02 -33.20
CA PHE C 353 15.89 -15.14 -34.15
C PHE C 353 14.65 -15.08 -35.04
N GLN C 354 13.52 -14.70 -34.46
CA GLN C 354 12.26 -14.50 -35.24
C GLN C 354 12.48 -13.44 -36.30
N HIS C 355 13.08 -12.32 -35.92
CA HIS C 355 13.35 -11.21 -36.86
C HIS C 355 14.34 -11.64 -37.96
N GLN C 356 15.32 -12.48 -37.64
CA GLN C 356 16.26 -12.88 -38.70
C GLN C 356 15.50 -13.62 -39.79
N ARG C 357 14.57 -14.49 -39.39
N ARG C 357 14.55 -14.45 -39.41
CA ARG C 357 13.75 -15.28 -40.37
CA ARG C 357 13.76 -15.25 -40.39
C ARG C 357 12.76 -14.37 -41.11
C ARG C 357 12.75 -14.37 -41.13
N PHE C 358 12.10 -13.48 -40.39
CA PHE C 358 11.14 -12.51 -40.99
C PHE C 358 11.89 -11.62 -41.98
N MET C 359 13.06 -11.13 -41.62
CA MET C 359 13.82 -10.21 -42.53
C MET C 359 14.18 -11.00 -43.78
N ALA C 360 14.62 -12.26 -43.66
CA ALA C 360 14.99 -13.07 -44.84
C ALA C 360 13.79 -13.17 -45.80
N LEU C 361 12.57 -13.30 -45.26
CA LEU C 361 11.34 -13.41 -46.08
C LEU C 361 11.09 -12.05 -46.75
N VAL C 362 11.23 -10.96 -46.00
CA VAL C 362 11.00 -9.60 -46.53
C VAL C 362 12.00 -9.35 -47.67
N GLN C 363 13.27 -9.72 -47.47
CA GLN C 363 14.34 -9.53 -48.49
C GLN C 363 14.13 -10.45 -49.70
N GLY C 364 13.40 -11.54 -49.55
CA GLY C 364 13.26 -12.53 -50.65
C GLY C 364 14.35 -13.61 -50.68
N SER C 365 15.24 -13.74 -49.70
CA SER C 365 16.19 -14.89 -49.63
C SER C 365 15.46 -16.17 -49.16
N SER C 366 14.30 -16.02 -48.54
CA SER C 366 13.42 -17.13 -48.09
C SER C 366 12.02 -16.90 -48.67
N THR C 367 11.29 -17.98 -48.94
CA THR C 367 9.86 -17.97 -49.32
C THR C 367 8.95 -18.27 -48.12
N GLU C 368 9.52 -18.58 -46.97
CA GLU C 368 8.73 -19.26 -45.91
C GLU C 368 8.23 -18.28 -44.86
N THR C 369 6.92 -18.32 -44.63
CA THR C 369 6.32 -17.73 -43.43
C THR C 369 6.27 -18.84 -42.39
N GLU C 370 7.19 -18.86 -41.44
CA GLU C 370 7.33 -20.04 -40.54
C GLU C 370 6.08 -20.16 -39.62
N VAL C 371 5.52 -19.03 -39.22
CA VAL C 371 4.32 -19.01 -38.35
C VAL C 371 3.25 -18.23 -39.11
N SER C 372 2.40 -18.96 -39.81
CA SER C 372 1.42 -18.34 -40.73
C SER C 372 0.20 -17.75 -39.98
N PHE C 373 -0.62 -17.08 -40.74
CA PHE C 373 -1.99 -16.69 -40.31
C PHE C 373 -2.74 -17.91 -39.78
N SER C 374 -2.77 -18.98 -40.56
CA SER C 374 -3.46 -20.25 -40.20
C SER C 374 -2.88 -20.80 -38.88
N ASP C 375 -1.55 -20.79 -38.69
CA ASP C 375 -0.96 -21.22 -37.39
C ASP C 375 -1.43 -20.31 -36.24
N GLY C 376 -1.44 -18.99 -36.47
CA GLY C 376 -1.95 -18.05 -35.46
C GLY C 376 -3.42 -18.33 -35.12
N LEU C 377 -4.23 -18.60 -36.13
CA LEU C 377 -5.69 -18.80 -35.92
C LEU C 377 -5.91 -20.16 -35.22
N TRP C 378 -5.16 -21.21 -35.60
CA TRP C 378 -5.32 -22.50 -34.89
C TRP C 378 -5.04 -22.27 -33.41
N ALA C 379 -3.97 -21.54 -33.11
CA ALA C 379 -3.52 -21.41 -31.70
C ALA C 379 -4.59 -20.64 -30.93
N VAL C 380 -5.20 -19.63 -31.54
CA VAL C 380 -6.34 -18.88 -30.91
C VAL C 380 -7.55 -19.81 -30.72
N ARG C 381 -7.92 -20.56 -31.75
CA ARG C 381 -9.08 -21.46 -31.69
C ARG C 381 -8.87 -22.51 -30.60
N MET C 382 -7.64 -22.99 -30.41
CA MET C 382 -7.34 -23.95 -29.34
C MET C 382 -7.53 -23.27 -27.96
N GLY C 383 -7.08 -22.03 -27.81
CA GLY C 383 -7.31 -21.33 -26.52
C GLY C 383 -8.79 -21.03 -26.28
N MET C 384 -9.52 -20.62 -27.31
CA MET C 384 -10.98 -20.41 -27.15
C MET C 384 -11.66 -21.72 -26.71
N ALA C 385 -11.28 -22.84 -27.33
CA ALA C 385 -11.84 -24.17 -27.02
C ALA C 385 -11.53 -24.52 -25.59
N ALA C 386 -10.30 -24.24 -25.14
CA ALA C 386 -9.89 -24.54 -23.76
C ALA C 386 -10.75 -23.70 -22.82
N GLN C 387 -10.96 -22.43 -23.14
CA GLN C 387 -11.75 -21.54 -22.24
C GLN C 387 -13.20 -22.04 -22.18
N HIS C 388 -13.76 -22.40 -23.33
CA HIS C 388 -15.14 -22.91 -23.42
C HIS C 388 -15.26 -24.23 -22.62
N SER C 389 -14.29 -25.13 -22.76
CA SER C 389 -14.31 -26.43 -22.07
C SER C 389 -14.28 -26.14 -20.56
N ALA C 390 -13.37 -25.30 -20.10
CA ALA C 390 -13.23 -25.02 -18.67
C ALA C 390 -14.51 -24.36 -18.13
N ALA C 391 -15.19 -23.56 -18.93
CA ALA C 391 -16.43 -22.87 -18.50
C ALA C 391 -17.60 -23.87 -18.42
N THR C 392 -17.65 -24.87 -19.29
CA THR C 392 -18.84 -25.73 -19.43
C THR C 392 -18.62 -27.07 -18.72
N GLY C 393 -17.38 -27.45 -18.42
CA GLY C 393 -17.02 -28.78 -17.93
C GLY C 393 -17.21 -29.88 -18.98
N GLN C 394 -17.15 -29.54 -20.27
CA GLN C 394 -17.35 -30.53 -21.35
C GLN C 394 -16.19 -30.42 -22.35
N ALA C 395 -15.93 -31.51 -23.03
CA ALA C 395 -15.03 -31.55 -24.18
C ALA C 395 -15.57 -30.66 -25.29
N VAL C 396 -14.62 -30.13 -26.06
CA VAL C 396 -14.98 -29.24 -27.19
C VAL C 396 -14.28 -29.79 -28.44
N THR C 397 -15.06 -29.98 -29.50
CA THR C 397 -14.52 -30.51 -30.77
C THR C 397 -14.00 -29.37 -31.65
N LEU C 398 -12.97 -29.62 -32.44
CA LEU C 398 -12.41 -28.61 -33.38
C LEU C 398 -12.40 -29.20 -34.79
N GLU C 399 -12.60 -28.36 -35.80
CA GLU C 399 -12.64 -28.81 -37.22
C GLU C 399 -11.69 -27.94 -38.05
N GLN D 37 46.77 26.02 -6.37
CA GLN D 37 46.84 24.52 -6.29
C GLN D 37 45.40 23.97 -6.23
N LEU D 38 45.24 22.69 -6.55
CA LEU D 38 43.92 22.04 -6.45
C LEU D 38 43.56 21.84 -4.95
N VAL D 39 42.28 21.99 -4.61
CA VAL D 39 41.79 21.64 -3.27
C VAL D 39 41.22 20.22 -3.36
N ARG D 40 41.70 19.32 -2.52
CA ARG D 40 41.24 17.92 -2.52
C ARG D 40 40.37 17.71 -1.30
N TYR D 41 39.12 17.29 -1.53
CA TYR D 41 38.21 17.04 -0.42
C TYR D 41 38.11 15.56 -0.02
N GLY D 42 37.95 15.31 1.26
CA GLY D 42 37.45 14.02 1.77
C GLY D 42 35.99 14.19 2.26
N ILE D 43 35.12 13.22 1.99
CA ILE D 43 33.70 13.27 2.40
C ILE D 43 33.41 12.09 3.35
N ILE D 44 32.92 12.36 4.53
CA ILE D 44 32.49 11.37 5.56
C ILE D 44 30.97 11.33 5.58
N GLY D 45 30.39 10.28 5.03
CA GLY D 45 28.92 10.21 4.88
C GLY D 45 28.50 10.80 3.55
N CYS D 46 27.97 9.93 2.66
CA CYS D 46 27.71 10.34 1.27
C CYS D 46 26.41 9.74 0.78
N GLY D 47 25.34 10.14 1.47
CA GLY D 47 23.96 9.91 1.03
C GLY D 47 23.42 11.10 0.25
N MET D 48 22.15 11.46 0.46
CA MET D 48 21.54 12.49 -0.39
C MET D 48 22.37 13.77 -0.32
N MET D 49 22.63 14.23 0.89
CA MET D 49 23.32 15.56 0.99
C MET D 49 24.81 15.44 0.65
N GLY D 50 25.46 14.32 0.95
CA GLY D 50 26.87 14.12 0.53
C GLY D 50 27.00 14.05 -1.00
N GLN D 51 25.95 13.49 -1.67
CA GLN D 51 25.87 13.52 -3.15
C GLN D 51 25.69 14.97 -3.63
N GLU D 52 24.95 15.81 -2.90
CA GLU D 52 24.80 17.23 -3.29
C GLU D 52 26.14 17.97 -3.13
N HIS D 53 26.88 17.64 -2.06
CA HIS D 53 28.27 18.12 -1.91
C HIS D 53 29.07 17.65 -3.13
N LEU D 54 28.99 16.37 -3.51
CA LEU D 54 29.87 15.86 -4.62
C LEU D 54 29.55 16.69 -5.87
N ARG D 55 28.27 16.93 -6.16
CA ARG D 55 27.91 17.57 -7.44
C ARG D 55 28.35 19.03 -7.44
N ASN D 56 28.27 19.70 -6.30
CA ASN D 56 28.58 21.15 -6.24
C ASN D 56 30.10 21.36 -6.18
N ILE D 57 30.85 20.47 -5.50
CA ILE D 57 32.34 20.55 -5.53
C ILE D 57 32.76 20.42 -7.01
N ALA D 58 32.12 19.51 -7.75
CA ALA D 58 32.50 19.21 -9.16
C ALA D 58 32.37 20.50 -9.98
N LEU D 59 31.52 21.46 -9.56
CA LEU D 59 31.29 22.71 -10.34
C LEU D 59 32.33 23.79 -10.00
N LEU D 60 33.17 23.56 -9.01
CA LEU D 60 34.21 24.54 -8.59
C LEU D 60 35.47 24.28 -9.39
N ASP D 61 36.05 25.31 -9.97
CA ASP D 61 37.37 25.24 -10.64
C ASP D 61 38.40 24.91 -9.56
N GLY D 62 39.19 23.86 -9.77
CA GLY D 62 40.36 23.56 -8.95
C GLY D 62 40.03 22.78 -7.70
N ALA D 63 38.82 22.22 -7.58
CA ALA D 63 38.43 21.37 -6.44
C ALA D 63 38.11 19.97 -6.97
N GLY D 64 38.30 18.97 -6.13
CA GLY D 64 37.93 17.60 -6.46
C GLY D 64 37.74 16.81 -5.20
N VAL D 65 36.92 15.78 -5.28
CA VAL D 65 36.72 14.82 -4.16
C VAL D 65 37.69 13.66 -4.40
N SER D 66 38.63 13.42 -3.48
N SER D 66 38.66 13.46 -3.49
CA SER D 66 39.63 12.32 -3.64
CA SER D 66 39.67 12.37 -3.61
C SER D 66 39.40 11.14 -2.66
C SER D 66 39.33 11.15 -2.72
N ALA D 67 38.45 11.32 -1.71
CA ALA D 67 38.25 10.28 -0.68
C ALA D 67 36.83 10.37 -0.15
N ILE D 68 36.23 9.21 0.03
CA ILE D 68 34.86 9.04 0.57
C ILE D 68 34.83 7.87 1.54
N PHE D 69 34.22 8.08 2.70
CA PHE D 69 33.77 6.98 3.59
C PHE D 69 32.25 6.96 3.57
N GLU D 70 31.66 5.91 3.02
CA GLU D 70 30.19 5.75 2.98
C GLU D 70 29.90 4.26 3.21
N PRO D 71 29.37 3.86 4.39
CA PRO D 71 29.23 2.43 4.71
C PRO D 71 28.07 1.71 4.00
N ASP D 72 27.17 2.43 3.34
CA ASP D 72 26.00 1.85 2.66
C ASP D 72 26.32 1.55 1.19
N ALA D 73 26.18 0.27 0.77
CA ALA D 73 26.57 -0.15 -0.59
C ALA D 73 25.85 0.78 -1.64
N ALA D 74 24.52 0.87 -1.52
CA ALA D 74 23.69 1.52 -2.59
C ALA D 74 24.22 2.96 -2.72
N MET D 75 24.59 3.55 -1.60
CA MET D 75 25.04 4.96 -1.62
C MET D 75 26.47 4.93 -2.22
N GLN D 76 27.24 3.88 -1.91
CA GLN D 76 28.62 3.80 -2.46
C GLN D 76 28.57 3.76 -4.02
N ARG D 77 27.52 3.00 -4.52
CA ARG D 77 27.37 2.88 -5.97
C ARG D 77 27.01 4.27 -6.51
N ALA D 78 26.10 5.00 -5.81
CA ALA D 78 25.52 6.30 -6.28
C ALA D 78 26.62 7.41 -6.27
N ALA D 79 27.43 7.39 -5.23
CA ALA D 79 28.58 8.31 -5.07
C ALA D 79 29.64 8.01 -6.14
N HIS D 80 29.93 6.72 -6.39
CA HIS D 80 30.95 6.26 -7.36
C HIS D 80 30.54 6.62 -8.82
N ALA D 81 29.20 6.65 -9.07
CA ALA D 81 28.69 7.08 -10.39
C ALA D 81 28.83 8.61 -10.56
N ILE D 82 28.73 9.37 -9.46
CA ILE D 82 28.86 10.85 -9.53
C ILE D 82 30.35 11.22 -9.64
N ALA D 83 31.18 10.68 -8.77
CA ALA D 83 32.60 11.05 -8.63
C ALA D 83 33.47 9.81 -8.85
N PRO D 84 33.60 9.34 -10.11
CA PRO D 84 34.30 8.10 -10.39
C PRO D 84 35.79 8.04 -9.98
N GLN D 85 36.44 9.18 -9.81
CA GLN D 85 37.89 9.16 -9.49
C GLN D 85 38.09 9.05 -7.99
N ALA D 86 37.05 9.25 -7.16
CA ALA D 86 37.17 9.27 -5.69
C ALA D 86 37.49 7.88 -5.17
N ALA D 87 38.44 7.75 -4.23
CA ALA D 87 38.71 6.45 -3.55
C ALA D 87 37.78 6.27 -2.36
N PHE D 88 37.32 5.02 -2.17
CA PHE D 88 36.49 4.67 -0.99
C PHE D 88 37.39 4.05 0.09
N TYR D 89 37.08 4.35 1.33
CA TYR D 89 37.80 3.83 2.51
C TYR D 89 36.83 3.10 3.40
N PRO D 90 37.30 2.05 4.11
CA PRO D 90 36.41 1.26 4.95
C PRO D 90 36.11 1.94 6.29
N SER D 91 36.78 3.04 6.64
CA SER D 91 36.55 3.71 7.95
C SER D 91 37.10 5.14 7.90
N VAL D 92 36.64 5.95 8.82
CA VAL D 92 37.23 7.29 9.01
C VAL D 92 38.76 7.13 9.30
N GLN D 93 39.14 6.22 10.20
CA GLN D 93 40.58 6.03 10.51
C GLN D 93 41.36 5.80 9.20
N ALA D 94 40.86 4.96 8.31
CA ALA D 94 41.63 4.51 7.11
C ALA D 94 41.72 5.72 6.17
N LEU D 95 40.63 6.46 6.00
CA LEU D 95 40.63 7.67 5.15
C LEU D 95 41.64 8.70 5.70
N LEU D 96 41.63 8.96 6.99
CA LEU D 96 42.52 10.01 7.56
C LEU D 96 43.97 9.52 7.53
N ALA D 97 44.21 8.21 7.61
CA ALA D 97 45.59 7.68 7.62
C ALA D 97 46.29 7.93 6.26
N SER D 98 45.59 7.70 5.14
CA SER D 98 46.24 7.54 3.82
C SER D 98 45.83 8.60 2.79
N ALA D 99 44.68 9.28 2.92
CA ALA D 99 44.18 10.12 1.80
C ALA D 99 45.05 11.38 1.69
N ASP D 100 45.23 11.86 0.45
CA ASP D 100 45.83 13.20 0.22
C ASP D 100 44.67 14.19 0.10
N ILE D 101 44.29 14.80 1.19
CA ILE D 101 43.15 15.75 1.19
C ILE D 101 43.59 17.00 1.91
N ASP D 102 42.96 18.10 1.57
CA ASP D 102 43.16 19.43 2.20
C ASP D 102 42.05 19.77 3.21
N CYS D 103 40.89 19.11 3.13
CA CYS D 103 39.70 19.47 3.92
C CYS D 103 38.68 18.36 3.88
N LEU D 104 37.75 18.39 4.83
CA LEU D 104 36.79 17.30 5.03
C LEU D 104 35.38 17.89 5.06
N VAL D 105 34.44 17.13 4.54
CA VAL D 105 33.01 17.40 4.68
C VAL D 105 32.42 16.25 5.50
N ILE D 106 31.67 16.55 6.55
CA ILE D 106 30.87 15.55 7.28
C ILE D 106 29.43 15.69 6.84
N ALA D 107 28.90 14.63 6.22
CA ALA D 107 27.48 14.56 5.80
C ALA D 107 26.89 13.21 6.24
N SER D 108 27.34 12.72 7.39
CA SER D 108 26.74 11.59 8.12
C SER D 108 25.44 12.03 8.84
N PRO D 109 24.64 11.07 9.36
CA PRO D 109 23.43 11.43 10.09
C PRO D 109 23.77 12.30 11.30
N ASN D 110 22.80 13.17 11.67
CA ASN D 110 22.97 14.19 12.75
C ASN D 110 23.68 13.60 13.98
N TYR D 111 23.24 12.45 14.48
CA TYR D 111 23.73 11.94 15.78
C TYR D 111 25.22 11.52 15.67
N CYS D 112 25.80 11.42 14.48
CA CYS D 112 27.19 10.97 14.27
C CYS D 112 28.16 12.15 14.39
N HIS D 113 27.65 13.40 14.27
CA HIS D 113 28.56 14.53 13.96
C HIS D 113 29.54 14.72 15.12
N ALA D 114 29.06 14.77 16.36
CA ALA D 114 29.92 15.14 17.51
C ALA D 114 31.06 14.12 17.67
N ASP D 115 30.73 12.83 17.62
CA ASP D 115 31.75 11.76 17.73
C ASP D 115 32.77 11.89 16.58
N GLN D 116 32.32 12.17 15.33
CA GLN D 116 33.26 12.26 14.18
C GLN D 116 34.15 13.51 14.33
N ILE D 117 33.64 14.65 14.83
CA ILE D 117 34.50 15.84 15.08
C ILE D 117 35.59 15.42 16.08
N VAL D 118 35.20 14.75 17.17
CA VAL D 118 36.17 14.39 18.24
C VAL D 118 37.18 13.42 17.64
N GLU D 119 36.73 12.51 16.79
CA GLU D 119 37.64 11.49 16.19
C GLU D 119 38.65 12.22 15.28
N ILE D 120 38.17 13.11 14.41
CA ILE D 120 39.05 13.84 13.46
C ILE D 120 40.04 14.63 14.33
N ALA D 121 39.54 15.35 15.36
CA ALA D 121 40.42 16.16 16.25
C ALA D 121 41.56 15.30 16.84
N ALA D 122 41.31 14.03 17.19
CA ALA D 122 42.30 13.12 17.80
C ALA D 122 43.22 12.49 16.75
N THR D 123 42.87 12.59 15.46
CA THR D 123 43.48 11.74 14.38
C THR D 123 44.25 12.58 13.37
N ARG D 124 43.61 13.63 12.84
CA ARG D 124 44.16 14.42 11.74
C ARG D 124 43.34 15.69 11.56
N PRO D 125 43.63 16.75 12.34
CA PRO D 125 42.86 17.98 12.22
C PRO D 125 43.09 18.65 10.86
N LEU D 126 42.00 18.83 10.14
CA LEU D 126 41.92 19.50 8.84
C LEU D 126 40.76 20.49 8.89
N PRO D 127 40.80 21.48 7.97
CA PRO D 127 39.63 22.35 7.78
C PRO D 127 38.40 21.47 7.59
N LEU D 128 37.33 21.74 8.32
CA LEU D 128 36.16 20.84 8.38
C LEU D 128 34.89 21.62 8.04
N LEU D 129 34.13 21.13 7.08
CA LEU D 129 32.76 21.58 6.78
C LEU D 129 31.81 20.52 7.35
N VAL D 130 31.24 20.80 8.54
CA VAL D 130 30.35 19.83 9.23
C VAL D 130 28.91 20.16 8.90
N GLU D 131 28.16 19.17 8.39
CA GLU D 131 26.74 19.42 8.13
C GLU D 131 26.02 19.83 9.42
N LYS D 132 24.99 20.64 9.26
CA LYS D 132 24.10 20.93 10.41
C LYS D 132 23.28 19.68 10.70
N PRO D 133 22.70 19.58 11.89
CA PRO D 133 23.02 20.42 13.01
C PRO D 133 24.43 20.04 13.49
N LEU D 134 25.13 20.97 14.15
CA LEU D 134 26.49 20.66 14.66
C LEU D 134 26.47 19.41 15.55
N LEU D 135 25.46 19.26 16.41
CA LEU D 135 25.36 18.10 17.33
C LEU D 135 23.87 17.96 17.69
N THR D 136 23.52 16.84 18.33
CA THR D 136 22.12 16.51 18.69
C THR D 136 21.94 16.37 20.19
N ASP D 137 22.96 15.93 20.90
CA ASP D 137 22.86 15.50 22.30
C ASP D 137 23.41 16.63 23.15
N PRO D 138 22.61 17.26 24.03
CA PRO D 138 23.12 18.29 24.95
C PRO D 138 24.33 17.84 25.77
N ALA D 139 24.43 16.54 26.08
CA ALA D 139 25.55 15.98 26.89
C ALA D 139 26.86 16.17 26.13
N ASP D 140 26.82 16.46 24.82
CA ASP D 140 28.05 16.58 24.00
C ASP D 140 28.55 18.01 24.01
N ILE D 141 27.75 18.98 24.49
CA ILE D 141 28.10 20.41 24.28
C ILE D 141 29.44 20.72 24.94
N ALA D 142 29.66 20.30 26.18
CA ALA D 142 30.90 20.66 26.93
C ALA D 142 32.11 20.11 26.19
N ARG D 143 32.08 18.80 25.86
CA ARG D 143 33.26 18.08 25.27
C ARG D 143 33.53 18.66 23.87
N LEU D 144 32.50 18.98 23.08
CA LEU D 144 32.72 19.51 21.73
C LEU D 144 33.23 20.95 21.77
N THR D 145 32.74 21.73 22.72
CA THR D 145 33.26 23.11 22.94
C THR D 145 34.76 23.03 23.24
N GLN D 146 35.18 22.11 24.12
CA GLN D 146 36.62 21.93 24.51
C GLN D 146 37.41 21.45 23.27
N THR D 147 36.81 20.54 22.49
CA THR D 147 37.45 20.08 21.25
C THR D 147 37.71 21.27 20.30
N ALA D 148 36.69 22.10 20.09
CA ALA D 148 36.74 23.18 19.10
C ALA D 148 37.78 24.21 19.57
N GLU D 149 37.82 24.50 20.88
CA GLU D 149 38.79 25.45 21.46
C GLU D 149 40.23 25.00 21.14
N ARG D 150 40.50 23.71 21.11
CA ARG D 150 41.89 23.19 20.93
C ARG D 150 42.14 22.81 19.45
N TYR D 151 41.16 22.93 18.57
CA TYR D 151 41.27 22.40 17.19
C TYR D 151 42.05 23.37 16.30
N PRO D 152 43.16 22.93 15.69
CA PRO D 152 44.08 23.88 15.05
C PRO D 152 43.74 24.24 13.62
N ALA D 153 42.51 24.02 13.17
CA ALA D 153 42.09 24.28 11.78
C ALA D 153 40.68 24.84 11.82
N PRO D 154 40.15 25.37 10.71
CA PRO D 154 38.81 25.92 10.71
C PRO D 154 37.74 24.84 10.94
N ILE D 155 36.67 25.21 11.63
CA ILE D 155 35.42 24.41 11.67
C ILE D 155 34.32 25.31 11.17
N TRP D 156 33.74 24.91 10.04
CA TRP D 156 32.65 25.64 9.38
C TRP D 156 31.41 24.77 9.48
N VAL D 157 30.32 25.32 10.03
CA VAL D 157 29.06 24.52 10.11
C VAL D 157 28.20 24.86 8.88
N ALA D 158 27.76 23.81 8.15
CA ALA D 158 27.26 23.95 6.77
C ALA D 158 25.80 24.42 6.76
N MET D 159 25.53 25.56 7.39
CA MET D 159 24.20 26.23 7.35
C MET D 159 24.27 27.22 6.19
N GLU D 160 23.80 26.74 5.02
CA GLU D 160 24.06 27.41 3.73
C GLU D 160 22.97 28.40 3.32
N TYR D 161 21.88 28.53 4.07
CA TYR D 161 20.69 29.28 3.60
C TYR D 161 21.06 30.71 3.26
N ARG D 162 21.97 31.34 3.98
CA ARG D 162 22.37 32.74 3.71
C ARG D 162 22.84 32.93 2.27
N TYR D 163 23.18 31.85 1.56
CA TYR D 163 23.75 31.94 0.20
C TYR D 163 22.70 31.64 -0.85
N MET D 164 21.47 31.27 -0.48
CA MET D 164 20.40 31.16 -1.47
C MET D 164 20.20 32.56 -2.05
N PRO D 165 20.27 32.73 -3.38
CA PRO D 165 20.22 34.09 -3.92
C PRO D 165 19.14 35.04 -3.38
N PRO D 166 17.85 34.65 -3.21
CA PRO D 166 16.86 35.56 -2.63
C PRO D 166 17.18 35.97 -1.19
N ILE D 167 17.74 35.04 -0.45
CA ILE D 167 18.09 35.29 0.98
C ILE D 167 19.32 36.20 1.02
N ALA D 168 20.32 35.91 0.20
CA ALA D 168 21.53 36.74 0.13
C ALA D 168 21.11 38.18 -0.24
N ALA D 169 20.17 38.32 -1.20
CA ALA D 169 19.69 39.65 -1.65
C ALA D 169 19.03 40.40 -0.46
N LEU D 170 18.20 39.69 0.32
CA LEU D 170 17.55 40.31 1.49
C LEU D 170 18.64 40.72 2.48
N LEU D 171 19.62 39.88 2.73
CA LEU D 171 20.66 40.21 3.74
C LEU D 171 21.43 41.49 3.32
N ALA D 172 21.70 41.64 2.02
CA ALA D 172 22.56 42.71 1.50
C ALA D 172 21.78 44.03 1.57
N ARG D 173 20.47 43.93 1.49
CA ARG D 173 19.64 45.18 1.34
C ARG D 173 18.88 45.54 2.63
N ALA D 174 18.78 44.64 3.62
CA ALA D 174 17.83 44.79 4.74
C ALA D 174 18.12 46.05 5.56
N GLU D 175 19.39 46.37 5.81
CA GLU D 175 19.73 47.52 6.70
C GLU D 175 19.25 48.81 6.02
N ALA D 176 19.54 48.93 4.72
CA ALA D 176 19.23 50.18 3.97
C ALA D 176 17.71 50.35 3.87
N VAL D 177 16.98 49.27 3.63
CA VAL D 177 15.52 49.34 3.44
C VAL D 177 14.84 49.63 4.79
N THR D 178 15.23 48.89 5.82
CA THR D 178 14.52 48.90 7.12
C THR D 178 14.88 50.11 7.97
N GLY D 179 16.11 50.62 7.87
CA GLY D 179 16.62 51.61 8.81
C GLY D 179 16.97 50.99 10.15
N GLY D 180 17.17 49.69 10.13
CA GLY D 180 17.44 48.93 11.35
C GLY D 180 16.36 47.89 11.57
N ILE D 181 16.74 46.64 11.77
CA ILE D 181 15.73 45.55 11.82
C ILE D 181 15.20 45.40 13.26
N LYS D 182 13.92 45.70 13.46
CA LYS D 182 13.22 45.60 14.78
C LYS D 182 12.58 44.22 14.92
N MET D 183 12.12 43.65 13.81
CA MET D 183 11.35 42.38 13.82
C MET D 183 11.83 41.53 12.66
N LEU D 184 12.03 40.23 12.87
CA LEU D 184 12.36 39.34 11.74
C LEU D 184 11.46 38.09 11.86
N SER D 185 10.72 37.83 10.79
CA SER D 185 9.75 36.71 10.76
C SER D 185 10.19 35.71 9.68
N LEU D 186 10.23 34.46 10.04
CA LEU D 186 10.62 33.39 9.09
C LEU D 186 9.57 32.29 9.10
N ARG D 187 9.19 31.84 7.92
CA ARG D 187 8.13 30.84 7.76
C ARG D 187 8.64 29.74 6.84
N GLU D 188 8.55 28.49 7.30
CA GLU D 188 8.89 27.30 6.48
C GLU D 188 7.62 26.49 6.32
N HIS D 189 7.11 26.42 5.09
CA HIS D 189 5.93 25.61 4.75
C HIS D 189 6.38 24.58 3.70
N ARG D 190 6.36 23.33 4.08
CA ARG D 190 6.87 22.32 3.16
C ARG D 190 6.25 20.96 3.40
N PHE D 191 6.73 20.00 2.65
CA PHE D 191 6.25 18.60 2.72
C PHE D 191 7.02 17.83 3.79
N PRO D 192 6.50 16.67 4.21
CA PRO D 192 7.09 15.91 5.31
C PRO D 192 8.54 15.48 5.03
N PHE D 193 9.26 15.22 6.10
CA PHE D 193 10.66 14.72 6.03
C PHE D 193 10.71 13.50 5.09
N LEU D 194 11.66 13.55 4.16
CA LEU D 194 11.98 12.44 3.24
C LEU D 194 12.46 11.21 4.01
N GLU D 195 12.32 10.09 3.32
CA GLU D 195 12.88 8.79 3.76
C GLU D 195 14.40 8.83 3.57
N LYS D 196 15.12 8.33 4.57
CA LYS D 196 16.58 8.37 4.65
C LYS D 196 17.16 6.99 4.84
N VAL D 197 18.48 6.89 4.71
CA VAL D 197 19.18 5.58 4.85
C VAL D 197 19.03 5.10 6.32
N GLY D 198 18.53 3.86 6.54
CA GLY D 198 18.29 3.32 7.89
C GLY D 198 17.17 4.10 8.63
N ASP D 199 16.38 4.92 7.89
CA ASP D 199 15.21 5.66 8.41
C ASP D 199 15.62 6.55 9.59
N TRP D 200 16.84 7.08 9.56
CA TRP D 200 17.42 7.68 10.78
C TRP D 200 16.64 8.92 11.21
N ASN D 201 15.99 9.63 10.29
CA ASN D 201 15.46 11.00 10.63
C ASN D 201 14.03 10.90 11.18
N ARG D 202 13.59 9.73 11.62
CA ARG D 202 12.22 9.52 12.17
C ARG D 202 12.19 9.59 13.72
N PHE D 203 13.35 9.80 14.38
CA PHE D 203 13.41 9.75 15.87
C PHE D 203 14.30 10.86 16.38
N ASN D 204 13.80 11.56 17.42
CA ASN D 204 14.47 12.69 18.09
C ASN D 204 15.88 12.30 18.54
N VAL D 205 16.09 11.09 19.07
CA VAL D 205 17.45 10.69 19.56
C VAL D 205 18.44 10.74 18.39
N ASN D 206 17.96 10.51 17.16
CA ASN D 206 18.81 10.54 15.95
C ASN D 206 18.95 11.97 15.39
N THR D 207 17.92 12.79 15.51
CA THR D 207 17.90 14.06 14.76
C THR D 207 18.30 15.22 15.65
N GLY D 208 18.09 15.09 16.97
CA GLY D 208 18.16 16.23 17.90
C GLY D 208 16.81 16.89 18.14
N GLY D 209 15.78 16.44 17.43
CA GLY D 209 14.46 17.08 17.42
C GLY D 209 14.30 17.97 16.20
N THR D 210 13.07 18.25 15.82
CA THR D 210 12.82 18.94 14.53
C THR D 210 13.33 20.38 14.55
N PHE D 211 13.26 21.08 15.68
CA PHE D 211 13.73 22.49 15.70
C PHE D 211 15.25 22.51 15.56
N VAL D 212 15.94 21.45 16.04
CA VAL D 212 17.41 21.34 15.90
C VAL D 212 17.75 20.94 14.45
N GLU D 213 17.13 19.86 13.97
CA GLU D 213 17.44 19.29 12.64
C GLU D 213 17.06 20.24 11.49
N LYS D 214 15.84 20.75 11.49
CA LYS D 214 15.35 21.56 10.34
C LYS D 214 15.46 23.07 10.57
N CYS D 215 15.34 23.53 11.81
CA CYS D 215 15.23 24.99 12.05
C CYS D 215 16.54 25.65 12.52
N CYS D 216 17.59 24.86 12.72
CA CYS D 216 18.90 25.49 13.06
C CYS D 216 19.22 26.58 12.01
N HIS D 217 18.95 26.34 10.71
CA HIS D 217 19.14 27.34 9.65
C HIS D 217 18.50 28.69 10.06
N PHE D 218 17.22 28.63 10.46
CA PHE D 218 16.47 29.87 10.71
C PHE D 218 16.98 30.58 11.95
N PHE D 219 17.34 29.82 13.00
CA PHE D 219 17.89 30.43 14.24
C PHE D 219 19.18 31.15 13.89
N ASP D 220 20.00 30.52 13.04
CA ASP D 220 21.32 31.12 12.67
C ASP D 220 21.04 32.39 11.85
N LEU D 221 20.03 32.35 10.96
CA LEU D 221 19.67 33.57 10.19
C LEU D 221 19.25 34.68 11.13
N MET D 222 18.55 34.38 12.23
CA MET D 222 18.12 35.42 13.19
C MET D 222 19.38 36.11 13.74
N ARG D 223 20.36 35.34 14.13
CA ARG D 223 21.62 35.93 14.69
C ARG D 223 22.37 36.72 13.62
N LEU D 224 22.40 36.22 12.38
CA LEU D 224 23.12 36.89 11.28
C LEU D 224 22.48 38.26 10.98
N VAL D 225 21.16 38.30 10.89
CA VAL D 225 20.41 39.54 10.57
C VAL D 225 20.53 40.48 11.76
N LEU D 226 20.23 40.01 12.96
CA LEU D 226 20.07 40.94 14.11
C LEU D 226 21.41 41.28 14.75
N ARG D 227 22.45 40.48 14.52
CA ARG D 227 23.81 40.78 15.02
C ARG D 227 23.77 40.90 16.54
N ARG D 228 22.96 40.06 17.16
CA ARG D 228 22.84 39.98 18.62
C ARG D 228 22.59 38.51 18.98
N ASN D 229 22.89 38.17 20.21
CA ASN D 229 22.61 36.81 20.74
C ASN D 229 21.20 36.77 21.33
N PRO D 230 20.54 35.60 21.24
CA PRO D 230 19.22 35.44 21.88
C PRO D 230 19.34 35.35 23.40
N VAL D 231 18.26 35.74 24.09
CA VAL D 231 18.24 35.69 25.58
C VAL D 231 17.02 34.88 26.07
N ARG D 232 16.04 34.70 25.20
CA ARG D 232 14.81 33.99 25.61
C ARG D 232 14.08 33.35 24.42
N VAL D 233 13.45 32.19 24.67
CA VAL D 233 12.64 31.48 23.63
C VAL D 233 11.29 31.08 24.25
N MET D 234 10.35 31.29 23.44
N MET D 234 10.35 31.29 23.44
CA MET D 234 8.99 30.82 23.81
CA MET D 234 8.99 30.82 23.81
C MET D 234 8.48 30.07 22.59
C MET D 234 8.48 30.07 22.59
N ALA D 235 7.95 28.86 22.80
CA ALA D 235 7.50 28.03 21.70
C ALA D 235 6.23 27.23 21.98
N SER D 236 5.55 26.91 20.89
CA SER D 236 4.41 25.96 20.88
C SER D 236 4.64 25.03 19.69
N ALA D 237 4.60 23.74 19.94
CA ALA D 237 4.85 22.76 18.87
C ALA D 237 4.27 21.39 19.23
N ALA D 238 3.99 20.62 18.18
CA ALA D 238 3.48 19.25 18.32
C ALA D 238 3.83 18.41 17.11
N GLN D 239 3.58 17.12 17.28
CA GLN D 239 3.47 16.16 16.15
C GLN D 239 1.97 16.01 15.88
N SER D 240 1.43 16.81 14.97
CA SER D 240 -0.04 16.87 14.71
C SER D 240 -0.47 15.89 13.60
N VAL D 241 0.38 15.64 12.60
CA VAL D 241 -0.03 14.95 11.34
C VAL D 241 0.97 13.86 10.96
N ASN D 242 2.23 14.22 10.86
CA ASN D 242 3.18 13.41 10.04
C ASN D 242 3.76 12.20 10.77
N HIS D 243 3.78 11.05 10.05
CA HIS D 243 4.55 9.83 10.41
C HIS D 243 3.87 9.06 11.57
N LEU D 244 2.66 9.47 11.99
CA LEU D 244 1.97 8.86 13.16
C LEU D 244 1.56 7.41 12.83
N ASP D 245 1.45 7.05 11.55
CA ASP D 245 1.03 5.70 11.09
C ASP D 245 2.28 4.84 10.77
N GLU D 246 3.46 5.40 10.91
CA GLU D 246 4.71 4.65 10.59
C GLU D 246 5.23 3.93 11.82
N ARG D 247 5.78 2.70 11.56
CA ARG D 247 6.29 1.85 12.67
C ARG D 247 7.70 1.38 12.27
N TYR D 248 8.66 1.48 13.19
CA TYR D 248 10.06 1.05 12.95
C TYR D 248 10.43 0.18 14.16
N ASP D 249 10.60 -1.14 13.94
CA ASP D 249 10.82 -2.10 15.06
C ASP D 249 9.67 -2.03 16.09
N GLY D 250 8.45 -1.69 15.63
CA GLY D 250 7.27 -1.46 16.51
C GLY D 250 7.21 -0.07 17.11
N LYS D 251 8.18 0.80 16.84
CA LYS D 251 8.21 2.17 17.43
C LYS D 251 7.61 3.21 16.49
N THR D 252 6.88 4.19 17.08
CA THR D 252 6.27 5.28 16.29
C THR D 252 7.17 6.51 16.24
N PRO D 253 7.46 7.06 15.05
CA PRO D 253 8.23 8.32 14.99
C PRO D 253 7.69 9.35 15.99
N ASP D 254 8.60 10.11 16.58
CA ASP D 254 8.28 10.99 17.72
C ASP D 254 8.65 12.42 17.36
N ILE D 255 8.95 12.72 16.12
CA ILE D 255 9.44 14.09 15.67
C ILE D 255 8.29 15.10 15.50
N LEU D 256 8.48 16.33 15.96
CA LEU D 256 7.51 17.46 15.77
C LEU D 256 7.37 17.77 14.28
N ASP D 257 6.19 18.27 13.88
CA ASP D 257 5.93 18.61 12.46
C ASP D 257 5.38 20.03 12.34
N ASN D 258 5.16 20.75 13.42
CA ASN D 258 4.68 22.15 13.27
C ASN D 258 4.93 22.91 14.56
N GLY D 259 5.06 24.23 14.40
CA GLY D 259 5.12 25.05 15.61
C GLY D 259 5.46 26.51 15.31
N TYR D 260 5.48 27.27 16.39
CA TYR D 260 5.84 28.70 16.41
C TYR D 260 6.93 28.87 17.47
N VAL D 261 7.89 29.71 17.17
CA VAL D 261 8.96 30.06 18.13
C VAL D 261 9.11 31.58 18.12
N ILE D 262 9.06 32.18 19.29
CA ILE D 262 9.42 33.59 19.50
C ILE D 262 10.78 33.63 20.17
N VAL D 263 11.65 34.47 19.64
CA VAL D 263 13.03 34.62 20.16
C VAL D 263 13.29 36.10 20.48
N ASP D 264 13.63 36.37 21.73
CA ASP D 264 14.07 37.69 22.18
C ASP D 264 15.59 37.79 22.13
N PHE D 265 16.10 38.95 21.71
CA PHE D 265 17.56 39.19 21.53
C PHE D 265 18.04 40.24 22.50
N GLU D 266 19.34 40.14 22.79
CA GLU D 266 20.03 41.07 23.71
C GLU D 266 19.80 42.47 23.14
N GLY D 267 19.23 43.34 23.94
CA GLY D 267 19.01 44.74 23.56
C GLY D 267 17.65 44.99 22.90
N GLY D 268 16.86 43.99 22.60
CA GLY D 268 15.41 44.25 22.41
C GLY D 268 14.83 43.78 21.07
N ALA D 269 15.62 43.36 20.10
CA ALA D 269 15.03 42.91 18.81
C ALA D 269 14.26 41.59 19.08
N ARG D 270 13.35 41.28 18.19
CA ARG D 270 12.54 40.06 18.32
C ARG D 270 12.39 39.36 16.97
N ALA D 271 12.30 38.05 17.03
CA ALA D 271 12.09 37.28 15.80
C ALA D 271 11.06 36.18 16.05
N MET D 272 10.50 35.68 14.96
CA MET D 272 9.49 34.60 15.08
C MET D 272 9.70 33.61 13.96
N LEU D 273 9.67 32.32 14.27
CA LEU D 273 9.73 31.25 13.26
C LEU D 273 8.36 30.56 13.23
N GLU D 274 7.84 30.32 12.08
CA GLU D 274 6.67 29.44 11.90
C GLU D 274 7.12 28.23 11.07
N LEU D 275 6.82 27.03 11.55
CA LEU D 275 7.14 25.78 10.83
C LEU D 275 5.88 24.94 10.60
N CYS D 276 5.71 24.45 9.36
CA CYS D 276 4.71 23.43 9.07
C CYS D 276 5.26 22.47 8.04
N MET D 277 5.39 21.18 8.42
CA MET D 277 5.92 20.13 7.54
C MET D 277 4.77 19.40 6.83
N PHE D 278 3.56 19.96 6.85
CA PHE D 278 2.43 19.38 6.07
C PHE D 278 1.76 20.49 5.24
N ALA D 279 2.54 21.47 4.78
CA ALA D 279 2.03 22.60 3.99
C ALA D 279 2.65 22.51 2.59
N ASP D 280 2.55 21.32 1.99
CA ASP D 280 3.17 21.01 0.67
C ASP D 280 2.70 21.96 -0.43
N GLY D 281 1.50 22.51 -0.31
CA GLY D 281 0.93 23.32 -1.39
C GLY D 281 1.43 24.74 -1.44
N ALA D 282 2.19 25.17 -0.43
CA ALA D 282 2.63 26.58 -0.42
C ALA D 282 3.53 26.84 -1.63
N ARG D 283 3.28 27.92 -2.34
CA ARG D 283 4.04 28.31 -3.55
C ARG D 283 5.52 28.52 -3.19
N TYR D 284 5.77 29.21 -2.09
CA TYR D 284 7.15 29.42 -1.58
C TYR D 284 7.36 28.62 -0.30
N GLN D 285 8.47 27.92 -0.25
CA GLN D 285 8.83 27.06 0.88
C GLN D 285 9.26 27.94 2.04
N GLU D 286 10.16 28.88 1.85
CA GLU D 286 10.52 29.86 2.91
C GLU D 286 10.03 31.27 2.54
N THR D 287 9.54 31.99 3.52
CA THR D 287 9.37 33.45 3.43
C THR D 287 10.03 34.08 4.64
N ILE D 288 10.70 35.18 4.40
CA ILE D 288 11.49 35.90 5.44
C ILE D 288 11.16 37.38 5.31
N SER D 289 10.68 37.97 6.40
CA SER D 289 10.23 39.40 6.47
C SER D 289 11.08 40.11 7.53
N ALA D 290 11.73 41.21 7.16
CA ALA D 290 12.49 42.07 8.09
C ALA D 290 11.85 43.46 8.07
N VAL D 291 11.54 43.99 9.26
CA VAL D 291 10.81 45.26 9.34
C VAL D 291 11.55 46.22 10.25
N GLY D 292 11.64 47.46 9.83
CA GLY D 292 12.18 48.51 10.71
C GLY D 292 11.49 49.83 10.40
N PRO D 293 11.95 50.92 11.04
CA PRO D 293 11.23 52.18 10.99
C PRO D 293 11.18 52.86 9.62
N ALA D 294 12.00 52.41 8.68
CA ALA D 294 12.04 53.06 7.35
C ALA D 294 11.43 52.15 6.28
N GLY D 295 11.15 50.91 6.63
CA GLY D 295 10.63 50.01 5.61
C GLY D 295 10.64 48.52 5.95
N LYS D 296 10.17 47.74 4.99
CA LYS D 296 10.12 46.27 5.16
C LYS D 296 10.71 45.61 3.92
N ILE D 297 11.35 44.47 4.14
CA ILE D 297 11.88 43.68 3.00
C ILE D 297 11.46 42.23 3.23
N GLU D 298 11.04 41.58 2.15
CA GLU D 298 10.57 40.19 2.25
C GLU D 298 11.16 39.34 1.11
N ALA D 299 11.64 38.16 1.47
CA ALA D 299 12.16 37.20 0.48
C ALA D 299 11.16 36.03 0.38
N PHE D 300 10.99 35.57 -0.86
CA PHE D 300 10.12 34.44 -1.26
C PHE D 300 11.01 33.38 -1.89
N VAL D 301 11.12 32.23 -1.22
CA VAL D 301 12.16 31.23 -1.57
C VAL D 301 11.47 29.95 -2.01
N PRO D 302 11.59 29.53 -3.28
CA PRO D 302 10.99 28.29 -3.72
C PRO D 302 11.66 27.09 -3.06
N GLY D 303 10.90 26.00 -2.99
CA GLY D 303 11.44 24.71 -2.61
C GLY D 303 12.22 24.08 -3.77
N PRO D 304 12.74 22.86 -3.55
CA PRO D 304 13.56 22.19 -4.55
C PRO D 304 12.79 21.90 -5.86
N THR D 305 13.39 22.32 -6.99
CA THR D 305 12.68 22.25 -8.28
C THR D 305 12.28 20.77 -8.55
N ARG D 306 12.99 19.76 -8.00
CA ARG D 306 12.66 18.37 -8.33
C ARG D 306 11.32 17.98 -7.72
N PHE D 307 10.78 18.76 -6.77
CA PHE D 307 9.50 18.44 -6.11
C PHE D 307 8.37 19.31 -6.66
N TRP D 308 8.64 20.13 -7.66
CA TRP D 308 7.59 20.89 -8.39
C TRP D 308 7.16 20.08 -9.62
N PRO D 309 5.98 19.45 -9.61
CA PRO D 309 5.57 18.64 -10.76
C PRO D 309 5.55 19.47 -12.05
N GLY D 310 5.94 18.82 -13.18
CA GLY D 310 5.90 19.47 -14.50
C GLY D 310 4.49 19.87 -14.89
N ASP D 311 3.51 19.07 -14.46
CA ASP D 311 2.07 19.32 -14.73
C ASP D 311 1.60 20.62 -14.05
N LEU D 312 2.34 21.18 -13.09
CA LEU D 312 2.01 22.48 -12.44
C LEU D 312 2.57 23.68 -13.24
N GLY D 313 3.26 23.46 -14.38
CA GLY D 313 3.89 24.58 -15.09
C GLY D 313 5.31 24.83 -14.58
N ALA D 314 5.94 25.96 -14.95
CA ALA D 314 7.31 26.37 -14.50
C ALA D 314 7.33 26.57 -12.98
N PRO D 315 8.41 26.15 -12.27
CA PRO D 315 8.48 26.41 -10.82
C PRO D 315 8.44 27.90 -10.53
N PRO D 316 8.04 28.31 -9.30
CA PRO D 316 8.06 29.73 -8.94
C PRO D 316 9.49 30.26 -9.00
N VAL D 317 9.61 31.48 -9.49
CA VAL D 317 10.88 32.27 -9.46
C VAL D 317 11.07 32.88 -8.05
N PRO D 318 12.30 32.87 -7.48
CA PRO D 318 12.53 33.53 -6.20
C PRO D 318 12.32 35.03 -6.34
N LEU D 319 11.82 35.66 -5.28
CA LEU D 319 11.54 37.12 -5.31
C LEU D 319 12.03 37.81 -4.05
N ILE D 320 12.22 39.13 -4.15
CA ILE D 320 12.35 39.96 -2.93
C ILE D 320 11.32 41.08 -3.15
N GLU D 321 10.60 41.44 -2.11
CA GLU D 321 9.63 42.57 -2.18
C GLU D 321 10.10 43.65 -1.19
N ILE D 322 10.32 44.85 -1.71
CA ILE D 322 10.74 45.98 -0.83
C ILE D 322 9.54 46.93 -0.68
N SER D 323 9.19 47.23 0.57
CA SER D 323 8.00 48.05 0.87
C SER D 323 8.42 49.22 1.77
N PRO D 324 8.93 50.30 1.17
CA PRO D 324 9.37 51.47 1.92
C PRO D 324 8.17 52.06 2.66
N ARG D 325 8.45 52.58 3.85
CA ARG D 325 7.37 52.98 4.77
C ARG D 325 6.71 54.26 4.27
N LEU D 326 7.51 55.22 3.80
CA LEU D 326 6.97 56.59 3.53
C LEU D 326 6.34 56.66 2.12
N SER D 327 6.87 55.94 1.15
CA SER D 327 6.36 56.05 -0.24
C SER D 327 5.19 55.09 -0.49
N LYS D 328 5.19 53.92 0.16
CA LYS D 328 4.13 52.90 -0.05
C LYS D 328 4.24 52.34 -1.48
N GLN D 329 5.32 52.70 -2.21
CA GLN D 329 5.55 52.18 -3.60
C GLN D 329 6.40 50.91 -3.49
N ILE D 330 5.81 49.77 -3.76
CA ILE D 330 6.51 48.48 -3.53
C ILE D 330 7.38 48.21 -4.78
N LYS D 331 8.52 47.60 -4.54
CA LYS D 331 9.43 47.14 -5.60
C LYS D 331 9.54 45.61 -5.49
N VAL D 332 9.27 44.89 -6.60
CA VAL D 332 9.48 43.41 -6.60
C VAL D 332 10.62 43.08 -7.57
N HIS D 333 11.58 42.29 -7.12
CA HIS D 333 12.71 41.87 -7.98
C HIS D 333 12.77 40.36 -8.04
N GLU D 334 12.91 39.82 -9.23
CA GLU D 334 13.09 38.37 -9.43
C GLU D 334 14.57 38.11 -9.18
N ILE D 335 14.89 37.05 -8.45
N ILE D 335 14.82 37.06 -8.52
CA ILE D 335 16.29 36.70 -8.13
CA ILE D 335 16.23 36.71 -8.21
C ILE D 335 16.49 35.24 -8.57
C ILE D 335 16.43 35.25 -8.64
N PRO D 336 16.53 34.96 -9.88
CA PRO D 336 16.67 33.59 -10.34
C PRO D 336 18.00 32.96 -9.96
N VAL D 337 18.00 31.65 -9.88
CA VAL D 337 19.22 30.83 -9.65
C VAL D 337 19.74 30.28 -11.00
N ASP D 338 21.06 30.28 -11.17
CA ASP D 338 21.70 29.71 -12.38
C ASP D 338 21.21 28.27 -12.55
N PRO D 339 20.69 27.92 -13.74
CA PRO D 339 20.15 26.59 -13.96
C PRO D 339 21.14 25.46 -13.60
N LYS D 340 22.43 25.70 -13.83
CA LYS D 340 23.44 24.64 -13.53
C LYS D 340 23.43 24.34 -12.04
N LEU D 341 23.22 25.37 -11.23
CA LEU D 341 23.17 25.16 -9.76
C LEU D 341 21.86 24.47 -9.37
N LEU D 342 20.75 24.81 -10.03
CA LEU D 342 19.45 24.15 -9.72
C LEU D 342 19.58 22.66 -10.07
N LYS D 343 20.38 22.34 -11.08
CA LYS D 343 20.59 20.93 -11.50
C LYS D 343 21.41 20.20 -10.44
N ALA D 344 22.30 20.91 -9.73
CA ALA D 344 23.31 20.27 -8.84
C ALA D 344 22.75 20.03 -7.43
N GLY D 345 21.59 20.60 -7.06
CA GLY D 345 21.12 20.48 -5.65
C GLY D 345 19.69 20.92 -5.41
N ASP D 346 19.26 20.79 -4.14
CA ASP D 346 17.88 21.09 -3.68
C ASP D 346 17.77 22.49 -3.03
N HIS D 347 18.90 23.23 -2.85
CA HIS D 347 18.97 24.42 -1.96
C HIS D 347 19.26 25.72 -2.76
N ASN D 348 18.71 25.84 -3.97
CA ASN D 348 18.78 27.09 -4.75
C ASN D 348 20.24 27.49 -4.92
N GLY D 349 21.14 26.53 -5.19
CA GLY D 349 22.55 26.79 -5.50
C GLY D 349 23.37 27.15 -4.26
N ALA D 350 22.76 27.21 -3.08
CA ALA D 350 23.47 27.70 -1.89
C ALA D 350 24.68 26.78 -1.59
N THR D 351 24.58 25.50 -1.89
CA THR D 351 25.68 24.56 -1.56
C THR D 351 26.97 24.94 -2.31
N TYR D 352 26.79 25.41 -3.55
CA TYR D 352 27.91 25.85 -4.43
C TYR D 352 28.53 27.11 -3.80
N PHE D 353 27.72 28.10 -3.48
CA PHE D 353 28.20 29.39 -2.95
C PHE D 353 28.90 29.17 -1.62
N GLN D 354 28.38 28.26 -0.80
CA GLN D 354 29.03 27.87 0.48
C GLN D 354 30.41 27.30 0.20
N HIS D 355 30.51 26.41 -0.78
CA HIS D 355 31.80 25.79 -1.13
C HIS D 355 32.78 26.82 -1.70
N GLN D 356 32.31 27.83 -2.42
CA GLN D 356 33.26 28.83 -2.96
C GLN D 356 33.94 29.52 -1.80
N ARG D 357 33.18 29.85 -0.76
N ARG D 357 33.20 29.83 -0.75
CA ARG D 357 33.70 30.57 0.44
CA ARG D 357 33.76 30.57 0.42
C ARG D 357 34.59 29.65 1.29
C ARG D 357 34.62 29.63 1.29
N PHE D 358 34.16 28.40 1.47
CA PHE D 358 34.96 27.39 2.19
C PHE D 358 36.27 27.14 1.46
N MET D 359 36.23 27.00 0.15
CA MET D 359 37.48 26.71 -0.63
C MET D 359 38.42 27.90 -0.47
N ALA D 360 37.91 29.13 -0.52
CA ALA D 360 38.77 30.33 -0.38
C ALA D 360 39.50 30.28 0.98
N LEU D 361 38.82 29.81 2.02
CA LEU D 361 39.41 29.72 3.39
C LEU D 361 40.48 28.61 3.37
N VAL D 362 40.18 27.48 2.77
CA VAL D 362 41.11 26.33 2.71
C VAL D 362 42.37 26.79 1.94
N GLN D 363 42.19 27.51 0.83
CA GLN D 363 43.33 28.00 0.00
C GLN D 363 44.12 29.10 0.72
N GLY D 364 43.51 29.78 1.68
CA GLY D 364 44.17 30.93 2.34
C GLY D 364 43.93 32.29 1.67
N SER D 365 43.09 32.43 0.66
CA SER D 365 42.75 33.76 0.09
C SER D 365 41.78 34.51 1.03
N SER D 366 41.12 33.78 1.92
CA SER D 366 40.23 34.33 2.96
C SER D 366 40.71 33.84 4.33
N THR D 367 40.49 34.64 5.38
CA THR D 367 40.68 34.23 6.80
C THR D 367 39.37 33.83 7.47
N GLU D 368 38.25 33.98 6.78
CA GLU D 368 36.93 34.01 7.48
C GLU D 368 36.24 32.66 7.43
N THR D 369 35.87 32.17 8.61
CA THR D 369 34.89 31.09 8.75
C THR D 369 33.53 31.76 8.88
N GLU D 370 32.74 31.80 7.82
CA GLU D 370 31.51 32.65 7.83
C GLU D 370 30.48 32.05 8.84
N VAL D 371 30.43 30.73 8.94
CA VAL D 371 29.49 30.05 9.87
C VAL D 371 30.36 29.22 10.80
N SER D 372 30.66 29.77 11.97
CA SER D 372 31.63 29.14 12.90
C SER D 372 31.00 27.98 13.68
N PHE D 373 31.85 27.32 14.43
CA PHE D 373 31.43 26.37 15.49
C PHE D 373 30.42 27.04 16.44
N SER D 374 30.78 28.22 16.94
CA SER D 374 29.93 29.01 17.87
C SER D 374 28.58 29.34 17.21
N ASP D 375 28.55 29.72 15.93
CA ASP D 375 27.25 29.92 15.21
C ASP D 375 26.44 28.61 15.15
N GLY D 376 27.10 27.51 14.81
CA GLY D 376 26.43 26.20 14.79
C GLY D 376 25.86 25.84 16.17
N LEU D 377 26.61 26.08 17.23
CA LEU D 377 26.18 25.71 18.60
C LEU D 377 25.04 26.63 19.05
N TRP D 378 25.11 27.93 18.74
CA TRP D 378 24.00 28.83 19.11
C TRP D 378 22.73 28.30 18.46
N ALA D 379 22.81 27.93 17.19
CA ALA D 379 21.60 27.56 16.42
C ALA D 379 21.02 26.27 17.02
N VAL D 380 21.87 25.33 17.43
CA VAL D 380 21.42 24.09 18.13
C VAL D 380 20.79 24.45 19.50
N ARG D 381 21.45 25.29 20.27
CA ARG D 381 20.95 25.68 21.61
C ARG D 381 19.59 26.37 21.48
N MET D 382 19.38 27.16 20.44
CA MET D 382 18.09 27.82 20.18
C MET D 382 17.02 26.76 19.86
N GLY D 383 17.36 25.75 19.05
CA GLY D 383 16.38 24.67 18.78
C GLY D 383 16.09 23.83 20.03
N MET D 384 17.12 23.50 20.81
CA MET D 384 16.88 22.76 22.07
C MET D 384 15.93 23.57 22.99
N ALA D 385 16.17 24.88 23.11
CA ALA D 385 15.38 25.79 23.94
C ALA D 385 13.94 25.81 23.45
N ALA D 386 13.76 25.84 22.12
CA ALA D 386 12.40 25.85 21.52
C ALA D 386 11.72 24.53 21.88
N GLN D 387 12.44 23.41 21.76
CA GLN D 387 11.81 22.09 22.04
C GLN D 387 11.43 22.03 23.53
N HIS D 388 12.33 22.48 24.40
CA HIS D 388 12.07 22.47 25.86
C HIS D 388 10.87 23.38 26.19
N SER D 389 10.78 24.57 25.57
CA SER D 389 9.69 25.51 25.82
C SER D 389 8.39 24.83 25.38
N ALA D 390 8.36 24.28 24.18
CA ALA D 390 7.14 23.64 23.65
C ALA D 390 6.72 22.47 24.55
N ALA D 391 7.67 21.74 25.11
CA ALA D 391 7.36 20.57 25.98
C ALA D 391 6.82 21.03 27.34
N THR D 392 7.28 22.16 27.86
CA THR D 392 6.98 22.56 29.25
C THR D 392 5.87 23.62 29.27
N GLY D 393 5.61 24.31 28.16
CA GLY D 393 4.72 25.48 28.13
C GLY D 393 5.29 26.71 28.85
N GLN D 394 6.62 26.80 28.98
CA GLN D 394 7.26 27.91 29.69
C GLN D 394 8.36 28.52 28.79
N ALA D 395 8.65 29.78 29.01
CA ALA D 395 9.81 30.44 28.44
C ALA D 395 11.10 29.78 28.93
N VAL D 396 12.10 29.84 28.06
CA VAL D 396 13.43 29.29 28.36
C VAL D 396 14.46 30.39 28.15
N THR D 397 15.30 30.61 29.13
CA THR D 397 16.38 31.61 29.08
C THR D 397 17.62 30.98 28.43
N LEU D 398 18.41 31.77 27.71
CA LEU D 398 19.71 31.37 27.13
C LEU D 398 20.79 32.34 27.64
N GLU D 399 22.03 31.90 27.75
CA GLU D 399 23.17 32.70 28.33
C GLU D 399 24.39 32.72 27.38
N LEU E 38 -3.19 -24.38 15.50
CA LEU E 38 -2.14 -25.07 16.27
C LEU E 38 -0.77 -24.54 15.82
N VAL E 39 0.18 -24.47 16.75
CA VAL E 39 1.61 -24.21 16.42
C VAL E 39 2.36 -25.52 16.68
N ARG E 40 3.08 -26.01 15.67
N ARG E 40 3.08 -26.01 15.67
CA ARG E 40 3.85 -27.28 15.80
CA ARG E 40 3.85 -27.28 15.80
C ARG E 40 5.35 -26.95 15.89
C ARG E 40 5.35 -26.94 15.89
N TYR E 41 6.03 -27.44 16.91
CA TYR E 41 7.44 -27.13 17.12
C TYR E 41 8.32 -28.32 16.77
N GLY E 42 9.50 -28.01 16.28
CA GLY E 42 10.59 -29.00 16.25
C GLY E 42 11.67 -28.57 17.24
N ILE E 43 12.29 -29.54 17.89
CA ILE E 43 13.32 -29.34 18.92
C ILE E 43 14.63 -29.98 18.45
N ILE E 44 15.69 -29.22 18.43
CA ILE E 44 17.04 -29.70 18.06
C ILE E 44 17.87 -29.64 19.34
N GLY E 45 18.11 -30.81 19.91
CA GLY E 45 18.78 -30.90 21.20
C GLY E 45 17.72 -30.98 22.29
N CYS E 46 17.66 -32.10 23.01
CA CYS E 46 16.56 -32.32 23.99
C CYS E 46 17.09 -33.04 25.22
N GLY E 47 18.07 -32.40 25.87
CA GLY E 47 18.52 -32.77 27.22
C GLY E 47 17.75 -32.02 28.28
N MET E 48 18.45 -31.55 29.33
CA MET E 48 17.77 -30.90 30.45
C MET E 48 16.92 -29.74 29.94
N MET E 49 17.53 -28.77 29.26
CA MET E 49 16.79 -27.55 28.91
C MET E 49 15.79 -27.87 27.81
N GLY E 50 16.14 -28.73 26.84
CA GLY E 50 15.15 -29.14 25.83
C GLY E 50 13.90 -29.76 26.48
N GLN E 51 14.07 -30.53 27.56
CA GLN E 51 12.94 -31.20 28.27
C GLN E 51 12.13 -30.09 28.95
N GLU E 52 12.80 -29.07 29.49
CA GLU E 52 12.06 -27.91 30.04
C GLU E 52 11.21 -27.26 28.93
N HIS E 53 11.76 -27.07 27.74
CA HIS E 53 11.00 -26.55 26.59
C HIS E 53 9.81 -27.46 26.34
N LEU E 54 10.02 -28.78 26.35
CA LEU E 54 8.88 -29.71 26.12
C LEU E 54 7.77 -29.41 27.14
N ARG E 55 8.12 -29.34 28.43
CA ARG E 55 7.08 -29.28 29.48
C ARG E 55 6.34 -27.94 29.42
N ASN E 56 7.05 -26.87 29.03
CA ASN E 56 6.44 -25.51 28.97
C ASN E 56 5.57 -25.38 27.72
N ILE E 57 6.01 -25.93 26.62
CA ILE E 57 5.19 -25.93 25.37
C ILE E 57 3.90 -26.66 25.67
N ALA E 58 3.96 -27.76 26.40
CA ALA E 58 2.74 -28.58 26.63
C ALA E 58 1.71 -27.76 27.42
N LEU E 59 2.15 -26.73 28.15
CA LEU E 59 1.17 -25.93 28.98
C LEU E 59 0.51 -24.86 28.11
N LEU E 60 0.98 -24.68 26.89
CA LEU E 60 0.42 -23.61 26.01
C LEU E 60 -0.73 -24.17 25.20
N ASP E 61 -1.88 -23.51 25.24
CA ASP E 61 -3.07 -23.87 24.44
C ASP E 61 -2.73 -23.70 22.96
N GLY E 62 -2.95 -24.73 22.17
CA GLY E 62 -2.71 -24.64 20.72
C GLY E 62 -1.28 -24.95 20.29
N ALA E 63 -0.42 -25.43 21.20
CA ALA E 63 1.01 -25.70 20.85
C ALA E 63 1.34 -27.18 21.07
N GLY E 64 2.18 -27.72 20.20
CA GLY E 64 2.61 -29.09 20.39
C GLY E 64 3.97 -29.33 19.79
N VAL E 65 4.73 -30.25 20.39
CA VAL E 65 6.03 -30.68 19.82
C VAL E 65 5.77 -31.85 18.87
N SER E 66 6.06 -31.66 17.59
N SER E 66 6.06 -31.66 17.59
CA SER E 66 5.84 -32.73 16.58
CA SER E 66 5.85 -32.73 16.57
C SER E 66 7.16 -33.42 16.19
C SER E 66 7.17 -33.42 16.20
N ALA E 67 8.31 -32.76 16.41
CA ALA E 67 9.60 -33.32 15.93
C ALA E 67 10.76 -33.04 16.88
N ILE E 68 11.59 -34.06 17.07
CA ILE E 68 12.78 -33.90 17.91
C ILE E 68 14.01 -34.56 17.27
N PHE E 69 15.13 -33.87 17.27
CA PHE E 69 16.46 -34.47 16.99
C PHE E 69 17.22 -34.49 18.30
N GLU E 70 17.49 -35.68 18.83
CA GLU E 70 18.26 -35.83 20.07
C GLU E 70 19.09 -37.10 19.93
N PRO E 71 20.43 -36.96 19.79
CA PRO E 71 21.26 -38.14 19.48
C PRO E 71 21.59 -39.09 20.64
N ASP E 72 21.29 -38.72 21.87
CA ASP E 72 21.65 -39.54 23.05
C ASP E 72 20.46 -40.43 23.38
N ALA E 73 20.65 -41.73 23.39
CA ALA E 73 19.55 -42.68 23.64
C ALA E 73 18.77 -42.20 24.93
N ALA E 74 19.49 -42.02 26.04
CA ALA E 74 18.85 -41.86 27.38
C ALA E 74 18.01 -40.60 27.32
N MET E 75 18.52 -39.58 26.67
CA MET E 75 17.71 -38.35 26.53
C MET E 75 16.53 -38.59 25.58
N GLN E 76 16.68 -39.40 24.52
CA GLN E 76 15.55 -39.81 23.67
C GLN E 76 14.46 -40.52 24.52
N ARG E 77 14.85 -41.41 25.43
CA ARG E 77 13.84 -42.08 26.30
C ARG E 77 13.11 -41.03 27.17
N ALA E 78 13.87 -40.10 27.77
CA ALA E 78 13.35 -39.08 28.71
C ALA E 78 12.42 -38.11 27.95
N ALA E 79 12.82 -37.71 26.73
CA ALA E 79 12.00 -36.81 25.86
C ALA E 79 10.73 -37.54 25.41
N HIS E 80 10.82 -38.80 25.00
CA HIS E 80 9.65 -39.61 24.54
C HIS E 80 8.64 -39.75 25.70
N ALA E 81 9.12 -39.88 26.95
CA ALA E 81 8.21 -40.03 28.11
C ALA E 81 7.44 -38.72 28.32
N ILE E 82 8.06 -37.58 28.03
CA ILE E 82 7.42 -36.25 28.27
C ILE E 82 6.44 -35.95 27.15
N ALA E 83 6.83 -36.25 25.91
CA ALA E 83 6.08 -35.86 24.69
C ALA E 83 5.91 -37.06 23.79
N PRO E 84 5.02 -37.99 24.20
CA PRO E 84 4.91 -39.29 23.56
C PRO E 84 4.47 -39.21 22.09
N GLN E 85 3.84 -38.11 21.64
CA GLN E 85 3.38 -37.95 20.24
C GLN E 85 4.51 -37.45 19.35
N ALA E 86 5.63 -36.95 19.88
CA ALA E 86 6.69 -36.35 19.04
C ALA E 86 7.37 -37.44 18.23
N ALA E 87 7.69 -37.16 16.95
CA ALA E 87 8.54 -38.06 16.13
C ALA E 87 10.00 -37.65 16.33
N PHE E 88 10.86 -38.66 16.39
CA PHE E 88 12.34 -38.48 16.44
C PHE E 88 12.93 -38.68 15.05
N TYR E 89 13.99 -37.92 14.78
CA TYR E 89 14.67 -37.89 13.48
C TYR E 89 16.14 -38.12 13.73
N PRO E 90 16.85 -38.78 12.79
CA PRO E 90 18.27 -39.11 12.96
C PRO E 90 19.30 -37.98 12.76
N SER E 91 18.86 -36.85 12.24
CA SER E 91 19.69 -35.66 11.98
C SER E 91 18.80 -34.42 11.90
N VAL E 92 19.42 -33.24 11.95
CA VAL E 92 18.72 -31.98 11.61
C VAL E 92 18.24 -32.04 10.15
N GLN E 93 19.08 -32.48 9.21
CA GLN E 93 18.66 -32.58 7.78
C GLN E 93 17.37 -33.41 7.66
N ALA E 94 17.29 -34.54 8.37
CA ALA E 94 16.12 -35.43 8.24
C ALA E 94 14.87 -34.74 8.80
N LEU E 95 14.98 -34.08 9.97
CA LEU E 95 13.87 -33.36 10.63
C LEU E 95 13.39 -32.24 9.68
N LEU E 96 14.30 -31.43 9.13
CA LEU E 96 13.87 -30.29 8.28
C LEU E 96 13.29 -30.78 6.96
N ALA E 97 13.74 -31.91 6.44
CA ALA E 97 13.23 -32.42 5.13
C ALA E 97 11.72 -32.78 5.23
N SER E 98 11.29 -33.43 6.32
CA SER E 98 9.98 -34.14 6.34
C SER E 98 8.99 -33.60 7.36
N ALA E 99 9.42 -32.96 8.43
CA ALA E 99 8.51 -32.63 9.57
C ALA E 99 7.55 -31.50 9.15
N ASP E 100 6.31 -31.61 9.62
CA ASP E 100 5.32 -30.52 9.55
C ASP E 100 5.51 -29.66 10.80
N ILE E 101 6.26 -28.60 10.70
CA ILE E 101 6.52 -27.74 11.89
C ILE E 101 6.44 -26.29 11.44
N ASP E 102 6.16 -25.43 12.40
CA ASP E 102 5.99 -23.99 12.18
C ASP E 102 7.20 -23.27 12.71
N CYS E 103 8.01 -23.94 13.53
CA CYS E 103 9.06 -23.23 14.25
C CYS E 103 10.01 -24.20 14.91
N LEU E 104 11.15 -23.70 15.34
CA LEU E 104 12.26 -24.56 15.85
C LEU E 104 12.80 -23.97 17.14
N VAL E 105 13.16 -24.88 18.05
CA VAL E 105 13.92 -24.53 19.26
C VAL E 105 15.26 -25.24 19.10
N ILE E 106 16.36 -24.54 19.34
CA ILE E 106 17.71 -25.14 19.44
C ILE E 106 18.07 -25.17 20.93
N ALA E 107 18.30 -26.34 21.48
CA ALA E 107 18.76 -26.53 22.88
C ALA E 107 19.86 -27.57 22.89
N SER E 108 20.68 -27.53 21.84
CA SER E 108 21.98 -28.26 21.77
C SER E 108 23.04 -27.56 22.61
N PRO E 109 24.21 -28.19 22.85
CA PRO E 109 25.30 -27.54 23.57
C PRO E 109 25.74 -26.25 22.86
N ASN E 110 26.31 -25.33 23.63
CA ASN E 110 26.58 -23.92 23.19
C ASN E 110 27.32 -23.93 21.87
N TYR E 111 28.35 -24.79 21.75
CA TYR E 111 29.32 -24.72 20.64
C TYR E 111 28.65 -25.17 19.34
N CYS E 112 27.49 -25.79 19.42
CA CYS E 112 26.76 -26.23 18.20
C CYS E 112 25.89 -25.12 17.57
N HIS E 113 25.51 -24.09 18.32
CA HIS E 113 24.44 -23.14 17.93
C HIS E 113 24.78 -22.46 16.60
N ALA E 114 25.99 -21.90 16.47
CA ALA E 114 26.35 -21.16 15.23
C ALA E 114 26.18 -22.08 13.99
N ASP E 115 26.74 -23.30 14.02
CA ASP E 115 26.70 -24.21 12.87
C ASP E 115 25.24 -24.57 12.57
N GLN E 116 24.44 -24.75 13.61
CA GLN E 116 23.04 -25.19 13.40
C GLN E 116 22.22 -24.04 12.80
N ILE E 117 22.46 -22.80 13.24
CA ILE E 117 21.74 -21.66 12.61
C ILE E 117 22.11 -21.62 11.13
N VAL E 118 23.38 -21.78 10.80
CA VAL E 118 23.82 -21.70 9.40
C VAL E 118 23.19 -22.87 8.62
N GLU E 119 23.16 -24.06 9.21
CA GLU E 119 22.57 -25.26 8.55
C GLU E 119 21.09 -25.00 8.30
N ILE E 120 20.39 -24.52 9.32
CA ILE E 120 18.92 -24.29 9.16
C ILE E 120 18.73 -23.23 8.06
N ALA E 121 19.57 -22.21 8.02
CA ALA E 121 19.44 -21.08 7.08
C ALA E 121 19.63 -21.58 5.66
N ALA E 122 20.47 -22.62 5.48
CA ALA E 122 20.79 -23.21 4.17
C ALA E 122 19.76 -24.28 3.76
N THR E 123 18.88 -24.68 4.67
CA THR E 123 18.04 -25.89 4.49
C THR E 123 16.56 -25.54 4.51
N ARG E 124 16.14 -24.83 5.56
CA ARG E 124 14.71 -24.57 5.80
C ARG E 124 14.57 -23.48 6.86
N PRO E 125 14.64 -22.20 6.46
CA PRO E 125 14.49 -21.09 7.38
C PRO E 125 13.06 -21.10 7.93
N LEU E 126 13.00 -21.18 9.23
CA LEU E 126 11.77 -21.13 10.06
C LEU E 126 12.04 -20.18 11.21
N PRO E 127 10.96 -19.66 11.82
CA PRO E 127 11.05 -18.97 13.10
C PRO E 127 11.85 -19.79 14.10
N LEU E 128 12.87 -19.16 14.66
CA LEU E 128 13.87 -19.88 15.47
C LEU E 128 13.92 -19.30 16.90
N LEU E 129 13.71 -20.17 17.90
CA LEU E 129 14.06 -19.89 19.29
C LEU E 129 15.40 -20.57 19.54
N VAL E 130 16.47 -19.77 19.60
CA VAL E 130 17.82 -20.35 19.82
C VAL E 130 18.27 -20.15 21.27
N GLU E 131 18.61 -21.24 21.94
CA GLU E 131 19.11 -21.10 23.33
C GLU E 131 20.33 -20.19 23.37
N LYS E 132 20.45 -19.51 24.49
CA LYS E 132 21.69 -18.76 24.78
C LYS E 132 22.80 -19.77 25.08
N PRO E 133 24.07 -19.38 25.00
CA PRO E 133 24.47 -18.15 24.33
C PRO E 133 24.30 -18.34 22.83
N LEU E 134 24.10 -17.21 22.13
CA LEU E 134 23.90 -17.24 20.68
C LEU E 134 25.04 -17.99 20.00
N LEU E 135 26.28 -17.75 20.43
CA LEU E 135 27.46 -18.43 19.86
C LEU E 135 28.58 -18.42 20.88
N THR E 136 29.64 -19.18 20.58
CA THR E 136 30.78 -19.39 21.50
C THR E 136 32.09 -18.88 20.90
N ASP E 137 32.22 -18.89 19.57
CA ASP E 137 33.53 -18.68 18.91
C ASP E 137 33.54 -17.31 18.24
N PRO E 138 34.39 -16.36 18.69
CA PRO E 138 34.45 -15.06 18.03
C PRO E 138 34.65 -15.13 16.50
N ALA E 139 35.31 -16.18 16.03
CA ALA E 139 35.54 -16.43 14.60
C ALA E 139 34.17 -16.60 13.88
N ASP E 140 33.07 -16.90 14.61
CA ASP E 140 31.74 -17.13 13.98
C ASP E 140 30.88 -15.86 13.88
N ILE E 141 31.27 -14.78 14.53
CA ILE E 141 30.44 -13.56 14.58
C ILE E 141 30.17 -13.03 13.19
N ALA E 142 31.19 -12.91 12.33
CA ALA E 142 31.01 -12.30 10.99
C ALA E 142 29.92 -13.14 10.26
N ARG E 143 30.22 -14.44 10.12
CA ARG E 143 29.45 -15.32 9.19
C ARG E 143 28.04 -15.44 9.71
N LEU E 144 27.88 -15.56 11.04
CA LEU E 144 26.53 -15.61 11.65
C LEU E 144 25.77 -14.29 11.45
N THR E 145 26.43 -13.13 11.61
CA THR E 145 25.79 -11.82 11.39
C THR E 145 25.27 -11.80 9.96
N GLN E 146 26.07 -12.24 8.99
CA GLN E 146 25.59 -12.22 7.58
C GLN E 146 24.39 -13.19 7.41
N THR E 147 24.46 -14.40 8.00
CA THR E 147 23.33 -15.36 7.96
C THR E 147 22.05 -14.69 8.49
N ALA E 148 22.14 -14.04 9.65
CA ALA E 148 21.00 -13.38 10.30
C ALA E 148 20.41 -12.26 9.38
N GLU E 149 21.28 -11.44 8.80
CA GLU E 149 20.85 -10.33 7.93
C GLU E 149 20.02 -10.87 6.77
N ARG E 150 20.31 -12.07 6.29
CA ARG E 150 19.65 -12.69 5.12
C ARG E 150 18.53 -13.64 5.52
N TYR E 151 18.28 -13.88 6.80
CA TYR E 151 17.35 -14.94 7.23
C TYR E 151 15.92 -14.41 7.16
N PRO E 152 15.00 -15.08 6.44
CA PRO E 152 13.67 -14.54 6.17
C PRO E 152 12.60 -14.81 7.25
N ALA E 153 13.01 -15.19 8.45
CA ALA E 153 12.09 -15.48 9.54
C ALA E 153 12.67 -14.90 10.81
N PRO E 154 11.88 -14.82 11.88
CA PRO E 154 12.40 -14.33 13.17
C PRO E 154 13.48 -15.25 13.74
N ILE E 155 14.47 -14.63 14.36
CA ILE E 155 15.43 -15.29 15.27
C ILE E 155 15.25 -14.64 16.63
N TRP E 156 14.88 -15.44 17.62
CA TRP E 156 14.67 -15.03 19.03
C TRP E 156 15.70 -15.78 19.86
N VAL E 157 16.53 -15.07 20.65
CA VAL E 157 17.58 -15.74 21.45
C VAL E 157 17.01 -15.94 22.85
N ALA E 158 17.05 -17.17 23.35
CA ALA E 158 16.16 -17.60 24.46
C ALA E 158 16.72 -17.19 25.83
N MET E 159 17.00 -15.90 25.99
CA MET E 159 17.37 -15.28 27.27
C MET E 159 16.06 -14.87 27.93
N GLU E 160 15.59 -15.75 28.82
CA GLU E 160 14.21 -15.67 29.38
C GLU E 160 14.17 -14.95 30.75
N TYR E 161 15.27 -14.49 31.33
CA TYR E 161 15.20 -14.04 32.74
C TYR E 161 14.24 -12.85 32.90
N ARG E 162 14.10 -12.01 31.89
CA ARG E 162 13.21 -10.81 31.96
C ARG E 162 11.79 -11.27 32.30
N TYR E 163 11.44 -12.57 32.05
CA TYR E 163 10.06 -13.06 32.29
C TYR E 163 9.92 -13.72 33.65
N MET E 164 10.98 -13.82 34.46
CA MET E 164 10.81 -14.35 35.83
C MET E 164 9.96 -13.31 36.57
N PRO E 165 8.81 -13.67 37.20
CA PRO E 165 7.94 -12.67 37.81
C PRO E 165 8.61 -11.57 38.65
N PRO E 166 9.52 -11.82 39.59
CA PRO E 166 10.19 -10.71 40.31
C PRO E 166 11.05 -9.80 39.39
N ILE E 167 11.69 -10.37 38.39
CA ILE E 167 12.50 -9.54 37.45
C ILE E 167 11.58 -8.72 36.56
N ALA E 168 10.53 -9.34 36.03
CA ALA E 168 9.54 -8.60 35.23
C ALA E 168 8.98 -7.41 36.02
N ALA E 169 8.70 -7.63 37.31
CA ALA E 169 8.15 -6.52 38.14
C ALA E 169 9.20 -5.38 38.25
N LEU E 170 10.46 -5.74 38.49
CA LEU E 170 11.53 -4.71 38.56
C LEU E 170 11.65 -4.00 37.23
N LEU E 171 11.63 -4.76 36.13
CA LEU E 171 11.75 -4.07 34.80
C LEU E 171 10.59 -3.08 34.60
N ALA E 172 9.40 -3.49 34.99
CA ALA E 172 8.22 -2.63 34.72
C ALA E 172 8.26 -1.38 35.59
N ARG E 173 8.81 -1.47 36.79
CA ARG E 173 8.67 -0.36 37.75
C ARG E 173 9.93 0.45 37.95
N ALA E 174 11.05 -0.01 37.42
CA ALA E 174 12.37 0.61 37.72
C ALA E 174 12.43 2.09 37.34
N GLU E 175 11.95 2.47 36.14
CA GLU E 175 12.04 3.89 35.72
C GLU E 175 11.27 4.76 36.72
N ALA E 176 10.06 4.33 37.11
CA ALA E 176 9.24 5.19 38.02
C ALA E 176 9.86 5.26 39.42
N VAL E 177 10.38 4.16 39.89
CA VAL E 177 10.95 4.15 41.27
C VAL E 177 12.25 4.98 41.31
N THR E 178 13.10 4.81 40.31
CA THR E 178 14.45 5.44 40.35
C THR E 178 14.44 6.88 39.83
N GLY E 179 13.44 7.25 39.02
CA GLY E 179 13.50 8.54 38.29
C GLY E 179 14.60 8.55 37.24
N GLY E 180 15.03 7.40 36.74
CA GLY E 180 16.15 7.30 35.81
C GLY E 180 17.24 6.45 36.44
N ILE E 181 17.58 5.35 35.76
CA ILE E 181 18.52 4.36 36.35
C ILE E 181 19.96 4.85 36.13
N LYS E 182 20.66 5.17 37.23
CA LYS E 182 22.08 5.59 37.21
C LYS E 182 23.01 4.37 37.39
N MET E 183 22.55 3.42 38.21
CA MET E 183 23.37 2.25 38.55
C MET E 183 22.48 1.01 38.49
N LEU E 184 23.03 -0.07 37.96
CA LEU E 184 22.32 -1.35 37.97
C LEU E 184 23.30 -2.43 38.43
N SER E 185 22.97 -3.08 39.53
CA SER E 185 23.82 -4.14 40.09
C SER E 185 23.10 -5.50 40.00
N LEU E 186 23.83 -6.52 39.56
CA LEU E 186 23.25 -7.87 39.42
C LEU E 186 24.18 -8.86 40.12
N ARG E 187 23.62 -9.75 40.93
CA ARG E 187 24.45 -10.73 41.70
C ARG E 187 23.85 -12.13 41.52
N GLU E 188 24.67 -13.06 41.06
CA GLU E 188 24.25 -14.46 40.95
C GLU E 188 25.12 -15.31 41.90
N HIS E 189 24.49 -15.87 42.91
CA HIS E 189 25.14 -16.73 43.92
C HIS E 189 24.48 -18.10 43.86
N ARG E 190 25.21 -19.09 43.40
CA ARG E 190 24.59 -20.39 43.18
C ARG E 190 25.62 -21.52 43.28
N PHE E 191 25.11 -22.72 43.10
CA PHE E 191 25.91 -23.95 43.14
C PHE E 191 26.59 -24.21 41.81
N PRO E 192 27.59 -25.11 41.79
CA PRO E 192 28.35 -25.32 40.59
C PRO E 192 27.55 -25.82 39.39
N PHE E 193 28.09 -25.57 38.22
CA PHE E 193 27.49 -26.12 36.98
C PHE E 193 27.22 -27.61 37.15
N LEU E 194 26.03 -28.02 36.71
CA LEU E 194 25.57 -29.40 36.81
C LEU E 194 26.32 -30.24 35.76
N GLU E 195 26.29 -31.54 35.93
CA GLU E 195 26.87 -32.48 34.96
C GLU E 195 25.95 -32.54 33.75
N LYS E 196 26.53 -32.57 32.57
CA LYS E 196 25.73 -32.58 31.34
C LYS E 196 26.07 -33.76 30.44
N VAL E 197 25.32 -33.91 29.38
CA VAL E 197 25.55 -35.03 28.42
C VAL E 197 26.92 -34.82 27.74
N GLY E 198 27.79 -35.83 27.83
CA GLY E 198 29.16 -35.77 27.29
C GLY E 198 30.02 -34.77 28.05
N ASP E 199 29.63 -34.40 29.26
CA ASP E 199 30.41 -33.46 30.10
C ASP E 199 30.73 -32.17 29.32
N TRP E 200 29.86 -31.71 28.45
CA TRP E 200 30.24 -30.62 27.53
C TRP E 200 30.53 -29.32 28.24
N ASN E 201 29.89 -29.06 29.40
CA ASN E 201 29.91 -27.69 29.97
C ASN E 201 31.12 -27.51 30.88
N ARG E 202 32.13 -28.38 30.79
CA ARG E 202 33.34 -28.26 31.64
C ARG E 202 34.52 -27.54 30.93
N PHE E 203 34.36 -27.09 29.67
CA PHE E 203 35.52 -26.55 28.93
C PHE E 203 35.03 -25.28 28.22
N ASN E 204 35.87 -24.26 28.24
CA ASN E 204 35.62 -22.95 27.58
C ASN E 204 35.44 -23.14 26.06
N VAL E 205 36.16 -24.06 25.44
CA VAL E 205 35.99 -24.21 23.96
C VAL E 205 34.53 -24.62 23.66
N ASN E 206 33.87 -25.33 24.56
CA ASN E 206 32.49 -25.85 24.37
C ASN E 206 31.47 -24.80 24.83
N THR E 207 31.81 -24.01 25.85
CA THR E 207 30.83 -23.14 26.52
C THR E 207 30.90 -21.69 26.02
N GLY E 208 32.03 -21.28 25.45
CA GLY E 208 32.32 -19.87 25.17
C GLY E 208 32.88 -19.16 26.37
N GLY E 209 33.04 -19.83 27.48
CA GLY E 209 33.53 -19.27 28.75
C GLY E 209 32.35 -18.93 29.67
N THR E 210 32.57 -18.90 30.98
CA THR E 210 31.50 -18.76 31.99
C THR E 210 30.75 -17.41 31.84
N PHE E 211 31.42 -16.32 31.54
CA PHE E 211 30.68 -15.04 31.38
C PHE E 211 29.78 -15.07 30.15
N VAL E 212 30.14 -15.83 29.14
CA VAL E 212 29.29 -16.04 27.94
C VAL E 212 28.12 -17.01 28.30
N GLU E 213 28.44 -18.20 28.82
CA GLU E 213 27.49 -19.31 29.12
C GLU E 213 26.46 -18.86 30.15
N LYS E 214 26.91 -18.35 31.28
CA LYS E 214 25.96 -18.11 32.38
C LYS E 214 25.54 -16.64 32.49
N CYS E 215 26.40 -15.71 32.06
CA CYS E 215 26.17 -14.29 32.38
C CYS E 215 25.66 -13.48 31.18
N CYS E 216 25.47 -14.09 30.01
CA CYS E 216 24.80 -13.43 28.90
C CYS E 216 23.48 -12.87 29.39
N HIS E 217 22.73 -13.65 30.17
CA HIS E 217 21.41 -13.26 30.71
C HIS E 217 21.54 -11.87 31.37
N PHE E 218 22.55 -11.70 32.21
CA PHE E 218 22.72 -10.43 32.98
C PHE E 218 23.19 -9.25 32.11
N PHE E 219 24.10 -9.48 31.16
CA PHE E 219 24.54 -8.43 30.20
C PHE E 219 23.32 -7.97 29.38
N ASP E 220 22.46 -8.92 28.98
CA ASP E 220 21.28 -8.59 28.20
C ASP E 220 20.34 -7.75 29.10
N LEU E 221 20.19 -8.12 30.39
CA LEU E 221 19.31 -7.32 31.27
C LEU E 221 19.87 -5.91 31.40
N MET E 222 21.19 -5.76 31.42
CA MET E 222 21.77 -4.41 31.52
C MET E 222 21.28 -3.60 30.31
N ARG E 223 21.42 -4.13 29.11
CA ARG E 223 21.05 -3.39 27.89
C ARG E 223 19.52 -3.11 27.92
N LEU E 224 18.71 -4.05 28.40
CA LEU E 224 17.24 -3.90 28.41
C LEU E 224 16.84 -2.76 29.33
N VAL E 225 17.37 -2.77 30.54
CA VAL E 225 17.05 -1.77 31.61
C VAL E 225 17.58 -0.39 31.22
N LEU E 226 18.80 -0.32 30.72
CA LEU E 226 19.50 1.00 30.53
C LEU E 226 19.19 1.56 29.14
N ARG E 227 18.69 0.73 28.21
CA ARG E 227 18.24 1.14 26.83
C ARG E 227 19.42 1.76 26.07
N ARG E 228 20.64 1.33 26.36
CA ARG E 228 21.86 1.88 25.76
C ARG E 228 22.86 0.73 25.58
N ASN E 229 23.82 0.94 24.69
CA ASN E 229 24.87 -0.06 24.42
C ASN E 229 26.06 0.22 25.32
N PRO E 230 26.75 -0.86 25.72
CA PRO E 230 27.98 -0.73 26.52
C PRO E 230 29.14 -0.23 25.64
N VAL E 231 30.04 0.55 26.26
CA VAL E 231 31.26 1.04 25.60
C VAL E 231 32.51 0.45 26.27
N ARG E 232 32.43 -0.09 27.49
CA ARG E 232 33.68 -0.52 28.13
C ARG E 232 33.35 -1.56 29.20
N VAL E 233 34.26 -2.51 29.38
CA VAL E 233 34.12 -3.60 30.36
C VAL E 233 35.43 -3.71 31.16
N MET E 234 35.32 -3.77 32.47
CA MET E 234 36.44 -4.08 33.38
C MET E 234 36.05 -5.28 34.21
N ALA E 235 36.90 -6.29 34.31
CA ALA E 235 36.54 -7.53 35.06
C ALA E 235 37.74 -8.13 35.80
N SER E 236 37.41 -8.82 36.89
CA SER E 236 38.31 -9.70 37.64
C SER E 236 37.61 -11.05 37.81
N ALA E 237 38.26 -12.15 37.50
CA ALA E 237 37.60 -13.46 37.53
C ALA E 237 38.64 -14.56 37.54
N ALA E 238 38.28 -15.69 38.13
CA ALA E 238 39.19 -16.84 38.19
C ALA E 238 38.35 -18.13 38.30
N GLN E 239 39.01 -19.26 38.09
CA GLN E 239 38.55 -20.58 38.57
C GLN E 239 39.17 -20.82 39.96
N SER E 240 38.46 -20.45 41.04
CA SER E 240 39.04 -20.44 42.41
C SER E 240 38.77 -21.76 43.14
N VAL E 241 37.71 -22.47 42.79
CA VAL E 241 37.19 -23.60 43.62
C VAL E 241 36.74 -24.75 42.71
N ASN E 242 35.85 -24.48 41.74
CA ASN E 242 35.00 -25.56 41.21
C ASN E 242 35.80 -26.38 40.16
N HIS E 243 35.51 -27.71 40.19
CA HIS E 243 35.87 -28.66 39.11
C HIS E 243 37.39 -28.81 38.96
N LEU E 244 38.19 -28.30 39.91
CA LEU E 244 39.66 -28.34 39.81
C LEU E 244 40.17 -29.77 39.96
N ASP E 245 39.36 -30.65 40.54
CA ASP E 245 39.83 -32.05 40.82
C ASP E 245 39.20 -33.03 39.83
N GLU E 246 38.47 -32.51 38.87
CA GLU E 246 37.83 -33.37 37.84
C GLU E 246 38.85 -33.62 36.72
N ARG E 247 38.69 -34.74 36.03
CA ARG E 247 39.55 -35.02 34.87
C ARG E 247 38.76 -35.74 33.77
N TYR E 248 38.83 -35.21 32.58
CA TYR E 248 38.11 -35.74 31.39
C TYR E 248 39.23 -36.06 30.38
N ASP E 249 39.47 -37.36 30.19
CA ASP E 249 40.56 -37.78 29.27
C ASP E 249 41.83 -37.06 29.72
N GLY E 250 42.06 -37.05 31.02
CA GLY E 250 43.21 -36.36 31.61
C GLY E 250 43.11 -34.86 31.65
N LYS E 251 42.10 -34.22 31.06
CA LYS E 251 42.02 -32.72 30.99
C LYS E 251 41.29 -32.15 32.20
N THR E 252 41.82 -31.04 32.74
CA THR E 252 41.16 -30.34 33.88
C THR E 252 40.21 -29.26 33.37
N PRO E 253 38.95 -29.24 33.83
CA PRO E 253 38.04 -28.13 33.47
C PRO E 253 38.71 -26.77 33.67
N ASP E 254 38.50 -25.87 32.70
CA ASP E 254 39.16 -24.53 32.68
C ASP E 254 38.16 -23.39 32.84
N ILE E 255 36.94 -23.71 33.23
CA ILE E 255 35.86 -22.69 33.32
C ILE E 255 36.00 -21.82 34.59
N LEU E 256 35.79 -20.52 34.42
CA LEU E 256 35.76 -19.60 35.57
C LEU E 256 34.60 -19.96 36.51
N ASP E 257 34.76 -19.66 37.80
CA ASP E 257 33.64 -19.90 38.74
C ASP E 257 33.24 -18.65 39.52
N ASN E 258 34.00 -17.54 39.42
CA ASN E 258 33.58 -16.33 40.17
C ASN E 258 34.22 -15.12 39.53
N GLY E 259 33.60 -13.97 39.71
CA GLY E 259 34.21 -12.71 39.35
C GLY E 259 33.24 -11.55 39.40
N TYR E 260 33.78 -10.39 39.05
CA TYR E 260 33.10 -9.08 39.07
C TYR E 260 33.29 -8.47 37.69
N VAL E 261 32.27 -7.79 37.19
CA VAL E 261 32.34 -7.11 35.88
C VAL E 261 31.69 -5.74 36.06
N ILE E 262 32.46 -4.70 35.73
CA ILE E 262 31.92 -3.33 35.61
C ILE E 262 31.68 -3.05 34.15
N VAL E 263 30.52 -2.50 33.82
CA VAL E 263 30.19 -2.16 32.42
C VAL E 263 29.77 -0.69 32.38
N ASP E 264 30.41 0.08 31.49
CA ASP E 264 30.04 1.48 31.22
C ASP E 264 29.20 1.54 29.94
N PHE E 265 28.20 2.41 29.97
CA PHE E 265 27.20 2.55 28.89
C PHE E 265 27.28 3.94 28.26
N GLU E 266 26.96 4.01 26.96
CA GLU E 266 26.72 5.28 26.24
C GLU E 266 25.60 6.05 26.96
N GLY E 267 25.87 7.33 27.32
CA GLY E 267 24.97 8.14 28.15
C GLY E 267 25.40 8.20 29.60
N GLY E 268 26.25 7.32 30.10
CA GLY E 268 26.87 7.48 31.43
C GLY E 268 26.31 6.53 32.49
N ALA E 269 25.26 5.70 32.25
CA ALA E 269 24.82 4.71 33.28
C ALA E 269 25.94 3.69 33.47
N ARG E 270 25.99 3.08 34.64
CA ARG E 270 27.00 2.05 34.89
C ARG E 270 26.32 0.81 35.48
N ALA E 271 26.92 -0.34 35.23
CA ALA E 271 26.37 -1.57 35.79
C ALA E 271 27.50 -2.44 36.35
N MET E 272 27.13 -3.33 37.25
CA MET E 272 28.09 -4.27 37.88
C MET E 272 27.43 -5.64 37.98
N LEU E 273 28.17 -6.69 37.60
CA LEU E 273 27.77 -8.10 37.77
C LEU E 273 28.70 -8.75 38.80
N GLU E 274 28.11 -9.42 39.77
CA GLU E 274 28.89 -10.30 40.68
C GLU E 274 28.45 -11.75 40.42
N LEU E 275 29.41 -12.65 40.21
CA LEU E 275 29.11 -14.09 39.99
C LEU E 275 29.87 -14.91 41.03
N CYS E 276 29.20 -15.85 41.66
CA CYS E 276 29.86 -16.90 42.44
C CYS E 276 29.13 -18.22 42.23
N MET E 277 29.86 -19.24 41.70
CA MET E 277 29.25 -20.56 41.43
C MET E 277 29.54 -21.53 42.60
N PHE E 278 29.99 -21.04 43.77
CA PHE E 278 30.15 -21.88 44.98
C PHE E 278 29.45 -21.24 46.18
N ALA E 279 28.43 -20.44 45.93
CA ALA E 279 27.61 -19.77 46.95
C ALA E 279 26.24 -20.46 47.01
N ASP E 280 26.26 -21.81 47.14
CA ASP E 280 25.06 -22.68 47.20
C ASP E 280 24.10 -22.22 48.30
N GLY E 281 24.58 -21.68 49.42
CA GLY E 281 23.73 -21.44 50.59
C GLY E 281 22.92 -20.15 50.50
N ALA E 282 23.16 -19.30 49.48
CA ALA E 282 22.47 -18.01 49.37
C ALA E 282 20.97 -18.23 49.23
N ARG E 283 20.20 -17.53 50.06
CA ARG E 283 18.72 -17.67 50.05
C ARG E 283 18.20 -17.34 48.65
N TYR E 284 18.65 -16.24 48.09
CA TYR E 284 18.25 -15.80 46.74
C TYR E 284 19.42 -16.01 45.79
N GLN E 285 19.13 -16.70 44.71
CA GLN E 285 20.16 -16.97 43.67
C GLN E 285 20.49 -15.67 42.90
N GLU E 286 19.49 -14.91 42.49
CA GLU E 286 19.77 -13.62 41.84
C GLU E 286 19.25 -12.51 42.71
N THR E 287 20.02 -11.43 42.80
CA THR E 287 19.51 -10.14 43.32
C THR E 287 19.89 -9.08 42.32
N ILE E 288 18.98 -8.16 42.07
CA ILE E 288 19.18 -7.13 41.06
C ILE E 288 18.70 -5.83 41.67
N SER E 289 19.57 -4.81 41.71
CA SER E 289 19.31 -3.46 42.30
C SER E 289 19.39 -2.40 41.19
N ALA E 290 18.41 -1.49 41.08
CA ALA E 290 18.46 -0.31 40.20
C ALA E 290 18.28 0.92 41.09
N VAL E 291 19.19 1.88 40.97
CA VAL E 291 19.22 3.11 41.78
C VAL E 291 19.25 4.33 40.86
N GLY E 292 18.40 5.31 41.20
CA GLY E 292 18.46 6.65 40.59
C GLY E 292 18.09 7.74 41.61
N PRO E 293 17.96 8.99 41.14
CA PRO E 293 17.79 10.15 42.00
C PRO E 293 16.49 10.15 42.80
N ALA E 294 15.50 9.33 42.44
CA ALA E 294 14.18 9.30 43.14
C ALA E 294 14.01 8.07 44.03
N GLY E 295 14.89 7.08 43.95
CA GLY E 295 14.72 5.86 44.73
C GLY E 295 15.50 4.69 44.18
N LYS E 296 15.25 3.54 44.81
CA LYS E 296 15.94 2.24 44.58
C LYS E 296 14.87 1.13 44.50
N ILE E 297 15.05 0.19 43.57
CA ILE E 297 14.24 -1.04 43.55
C ILE E 297 15.19 -2.23 43.52
N GLU E 298 14.82 -3.30 44.21
CA GLU E 298 15.68 -4.51 44.24
C GLU E 298 14.79 -5.75 44.14
N ALA E 299 15.20 -6.72 43.31
CA ALA E 299 14.51 -7.99 43.11
C ALA E 299 15.34 -9.08 43.77
N PHE E 300 14.65 -9.99 44.42
CA PHE E 300 15.21 -11.13 45.17
C PHE E 300 14.59 -12.40 44.56
N VAL E 301 15.41 -13.16 43.86
CA VAL E 301 14.91 -14.23 42.94
C VAL E 301 15.43 -15.55 43.48
N PRO E 302 14.56 -16.46 43.89
CA PRO E 302 14.97 -17.79 44.35
C PRO E 302 15.56 -18.64 43.24
N GLY E 303 16.43 -19.58 43.62
CA GLY E 303 16.92 -20.62 42.71
C GLY E 303 15.84 -21.64 42.37
N PRO E 304 16.19 -22.67 41.58
CA PRO E 304 15.23 -23.70 41.19
C PRO E 304 14.69 -24.43 42.42
N THR E 305 13.37 -24.62 42.50
CA THR E 305 12.77 -25.25 43.70
C THR E 305 13.26 -26.69 43.88
N ARG E 306 13.67 -27.37 42.82
CA ARG E 306 14.06 -28.79 42.96
C ARG E 306 15.36 -28.88 43.73
N PHE E 307 16.10 -27.76 43.88
CA PHE E 307 17.40 -27.83 44.59
C PHE E 307 17.26 -27.31 46.02
N TRP E 308 16.04 -27.06 46.46
CA TRP E 308 15.78 -26.61 47.85
C TRP E 308 15.28 -27.82 48.63
N PRO E 309 16.14 -28.48 49.43
CA PRO E 309 15.72 -29.70 50.13
C PRO E 309 14.53 -29.49 51.08
N GLY E 310 13.59 -30.45 51.08
CA GLY E 310 12.36 -30.35 51.89
C GLY E 310 12.65 -30.33 53.39
N ASP E 311 13.81 -30.83 53.79
CA ASP E 311 14.29 -30.70 55.20
C ASP E 311 14.56 -29.25 55.59
N LEU E 312 14.62 -28.30 54.63
CA LEU E 312 14.86 -26.85 54.92
C LEU E 312 13.52 -26.12 55.13
N GLY E 313 12.37 -26.81 55.01
CA GLY E 313 11.06 -26.12 55.00
C GLY E 313 10.79 -25.46 53.64
N ALA E 314 9.77 -24.59 53.54
CA ALA E 314 9.30 -24.00 52.26
C ALA E 314 10.40 -23.17 51.58
N PRO E 315 10.51 -23.25 50.24
CA PRO E 315 11.52 -22.46 49.56
C PRO E 315 11.19 -20.96 49.64
N PRO E 316 12.22 -20.12 49.52
CA PRO E 316 11.99 -18.69 49.60
C PRO E 316 11.05 -18.20 48.51
N VAL E 317 10.23 -17.22 48.88
CA VAL E 317 9.25 -16.56 47.99
C VAL E 317 9.99 -15.45 47.24
N PRO E 318 9.78 -15.24 45.93
CA PRO E 318 10.38 -14.08 45.28
C PRO E 318 9.87 -12.77 45.86
N LEU E 319 10.75 -11.79 45.96
CA LEU E 319 10.39 -10.46 46.54
C LEU E 319 10.89 -9.30 45.67
N ILE E 320 10.21 -8.18 45.76
CA ILE E 320 10.78 -6.92 45.27
C ILE E 320 10.71 -5.97 46.47
N GLU E 321 11.70 -5.12 46.61
CA GLU E 321 11.75 -4.12 47.68
C GLU E 321 11.86 -2.75 47.02
N ILE E 322 10.94 -1.86 47.37
CA ILE E 322 10.89 -0.46 46.88
C ILE E 322 11.38 0.47 48.00
N SER E 323 12.36 1.30 47.70
CA SER E 323 12.99 2.18 48.70
C SER E 323 13.02 3.61 48.14
N PRO E 324 11.91 4.38 48.27
CA PRO E 324 11.83 5.74 47.77
C PRO E 324 12.81 6.64 48.61
N ARG E 325 13.54 7.48 47.88
CA ARG E 325 14.68 8.21 48.47
C ARG E 325 14.20 9.25 49.48
N LEU E 326 13.23 10.06 49.05
CA LEU E 326 12.82 11.22 49.91
C LEU E 326 11.86 10.76 51.01
N SER E 327 10.88 9.90 50.68
CA SER E 327 9.92 9.39 51.71
C SER E 327 10.57 8.43 52.72
N LYS E 328 11.56 7.66 52.29
CA LYS E 328 12.17 6.59 53.14
C LYS E 328 11.16 5.51 53.56
N GLN E 329 9.98 5.45 52.93
CA GLN E 329 8.90 4.48 53.27
C GLN E 329 9.10 3.21 52.41
N ILE E 330 9.78 2.22 52.96
CA ILE E 330 10.13 0.99 52.20
C ILE E 330 8.90 0.09 52.08
N LYS E 331 8.70 -0.44 50.88
CA LYS E 331 7.63 -1.45 50.67
C LYS E 331 8.24 -2.75 50.13
N VAL E 332 7.73 -3.87 50.63
CA VAL E 332 8.13 -5.21 50.12
C VAL E 332 6.90 -5.91 49.55
N HIS E 333 7.07 -6.49 48.37
CA HIS E 333 6.01 -7.29 47.69
C HIS E 333 6.50 -8.72 47.46
N GLU E 334 5.67 -9.70 47.83
CA GLU E 334 5.87 -11.10 47.40
C GLU E 334 5.39 -11.20 45.95
N ILE E 335 6.13 -11.88 45.11
CA ILE E 335 5.73 -12.11 43.69
C ILE E 335 5.87 -13.61 43.40
N PRO E 336 4.90 -14.41 43.90
CA PRO E 336 4.96 -15.85 43.74
C PRO E 336 4.75 -16.31 42.30
N VAL E 337 5.39 -17.42 41.95
CA VAL E 337 5.23 -18.09 40.64
C VAL E 337 4.09 -19.11 40.76
N ASP E 338 3.23 -19.17 39.75
CA ASP E 338 2.17 -20.22 39.65
C ASP E 338 2.80 -21.59 39.90
N PRO E 339 2.26 -22.44 40.82
CA PRO E 339 2.84 -23.76 41.09
C PRO E 339 2.96 -24.68 39.86
N LYS E 340 2.04 -24.58 38.90
CA LYS E 340 2.16 -25.35 37.63
C LYS E 340 3.46 -24.96 36.90
N LEU E 341 3.85 -23.70 36.95
CA LEU E 341 5.06 -23.22 36.23
C LEU E 341 6.29 -23.64 37.02
N LEU E 342 6.23 -23.65 38.35
CA LEU E 342 7.34 -24.21 39.13
C LEU E 342 7.53 -25.71 38.85
N LYS E 343 6.46 -26.48 38.60
CA LYS E 343 6.61 -27.95 38.29
C LYS E 343 7.28 -28.13 36.92
N ALA E 344 7.14 -27.20 35.98
CA ALA E 344 7.53 -27.38 34.56
C ALA E 344 9.00 -26.97 34.34
N GLY E 345 9.67 -26.33 35.30
CA GLY E 345 11.04 -25.82 35.02
C GLY E 345 11.79 -25.28 36.19
N ASP E 346 13.04 -24.87 35.90
CA ASP E 346 14.03 -24.39 36.90
C ASP E 346 14.14 -22.85 36.86
N HIS E 347 13.33 -22.14 36.08
CA HIS E 347 13.51 -20.69 35.83
C HIS E 347 12.29 -19.87 36.21
N ASN E 348 11.66 -20.21 37.33
CA ASN E 348 10.56 -19.36 37.91
C ASN E 348 9.50 -19.09 36.85
N GLY E 349 9.22 -20.05 36.01
CA GLY E 349 8.12 -19.95 35.03
C GLY E 349 8.50 -19.17 33.79
N ALA E 350 9.72 -18.63 33.73
CA ALA E 350 10.11 -17.71 32.66
C ALA E 350 10.04 -18.44 31.33
N THR E 351 10.34 -19.73 31.29
CA THR E 351 10.34 -20.47 30.00
C THR E 351 8.93 -20.45 29.39
N TYR E 352 7.91 -20.51 30.25
CA TYR E 352 6.50 -20.51 29.78
C TYR E 352 6.17 -19.14 29.20
N PHE E 353 6.47 -18.07 29.94
CA PHE E 353 6.15 -16.69 29.46
C PHE E 353 6.87 -16.42 28.14
N GLN E 354 8.12 -16.89 28.01
CA GLN E 354 8.90 -16.74 26.77
C GLN E 354 8.14 -17.41 25.61
N HIS E 355 7.72 -18.64 25.83
CA HIS E 355 6.99 -19.39 24.77
C HIS E 355 5.68 -18.71 24.43
N GLN E 356 4.97 -18.16 25.41
CA GLN E 356 3.71 -17.46 25.08
C GLN E 356 4.00 -16.36 24.05
N ARG E 357 5.10 -15.64 24.24
CA ARG E 357 5.40 -14.49 23.35
C ARG E 357 5.92 -14.99 22.01
N PHE E 358 6.77 -16.01 22.04
CA PHE E 358 7.33 -16.57 20.78
C PHE E 358 6.18 -17.17 19.95
N MET E 359 5.30 -17.91 20.63
CA MET E 359 4.17 -18.53 19.89
C MET E 359 3.30 -17.44 19.20
N ALA E 360 3.06 -16.32 19.88
CA ALA E 360 2.18 -15.27 19.32
C ALA E 360 2.86 -14.67 18.08
N LEU E 361 4.19 -14.56 18.14
CA LEU E 361 5.00 -14.13 16.97
C LEU E 361 4.87 -15.14 15.82
N VAL E 362 5.01 -16.43 16.11
CA VAL E 362 4.90 -17.48 15.07
C VAL E 362 3.51 -17.44 14.44
N GLN E 363 2.48 -17.24 15.25
CA GLN E 363 1.07 -17.24 14.79
C GLN E 363 0.76 -15.98 13.99
N GLY E 364 1.48 -14.91 14.25
CA GLY E 364 1.24 -13.63 13.56
C GLY E 364 0.36 -12.71 14.36
N SER E 365 0.03 -13.03 15.61
CA SER E 365 -0.74 -12.12 16.50
C SER E 365 0.20 -11.02 17.00
N SER E 366 1.50 -11.24 16.95
CA SER E 366 2.51 -10.23 17.34
C SER E 366 3.50 -10.06 16.20
N THR E 367 4.25 -8.97 16.20
CA THR E 367 5.29 -8.74 15.16
C THR E 367 6.68 -8.59 15.83
N GLU E 368 6.71 -8.46 17.15
CA GLU E 368 7.97 -8.10 17.83
C GLU E 368 8.77 -9.34 18.26
N THR E 369 10.02 -9.42 17.82
CA THR E 369 11.02 -10.33 18.46
C THR E 369 11.58 -9.59 19.68
N GLU E 370 11.27 -10.02 20.90
CA GLU E 370 11.66 -9.24 22.11
C GLU E 370 13.14 -9.41 22.40
N VAL E 371 13.69 -10.58 22.11
CA VAL E 371 15.15 -10.79 22.30
C VAL E 371 15.72 -11.16 20.94
N SER E 372 16.34 -10.21 20.28
CA SER E 372 16.78 -10.32 18.87
C SER E 372 18.15 -11.00 18.78
N PHE E 373 18.50 -11.40 17.58
CA PHE E 373 19.86 -11.85 17.24
C PHE E 373 20.86 -10.83 17.79
N SER E 374 20.58 -9.56 17.49
CA SER E 374 21.45 -8.43 17.92
C SER E 374 21.56 -8.38 19.46
N ASP E 375 20.47 -8.57 20.18
CA ASP E 375 20.53 -8.62 21.67
C ASP E 375 21.38 -9.83 22.10
N GLY E 376 21.17 -10.98 21.45
CA GLY E 376 21.98 -12.18 21.75
C GLY E 376 23.46 -11.89 21.54
N LEU E 377 23.79 -11.24 20.41
CA LEU E 377 25.21 -11.02 20.04
C LEU E 377 25.82 -10.02 21.01
N TRP E 378 25.12 -8.97 21.33
CA TRP E 378 25.66 -7.98 22.30
C TRP E 378 26.00 -8.70 23.62
N ALA E 379 25.10 -9.54 24.08
CA ALA E 379 25.28 -10.21 25.38
C ALA E 379 26.54 -11.08 25.31
N VAL E 380 26.76 -11.79 24.20
CA VAL E 380 27.95 -12.66 24.06
C VAL E 380 29.20 -11.79 23.99
N ARG E 381 29.17 -10.69 23.21
CA ARG E 381 30.35 -9.82 23.07
C ARG E 381 30.71 -9.22 24.44
N MET E 382 29.72 -8.91 25.24
CA MET E 382 29.98 -8.42 26.61
C MET E 382 30.70 -9.51 27.45
N GLY E 383 30.23 -10.76 27.40
CA GLY E 383 30.89 -11.86 28.10
C GLY E 383 32.32 -12.07 27.58
N MET E 384 32.50 -12.01 26.25
CA MET E 384 33.85 -12.18 25.65
C MET E 384 34.79 -11.07 26.15
N ALA E 385 34.30 -9.85 26.23
CA ALA E 385 35.12 -8.69 26.68
C ALA E 385 35.42 -8.85 28.17
N ALA E 386 34.46 -9.30 28.96
CA ALA E 386 34.68 -9.56 30.40
C ALA E 386 35.78 -10.60 30.55
N GLN E 387 35.71 -11.68 29.78
CA GLN E 387 36.74 -12.74 29.92
C GLN E 387 38.11 -12.21 29.52
N HIS E 388 38.20 -11.44 28.41
CA HIS E 388 39.48 -10.87 27.96
C HIS E 388 40.01 -9.90 29.03
N SER E 389 39.12 -9.08 29.58
CA SER E 389 39.52 -8.10 30.62
C SER E 389 40.10 -8.84 31.84
N ALA E 390 39.41 -9.88 32.31
CA ALA E 390 39.85 -10.66 33.48
C ALA E 390 41.17 -11.36 33.17
N ALA E 391 41.40 -11.80 31.92
CA ALA E 391 42.63 -12.53 31.54
C ALA E 391 43.81 -11.58 31.50
N THR E 392 43.62 -10.32 31.13
CA THR E 392 44.73 -9.37 30.87
C THR E 392 44.84 -8.34 31.98
N GLY E 393 43.85 -8.21 32.86
CA GLY E 393 43.89 -7.14 33.89
C GLY E 393 43.72 -5.75 33.29
N GLN E 394 43.07 -5.65 32.11
CA GLN E 394 42.92 -4.36 31.40
C GLN E 394 41.45 -4.14 31.04
N ALA E 395 41.03 -2.89 30.91
CA ALA E 395 39.73 -2.50 30.38
C ALA E 395 39.65 -2.95 28.92
N VAL E 396 38.45 -3.31 28.51
CA VAL E 396 38.20 -3.73 27.12
C VAL E 396 37.09 -2.82 26.59
N THR E 397 37.36 -2.14 25.47
CA THR E 397 36.33 -1.30 24.84
C THR E 397 35.44 -2.19 23.96
N LEU E 398 34.20 -1.78 23.72
CA LEU E 398 33.29 -2.41 22.72
C LEU E 398 32.79 -1.35 21.72
N GLU E 399 32.66 -1.71 20.44
CA GLU E 399 32.15 -0.77 19.38
C GLU E 399 30.78 -1.18 18.81
N LEU F 38 -23.35 16.61 6.66
CA LEU F 38 -24.20 17.37 5.72
C LEU F 38 -23.46 17.50 4.36
N VAL F 39 -24.21 17.54 3.26
CA VAL F 39 -23.62 17.87 1.94
C VAL F 39 -24.22 19.22 1.52
N ARG F 40 -23.36 20.22 1.26
N ARG F 40 -23.36 20.22 1.26
CA ARG F 40 -23.81 21.58 0.86
CA ARG F 40 -23.81 21.58 0.86
C ARG F 40 -23.63 21.75 -0.65
C ARG F 40 -23.64 21.75 -0.66
N TYR F 41 -24.70 22.15 -1.35
CA TYR F 41 -24.65 22.29 -2.80
C TYR F 41 -24.64 23.76 -3.20
N GLY F 42 -23.93 24.05 -4.28
CA GLY F 42 -24.14 25.31 -5.00
C GLY F 42 -24.80 25.01 -6.35
N ILE F 43 -25.66 25.92 -6.79
CA ILE F 43 -26.45 25.79 -8.04
C ILE F 43 -26.10 26.97 -8.96
N ILE F 44 -25.69 26.66 -10.17
CA ILE F 44 -25.36 27.64 -11.22
C ILE F 44 -26.43 27.50 -12.28
N GLY F 45 -27.35 28.47 -12.29
CA GLY F 45 -28.51 28.41 -13.18
C GLY F 45 -29.67 27.79 -12.40
N CYS F 46 -30.73 28.56 -12.19
CA CYS F 46 -31.84 28.09 -11.31
C CYS F 46 -33.17 28.55 -11.85
N GLY F 47 -33.46 28.13 -13.10
CA GLY F 47 -34.78 28.23 -13.72
C GLY F 47 -35.60 26.99 -13.44
N MET F 48 -36.34 26.50 -14.45
CA MET F 48 -37.24 25.36 -14.24
C MET F 48 -36.45 24.18 -13.68
N MET F 49 -35.41 23.72 -14.39
CA MET F 49 -34.75 22.48 -13.98
C MET F 49 -33.95 22.75 -12.69
N GLY F 50 -33.30 23.91 -12.57
CA GLY F 50 -32.60 24.22 -11.31
C GLY F 50 -33.56 24.14 -10.11
N GLN F 51 -34.82 24.58 -10.27
CA GLN F 51 -35.84 24.59 -9.19
C GLN F 51 -36.18 23.13 -8.91
N GLU F 52 -36.26 22.29 -9.94
CA GLU F 52 -36.45 20.85 -9.71
C GLU F 52 -35.29 20.30 -8.87
N HIS F 53 -34.06 20.66 -9.17
CA HIS F 53 -32.88 20.26 -8.36
C HIS F 53 -33.10 20.73 -6.93
N LEU F 54 -33.55 21.98 -6.74
CA LEU F 54 -33.77 22.49 -5.36
C LEU F 54 -34.75 21.55 -4.64
N ARG F 55 -35.88 21.23 -5.26
CA ARG F 55 -36.97 20.51 -4.55
C ARG F 55 -36.52 19.08 -4.24
N ASN F 56 -35.70 18.48 -5.12
CA ASN F 56 -35.24 17.08 -4.93
C ASN F 56 -34.14 17.00 -3.88
N ILE F 57 -33.24 17.98 -3.90
CA ILE F 57 -32.17 18.05 -2.86
C ILE F 57 -32.85 18.18 -1.50
N ALA F 58 -33.91 18.97 -1.41
CA ALA F 58 -34.54 19.23 -0.10
C ALA F 58 -35.09 17.90 0.45
N LEU F 59 -35.38 16.92 -0.40
CA LEU F 59 -35.98 15.62 0.08
C LEU F 59 -34.88 14.68 0.58
N LEU F 60 -33.61 15.02 0.36
CA LEU F 60 -32.49 14.14 0.79
C LEU F 60 -32.10 14.51 2.20
N ASP F 61 -32.01 13.53 3.07
CA ASP F 61 -31.50 13.64 4.45
C ASP F 61 -30.04 14.15 4.28
N GLY F 62 -29.73 15.21 5.01
CA GLY F 62 -28.31 15.64 5.18
C GLY F 62 -27.83 16.45 3.98
N ALA F 63 -28.73 16.93 3.12
CA ALA F 63 -28.33 17.73 1.94
C ALA F 63 -29.03 19.08 2.00
N GLY F 64 -28.32 20.11 1.57
CA GLY F 64 -28.90 21.44 1.56
C GLY F 64 -28.29 22.27 0.47
N VAL F 65 -29.08 23.16 -0.09
CA VAL F 65 -28.58 24.20 -1.03
C VAL F 65 -28.16 25.44 -0.27
N SER F 66 -26.87 25.74 -0.30
N SER F 66 -26.88 25.75 -0.33
CA SER F 66 -26.29 26.91 0.43
CA SER F 66 -26.29 26.90 0.41
C SER F 66 -25.99 28.08 -0.53
C SER F 66 -26.03 28.09 -0.55
N ALA F 67 -25.85 27.85 -1.85
CA ALA F 67 -25.42 28.92 -2.78
C ALA F 67 -26.09 28.81 -4.13
N ILE F 68 -26.55 29.94 -4.67
CA ILE F 68 -27.16 29.97 -6.02
C ILE F 68 -26.61 31.16 -6.81
N PHE F 69 -26.25 30.93 -8.06
CA PHE F 69 -26.07 32.01 -9.05
C PHE F 69 -27.21 31.90 -10.05
N GLU F 70 -28.09 32.89 -10.06
CA GLU F 70 -29.21 32.94 -11.01
C GLU F 70 -29.43 34.39 -11.40
N PRO F 71 -29.11 34.79 -12.65
CA PRO F 71 -29.12 36.21 -13.01
C PRO F 71 -30.49 36.85 -13.28
N ASP F 72 -31.55 36.05 -13.39
CA ASP F 72 -32.90 36.57 -13.72
C ASP F 72 -33.64 36.87 -12.41
N ALA F 73 -34.12 38.09 -12.25
CA ALA F 73 -34.79 38.54 -11.01
C ALA F 73 -36.02 37.67 -10.64
N ALA F 74 -36.86 37.31 -11.65
CA ALA F 74 -38.06 36.46 -11.41
C ALA F 74 -37.63 35.06 -10.96
N MET F 75 -36.61 34.48 -11.59
CA MET F 75 -36.16 33.14 -11.18
C MET F 75 -35.49 33.22 -9.79
N GLN F 76 -34.77 34.29 -9.47
CA GLN F 76 -34.24 34.51 -8.10
C GLN F 76 -35.39 34.53 -7.08
N ARG F 77 -36.51 35.20 -7.40
CA ARG F 77 -37.66 35.20 -6.43
C ARG F 77 -38.21 33.76 -6.26
N ALA F 78 -38.37 33.02 -7.37
CA ALA F 78 -38.93 31.65 -7.38
C ALA F 78 -37.98 30.70 -6.62
N ALA F 79 -36.66 30.83 -6.85
CA ALA F 79 -35.65 29.98 -6.15
C ALA F 79 -35.62 30.32 -4.66
N HIS F 80 -35.66 31.60 -4.29
CA HIS F 80 -35.64 32.03 -2.87
C HIS F 80 -36.88 31.48 -2.15
N ALA F 81 -38.03 31.41 -2.82
CA ALA F 81 -39.28 30.89 -2.19
C ALA F 81 -39.09 29.39 -1.91
N ILE F 82 -38.37 28.67 -2.75
CA ILE F 82 -38.20 27.20 -2.59
C ILE F 82 -37.17 26.93 -1.51
N ALA F 83 -36.06 27.67 -1.53
CA ALA F 83 -34.88 27.43 -0.67
C ALA F 83 -34.48 28.71 0.03
N PRO F 84 -35.28 29.10 1.04
CA PRO F 84 -35.14 30.41 1.66
C PRO F 84 -33.78 30.61 2.36
N GLN F 85 -33.04 29.54 2.70
CA GLN F 85 -31.76 29.66 3.41
C GLN F 85 -30.62 29.85 2.42
N ALA F 86 -30.82 29.63 1.12
CA ALA F 86 -29.72 29.71 0.14
C ALA F 86 -29.26 31.19 0.04
N ALA F 87 -27.94 31.39 -0.08
CA ALA F 87 -27.38 32.72 -0.44
C ALA F 87 -27.27 32.81 -1.96
N PHE F 88 -27.58 33.98 -2.49
CA PHE F 88 -27.40 34.31 -3.94
C PHE F 88 -26.10 35.10 -4.13
N TYR F 89 -25.49 34.87 -5.27
CA TYR F 89 -24.18 35.45 -5.62
C TYR F 89 -24.32 36.10 -6.98
N PRO F 90 -23.59 37.21 -7.24
CA PRO F 90 -23.71 37.94 -8.51
C PRO F 90 -23.03 37.35 -9.75
N SER F 91 -22.20 36.34 -9.54
CA SER F 91 -21.46 35.65 -10.61
C SER F 91 -21.06 34.23 -10.14
N VAL F 92 -20.63 33.39 -11.07
CA VAL F 92 -19.95 32.12 -10.72
C VAL F 92 -18.67 32.44 -9.92
N GLN F 93 -17.84 33.39 -10.38
CA GLN F 93 -16.60 33.75 -9.63
C GLN F 93 -16.93 34.07 -8.17
N ALA F 94 -17.97 34.86 -7.92
CA ALA F 94 -18.29 35.29 -6.53
C ALA F 94 -18.71 34.08 -5.69
N LEU F 95 -19.55 33.19 -6.25
CA LEU F 95 -20.03 31.97 -5.57
C LEU F 95 -18.81 31.09 -5.24
N LEU F 96 -17.93 30.83 -6.21
CA LEU F 96 -16.79 29.91 -5.96
C LEU F 96 -15.79 30.54 -5.00
N ALA F 97 -15.64 31.85 -4.98
CA ALA F 97 -14.66 32.50 -4.06
C ALA F 97 -15.06 32.25 -2.58
N SER F 98 -16.35 32.40 -2.22
CA SER F 98 -16.74 32.56 -0.79
C SER F 98 -17.62 31.43 -0.24
N ALA F 99 -18.37 30.70 -1.06
CA ALA F 99 -19.39 29.77 -0.56
C ALA F 99 -18.72 28.56 0.12
N ASP F 100 -19.31 28.11 1.20
CA ASP F 100 -18.98 26.80 1.82
C ASP F 100 -19.84 25.76 1.13
N ILE F 101 -19.30 25.07 0.13
CA ILE F 101 -20.09 24.04 -0.61
C ILE F 101 -19.19 22.85 -0.88
N ASP F 102 -19.82 21.69 -1.05
CA ASP F 102 -19.12 20.42 -1.27
C ASP F 102 -19.25 20.04 -2.74
N CYS F 103 -20.16 20.68 -3.48
CA CYS F 103 -20.46 20.21 -4.82
C CYS F 103 -21.30 21.22 -5.57
N LEU F 104 -21.40 21.04 -6.88
CA LEU F 104 -22.05 22.04 -7.77
C LEU F 104 -22.98 21.33 -8.72
N VAL F 105 -24.10 21.99 -8.99
CA VAL F 105 -25.03 21.60 -10.06
C VAL F 105 -24.98 22.74 -11.07
N ILE F 106 -24.83 22.44 -12.35
CA ILE F 106 -24.99 23.41 -13.46
C ILE F 106 -26.34 23.13 -14.11
N ALA F 107 -27.23 24.09 -14.11
CA ALA F 107 -28.55 24.01 -14.78
C ALA F 107 -28.81 25.31 -15.50
N SER F 108 -27.73 25.86 -16.06
CA SER F 108 -27.76 26.99 -17.03
C SER F 108 -28.19 26.49 -18.42
N PRO F 109 -28.49 27.39 -19.37
CA PRO F 109 -28.82 26.97 -20.73
C PRO F 109 -27.66 26.17 -21.37
N ASN F 110 -28.00 25.33 -22.35
CA ASN F 110 -27.08 24.29 -22.90
C ASN F 110 -25.77 24.94 -23.32
N TYR F 111 -25.84 26.09 -23.99
CA TYR F 111 -24.68 26.70 -24.67
C TYR F 111 -23.70 27.23 -23.64
N CYS F 112 -24.10 27.35 -22.38
CA CYS F 112 -23.20 27.86 -21.30
C CYS F 112 -22.33 26.76 -20.68
N HIS F 113 -22.71 25.49 -20.80
CA HIS F 113 -22.14 24.38 -19.97
C HIS F 113 -20.63 24.27 -20.21
N ALA F 114 -20.19 24.23 -21.46
CA ALA F 114 -18.73 24.06 -21.74
C ALA F 114 -17.91 25.18 -21.05
N ASP F 115 -18.31 26.44 -21.21
CA ASP F 115 -17.55 27.57 -20.68
C ASP F 115 -17.55 27.49 -19.15
N GLN F 116 -18.67 27.07 -18.58
CA GLN F 116 -18.78 27.03 -17.09
C GLN F 116 -17.92 25.91 -16.54
N ILE F 117 -17.86 24.75 -17.21
CA ILE F 117 -16.98 23.67 -16.74
C ILE F 117 -15.53 24.20 -16.77
N VAL F 118 -15.15 24.87 -17.84
CA VAL F 118 -13.76 25.37 -17.97
C VAL F 118 -13.51 26.41 -16.86
N GLU F 119 -14.47 27.29 -16.62
CA GLU F 119 -14.35 28.35 -15.58
C GLU F 119 -14.19 27.68 -14.22
N ILE F 120 -15.05 26.72 -13.91
CA ILE F 120 -14.97 26.04 -12.58
C ILE F 120 -13.61 25.35 -12.48
N ALA F 121 -13.13 24.74 -13.54
CA ALA F 121 -11.87 23.95 -13.55
C ALA F 121 -10.70 24.89 -13.28
N ALA F 122 -10.80 26.16 -13.71
CA ALA F 122 -9.74 27.18 -13.55
C ALA F 122 -9.86 27.88 -12.18
N THR F 123 -10.94 27.68 -11.46
CA THR F 123 -11.29 28.51 -10.30
C THR F 123 -11.35 27.69 -9.01
N ARG F 124 -12.13 26.61 -9.06
CA ARG F 124 -12.41 25.81 -7.85
C ARG F 124 -13.03 24.47 -8.26
N PRO F 125 -12.21 23.47 -8.61
CA PRO F 125 -12.71 22.17 -9.01
C PRO F 125 -13.39 21.52 -7.78
N LEU F 126 -14.63 21.19 -7.99
CA LEU F 126 -15.51 20.49 -7.04
C LEU F 126 -16.24 19.41 -7.82
N PRO F 127 -16.75 18.39 -7.10
CA PRO F 127 -17.68 17.42 -7.66
C PRO F 127 -18.82 18.14 -8.39
N LEU F 128 -19.00 17.77 -9.64
CA LEU F 128 -19.90 18.53 -10.54
C LEU F 128 -21.03 17.61 -11.06
N LEU F 129 -22.29 18.04 -10.84
CA LEU F 129 -23.43 17.50 -11.56
C LEU F 129 -23.76 18.50 -12.66
N VAL F 130 -23.42 18.14 -13.89
CA VAL F 130 -23.67 19.07 -15.03
C VAL F 130 -24.90 18.60 -15.83
N GLU F 131 -25.87 19.50 -15.99
CA GLU F 131 -27.06 19.16 -16.78
C GLU F 131 -26.65 18.74 -18.18
N LYS F 132 -27.45 17.85 -18.76
CA LYS F 132 -27.32 17.53 -20.19
C LYS F 132 -27.82 18.73 -20.99
N PRO F 133 -27.47 18.85 -22.27
CA PRO F 133 -26.37 18.08 -22.85
C PRO F 133 -25.06 18.62 -22.31
N LEU F 134 -24.04 17.76 -22.31
CA LEU F 134 -22.73 18.13 -21.79
C LEU F 134 -22.23 19.40 -22.49
N LEU F 135 -22.41 19.48 -23.81
CA LEU F 135 -21.97 20.66 -24.58
C LEU F 135 -22.80 20.74 -25.85
N THR F 136 -22.66 21.88 -26.55
CA THR F 136 -23.46 22.18 -27.75
C THR F 136 -22.59 22.36 -29.00
N ASP F 137 -21.34 22.82 -28.83
CA ASP F 137 -20.50 23.27 -29.96
C ASP F 137 -19.41 22.24 -30.21
N PRO F 138 -19.39 21.56 -31.37
CA PRO F 138 -18.33 20.60 -31.66
C PRO F 138 -16.91 21.18 -31.48
N ALA F 139 -16.77 22.48 -31.69
CA ALA F 139 -15.48 23.21 -31.52
C ALA F 139 -15.01 23.11 -30.05
N ASP F 140 -15.90 22.81 -29.09
CA ASP F 140 -15.51 22.72 -27.65
C ASP F 140 -15.07 21.29 -27.24
N ILE F 141 -15.22 20.30 -28.08
CA ILE F 141 -15.03 18.89 -27.64
C ILE F 141 -13.59 18.68 -27.21
N ALA F 142 -12.65 19.16 -28.03
CA ALA F 142 -11.20 18.96 -27.72
C ALA F 142 -10.93 19.54 -26.29
N ARG F 143 -11.23 20.86 -26.19
CA ARG F 143 -10.73 21.67 -25.02
C ARG F 143 -11.43 21.15 -23.77
N LEU F 144 -12.73 20.82 -23.88
CA LEU F 144 -13.46 20.21 -22.73
C LEU F 144 -12.85 18.84 -22.38
N THR F 145 -12.55 17.98 -23.38
CA THR F 145 -11.99 16.64 -23.09
C THR F 145 -10.71 16.85 -22.29
N GLN F 146 -9.88 17.81 -22.70
CA GLN F 146 -8.60 18.03 -21.96
C GLN F 146 -8.90 18.55 -20.54
N THR F 147 -9.87 19.47 -20.36
CA THR F 147 -10.28 19.95 -19.02
C THR F 147 -10.67 18.74 -18.14
N ALA F 148 -11.54 17.88 -18.67
CA ALA F 148 -12.04 16.69 -17.93
C ALA F 148 -10.87 15.76 -17.50
N GLU F 149 -9.94 15.50 -18.41
CA GLU F 149 -8.78 14.60 -18.15
C GLU F 149 -7.98 15.14 -16.97
N ARG F 150 -7.94 16.46 -16.81
CA ARG F 150 -7.13 17.12 -15.75
C ARG F 150 -7.95 17.45 -14.51
N TYR F 151 -9.26 17.21 -14.50
CA TYR F 151 -10.13 17.70 -13.41
C TYR F 151 -10.06 16.76 -12.21
N PRO F 152 -9.69 17.26 -11.00
CA PRO F 152 -9.41 16.39 -9.87
C PRO F 152 -10.62 15.94 -9.03
N ALA F 153 -11.82 16.09 -9.55
CA ALA F 153 -13.05 15.72 -8.84
C ALA F 153 -13.97 15.03 -9.84
N PRO F 154 -15.02 14.36 -9.36
CA PRO F 154 -16.00 13.74 -10.28
C PRO F 154 -16.71 14.77 -11.15
N ILE F 155 -16.98 14.38 -12.38
CA ILE F 155 -17.95 15.03 -13.27
C ILE F 155 -19.01 13.98 -13.60
N TRP F 156 -20.25 14.29 -13.25
CA TRP F 156 -21.45 13.46 -13.47
C TRP F 156 -22.38 14.22 -14.39
N VAL F 157 -22.76 13.65 -15.56
CA VAL F 157 -23.62 14.38 -16.50
C VAL F 157 -25.05 13.95 -16.21
N ALA F 158 -25.95 14.92 -16.00
CA ALA F 158 -27.23 14.69 -15.28
C ALA F 158 -28.31 14.11 -16.24
N MET F 159 -27.97 13.01 -16.91
CA MET F 159 -28.91 12.21 -17.71
C MET F 159 -29.54 11.20 -16.76
N GLU F 160 -30.72 11.56 -16.25
CA GLU F 160 -31.36 10.85 -15.11
C GLU F 160 -32.41 9.81 -15.57
N TYR F 161 -32.65 9.61 -16.87
CA TYR F 161 -33.82 8.78 -17.24
C TYR F 161 -33.67 7.34 -16.74
N ARG F 162 -32.45 6.83 -16.62
CA ARG F 162 -32.21 5.43 -16.15
C ARG F 162 -32.83 5.24 -14.77
N TYR F 163 -33.10 6.35 -14.02
CA TYR F 163 -33.64 6.24 -12.65
C TYR F 163 -35.14 6.39 -12.62
N MET F 164 -35.82 6.62 -13.76
CA MET F 164 -37.29 6.63 -13.73
C MET F 164 -37.71 5.19 -13.40
N PRO F 165 -38.56 4.95 -12.38
CA PRO F 165 -38.89 3.57 -11.99
C PRO F 165 -39.21 2.57 -13.11
N PRO F 166 -40.07 2.84 -14.10
CA PRO F 166 -40.28 1.88 -15.20
C PRO F 166 -39.03 1.63 -16.07
N ILE F 167 -38.21 2.65 -16.27
CA ILE F 167 -36.95 2.45 -17.06
C ILE F 167 -35.94 1.66 -16.25
N ALA F 168 -35.77 2.00 -14.97
CA ALA F 168 -34.87 1.26 -14.07
C ALA F 168 -35.27 -0.22 -14.07
N ALA F 169 -36.58 -0.52 -14.05
CA ALA F 169 -37.05 -1.94 -14.03
C ALA F 169 -36.64 -2.62 -15.36
N LEU F 170 -36.85 -1.95 -16.50
CA LEU F 170 -36.43 -2.50 -17.82
C LEU F 170 -34.92 -2.69 -17.84
N LEU F 171 -34.16 -1.72 -17.35
CA LEU F 171 -32.67 -1.93 -17.37
C LEU F 171 -32.28 -3.16 -16.54
N ALA F 172 -32.89 -3.31 -15.39
CA ALA F 172 -32.49 -4.40 -14.48
C ALA F 172 -32.87 -5.76 -15.06
N ARG F 173 -33.96 -5.83 -15.81
CA ARG F 173 -34.53 -7.14 -16.22
C ARG F 173 -34.23 -7.49 -17.67
N ALA F 174 -33.79 -6.54 -18.48
CA ALA F 174 -33.71 -6.72 -19.93
C ALA F 174 -32.83 -7.91 -20.32
N GLU F 175 -31.64 -8.07 -19.73
CA GLU F 175 -30.75 -9.19 -20.14
C GLU F 175 -31.47 -10.51 -19.88
N ALA F 176 -32.11 -10.68 -18.73
CA ALA F 176 -32.74 -11.98 -18.40
C ALA F 176 -33.96 -12.22 -19.32
N VAL F 177 -34.72 -11.21 -19.60
CA VAL F 177 -35.96 -11.40 -20.42
C VAL F 177 -35.56 -11.69 -21.87
N THR F 178 -34.59 -10.98 -22.40
CA THR F 178 -34.25 -11.04 -23.85
C THR F 178 -33.29 -12.21 -24.12
N GLY F 179 -32.51 -12.65 -23.13
CA GLY F 179 -31.37 -13.57 -23.41
C GLY F 179 -30.29 -12.91 -24.26
N GLY F 180 -30.15 -11.58 -24.18
CA GLY F 180 -29.18 -10.85 -25.01
C GLY F 180 -29.96 -9.88 -25.88
N ILE F 181 -29.67 -8.60 -25.74
CA ILE F 181 -30.47 -7.55 -26.45
C ILE F 181 -29.93 -7.43 -27.89
N LYS F 182 -30.77 -7.79 -28.89
CA LYS F 182 -30.43 -7.66 -30.32
C LYS F 182 -30.94 -6.32 -30.88
N MET F 183 -32.06 -5.84 -30.36
CA MET F 183 -32.72 -4.63 -30.87
C MET F 183 -33.17 -3.82 -29.66
N LEU F 184 -33.00 -2.52 -29.73
CA LEU F 184 -33.52 -1.63 -28.71
C LEU F 184 -34.22 -0.45 -29.41
N SER F 185 -35.49 -0.30 -29.15
CA SER F 185 -36.29 0.78 -29.75
C SER F 185 -36.74 1.77 -28.66
N LEU F 186 -36.62 3.07 -28.94
CA LEU F 186 -37.03 4.13 -27.99
C LEU F 186 -37.91 5.14 -28.72
N ARG F 187 -39.05 5.48 -28.12
CA ARG F 187 -40.00 6.42 -28.78
C ARG F 187 -40.37 7.50 -27.78
N GLU F 188 -40.18 8.76 -28.17
CA GLU F 188 -40.61 9.90 -27.36
C GLU F 188 -41.69 10.68 -28.13
N HIS F 189 -42.91 10.66 -27.60
CA HIS F 189 -44.06 11.36 -28.18
C HIS F 189 -44.56 12.37 -27.15
N ARG F 190 -44.38 13.64 -27.45
CA ARG F 190 -44.71 14.66 -26.46
C ARG F 190 -45.06 15.99 -27.11
N PHE F 191 -45.36 16.94 -26.25
CA PHE F 191 -45.75 18.32 -26.61
C PHE F 191 -44.51 19.18 -26.86
N PRO F 192 -44.71 20.31 -27.55
CA PRO F 192 -43.58 21.12 -27.96
C PRO F 192 -42.74 21.65 -26.79
N PHE F 193 -41.49 21.94 -27.10
CA PHE F 193 -40.59 22.58 -26.11
C PHE F 193 -41.30 23.75 -25.47
N LEU F 194 -41.15 23.82 -24.15
CA LEU F 194 -41.77 24.88 -23.34
C LEU F 194 -41.01 26.20 -23.57
N GLU F 195 -41.63 27.29 -23.20
CA GLU F 195 -40.97 28.61 -23.27
C GLU F 195 -39.97 28.69 -22.12
N LYS F 196 -38.82 29.26 -22.39
CA LYS F 196 -37.75 29.35 -21.38
C LYS F 196 -37.29 30.78 -21.15
N VAL F 197 -36.44 30.97 -20.17
CA VAL F 197 -35.91 32.34 -19.87
C VAL F 197 -35.07 32.81 -21.06
N GLY F 198 -35.39 34.00 -21.57
CA GLY F 198 -34.73 34.58 -22.75
C GLY F 198 -34.99 33.78 -24.03
N ASP F 199 -36.02 32.93 -24.03
CA ASP F 199 -36.38 32.13 -25.22
C ASP F 199 -35.18 31.30 -25.70
N TRP F 200 -34.29 30.85 -24.83
CA TRP F 200 -33.02 30.28 -25.30
C TRP F 200 -33.21 29.00 -26.10
N ASN F 201 -34.27 28.22 -25.84
CA ASN F 201 -34.32 26.83 -26.40
C ASN F 201 -34.98 26.83 -27.78
N ARG F 202 -35.08 27.98 -28.43
CA ARG F 202 -35.70 28.06 -29.79
C ARG F 202 -34.67 28.03 -30.93
N PHE F 203 -33.35 27.95 -30.64
CA PHE F 203 -32.34 28.06 -31.71
C PHE F 203 -31.30 26.96 -31.49
N ASN F 204 -30.88 26.35 -32.57
CA ASN F 204 -29.83 25.28 -32.57
C ASN F 204 -28.51 25.82 -32.02
N VAL F 205 -28.16 27.08 -32.28
CA VAL F 205 -26.86 27.58 -31.75
C VAL F 205 -26.88 27.52 -30.21
N ASN F 206 -28.04 27.67 -29.58
CA ASN F 206 -28.19 27.71 -28.11
C ASN F 206 -28.37 26.30 -27.56
N THR F 207 -29.01 25.41 -28.33
CA THR F 207 -29.43 24.09 -27.81
C THR F 207 -28.46 22.98 -28.19
N GLY F 208 -27.65 23.17 -29.23
CA GLY F 208 -26.87 22.08 -29.85
C GLY F 208 -27.68 21.30 -30.84
N GLY F 209 -28.95 21.63 -31.03
CA GLY F 209 -29.88 20.93 -31.93
C GLY F 209 -30.75 19.95 -31.13
N THR F 210 -31.93 19.61 -31.64
CA THR F 210 -32.94 18.84 -30.89
C THR F 210 -32.44 17.42 -30.56
N PHE F 211 -31.70 16.75 -31.43
CA PHE F 211 -31.20 15.41 -31.08
C PHE F 211 -30.14 15.48 -29.97
N VAL F 212 -29.42 16.58 -29.85
CA VAL F 212 -28.48 16.82 -28.75
C VAL F 212 -29.27 17.18 -27.45
N GLU F 213 -30.13 18.19 -27.52
CA GLU F 213 -30.90 18.76 -26.37
C GLU F 213 -31.83 17.71 -25.77
N LYS F 214 -32.64 17.05 -26.58
CA LYS F 214 -33.75 16.24 -26.05
C LYS F 214 -33.32 14.76 -26.08
N CYS F 215 -32.53 14.34 -27.06
CA CYS F 215 -32.36 12.89 -27.32
C CYS F 215 -31.02 12.35 -26.82
N CYS F 216 -30.17 13.17 -26.20
CA CYS F 216 -28.96 12.67 -25.54
C CYS F 216 -29.38 11.57 -24.56
N HIS F 217 -30.46 11.77 -23.82
CA HIS F 217 -30.97 10.82 -22.81
C HIS F 217 -31.09 9.43 -23.48
N PHE F 218 -31.70 9.37 -24.65
CA PHE F 218 -31.97 8.08 -25.35
C PHE F 218 -30.69 7.45 -25.94
N PHE F 219 -29.78 8.25 -26.51
CA PHE F 219 -28.49 7.74 -27.01
C PHE F 219 -27.71 7.14 -25.84
N ASP F 220 -27.73 7.80 -24.67
CA ASP F 220 -27.04 7.33 -23.49
C ASP F 220 -27.70 5.99 -23.06
N LEU F 221 -29.03 5.89 -23.10
CA LEU F 221 -29.68 4.62 -22.71
C LEU F 221 -29.26 3.51 -23.66
N MET F 222 -29.06 3.84 -24.93
CA MET F 222 -28.62 2.80 -25.88
C MET F 222 -27.27 2.26 -25.40
N ARG F 223 -26.33 3.13 -25.12
CA ARG F 223 -24.97 2.69 -24.72
C ARG F 223 -25.05 1.91 -23.38
N LEU F 224 -25.92 2.32 -22.46
CA LEU F 224 -26.04 1.68 -21.13
C LEU F 224 -26.54 0.25 -21.30
N VAL F 225 -27.63 0.09 -22.04
CA VAL F 225 -28.33 -1.22 -22.27
C VAL F 225 -27.44 -2.16 -23.10
N LEU F 226 -26.80 -1.65 -24.14
CA LEU F 226 -26.10 -2.52 -25.12
C LEU F 226 -24.63 -2.72 -24.69
N ARG F 227 -24.11 -1.88 -23.79
CA ARG F 227 -22.74 -2.01 -23.21
C ARG F 227 -21.68 -1.96 -24.32
N ARG F 228 -21.95 -1.20 -25.38
CA ARG F 228 -21.07 -1.12 -26.55
C ARG F 228 -21.20 0.31 -27.10
N ASN F 229 -20.21 0.69 -27.90
CA ASN F 229 -20.16 2.03 -28.51
C ASN F 229 -20.77 1.94 -29.89
N PRO F 230 -21.44 3.03 -30.31
CA PRO F 230 -22.00 3.11 -31.65
C PRO F 230 -20.90 3.32 -32.69
N VAL F 231 -21.11 2.76 -33.88
CA VAL F 231 -20.19 2.93 -35.02
C VAL F 231 -20.86 3.70 -36.16
N ARG F 232 -22.19 3.80 -36.20
CA ARG F 232 -22.81 4.42 -37.38
C ARG F 232 -24.19 4.92 -37.00
N VAL F 233 -24.59 6.04 -37.60
CA VAL F 233 -25.91 6.68 -37.38
C VAL F 233 -26.52 7.01 -38.74
N MET F 234 -27.80 6.65 -38.91
CA MET F 234 -28.62 7.04 -40.07
C MET F 234 -29.85 7.74 -39.53
N ALA F 235 -30.20 8.90 -40.06
CA ALA F 235 -31.36 9.66 -39.53
C ALA F 235 -32.13 10.39 -40.64
N SER F 236 -33.41 10.58 -40.36
CA SER F 236 -34.32 11.46 -41.11
C SER F 236 -35.02 12.37 -40.10
N ALA F 237 -35.03 13.67 -40.33
CA ALA F 237 -35.60 14.60 -39.33
C ALA F 237 -35.88 15.93 -39.99
N ALA F 238 -36.85 16.65 -39.45
CA ALA F 238 -37.21 17.99 -39.96
C ALA F 238 -37.84 18.81 -38.84
N GLN F 239 -37.98 20.10 -39.08
CA GLN F 239 -38.93 20.99 -38.37
C GLN F 239 -40.23 21.02 -39.19
N SER F 240 -41.19 20.13 -38.89
CA SER F 240 -42.41 19.92 -39.73
C SER F 240 -43.57 20.80 -39.25
N VAL F 241 -43.60 21.17 -37.98
CA VAL F 241 -44.82 21.76 -37.35
C VAL F 241 -44.42 22.88 -36.39
N ASN F 242 -43.53 22.59 -35.44
CA ASN F 242 -43.49 23.44 -34.21
C ASN F 242 -42.72 24.75 -34.50
N HIS F 243 -43.24 25.82 -33.83
CA HIS F 243 -42.53 27.12 -33.65
C HIS F 243 -42.27 27.80 -34.99
N LEU F 244 -42.90 27.36 -36.08
CA LEU F 244 -42.65 27.92 -37.43
C LEU F 244 -43.16 29.38 -37.49
N ASP F 245 -44.10 29.70 -36.60
CA ASP F 245 -44.86 31.00 -36.71
C ASP F 245 -44.34 31.96 -35.65
N GLU F 246 -43.36 31.52 -34.89
CA GLU F 246 -42.76 32.37 -33.83
C GLU F 246 -41.73 33.29 -34.52
N ARG F 247 -41.49 34.42 -33.89
CA ARG F 247 -40.37 35.29 -34.31
C ARG F 247 -39.68 35.86 -33.06
N TYR F 248 -38.36 35.79 -33.01
CA TYR F 248 -37.53 36.41 -31.96
C TYR F 248 -36.56 37.37 -32.64
N ASP F 249 -36.87 38.68 -32.54
CA ASP F 249 -36.05 39.72 -33.22
C ASP F 249 -36.06 39.43 -34.72
N GLY F 250 -37.23 38.96 -35.21
CA GLY F 250 -37.39 38.61 -36.63
C GLY F 250 -36.92 37.20 -36.97
N LYS F 251 -36.18 36.51 -36.12
CA LYS F 251 -35.62 35.16 -36.46
C LYS F 251 -36.66 34.07 -36.19
N THR F 252 -36.74 33.12 -37.11
CA THR F 252 -37.66 31.96 -36.98
C THR F 252 -36.94 30.76 -36.31
N PRO F 253 -37.49 30.19 -35.23
CA PRO F 253 -36.85 29.03 -34.62
C PRO F 253 -36.51 27.92 -35.66
N ASP F 254 -35.27 27.36 -35.51
CA ASP F 254 -34.69 26.45 -36.53
C ASP F 254 -34.56 25.02 -35.96
N ILE F 255 -35.19 24.78 -34.82
CA ILE F 255 -35.06 23.47 -34.12
C ILE F 255 -35.95 22.39 -34.79
N LEU F 256 -35.36 21.21 -34.93
CA LEU F 256 -36.09 20.01 -35.41
C LEU F 256 -37.21 19.71 -34.41
N ASP F 257 -38.30 19.09 -34.93
CA ASP F 257 -39.38 18.63 -34.04
C ASP F 257 -39.71 17.16 -34.21
N ASN F 258 -39.17 16.44 -35.20
CA ASN F 258 -39.50 15.01 -35.33
C ASN F 258 -38.42 14.34 -36.15
N GLY F 259 -38.24 13.04 -35.92
CA GLY F 259 -37.40 12.23 -36.79
C GLY F 259 -37.16 10.85 -36.23
N TYR F 260 -36.39 10.10 -37.00
CA TYR F 260 -36.01 8.70 -36.74
C TYR F 260 -34.50 8.62 -36.80
N VAL F 261 -33.91 7.79 -35.94
CA VAL F 261 -32.45 7.60 -35.91
C VAL F 261 -32.21 6.10 -35.76
N ILE F 262 -31.46 5.53 -36.68
CA ILE F 262 -30.94 4.15 -36.56
C ILE F 262 -29.51 4.26 -36.11
N VAL F 263 -29.15 3.45 -35.11
CA VAL F 263 -27.75 3.44 -34.60
C VAL F 263 -27.25 1.99 -34.61
N ASP F 264 -26.09 1.78 -35.24
CA ASP F 264 -25.39 0.49 -35.25
C ASP F 264 -24.28 0.51 -34.20
N PHE F 265 -24.11 -0.61 -33.53
CA PHE F 265 -23.16 -0.75 -32.40
C PHE F 265 -22.11 -1.78 -32.74
N GLU F 266 -20.91 -1.57 -32.18
CA GLU F 266 -19.85 -2.59 -32.19
C GLU F 266 -20.53 -3.85 -31.63
N GLY F 267 -20.24 -5.03 -32.24
CA GLY F 267 -20.81 -6.29 -31.76
C GLY F 267 -22.09 -6.64 -32.51
N GLY F 268 -22.76 -5.70 -33.16
CA GLY F 268 -23.88 -6.02 -34.06
C GLY F 268 -25.25 -5.65 -33.50
N ALA F 269 -25.40 -5.21 -32.22
CA ALA F 269 -26.76 -4.79 -31.75
C ALA F 269 -27.18 -3.55 -32.56
N ARG F 270 -28.48 -3.33 -32.68
CA ARG F 270 -28.96 -2.12 -33.38
C ARG F 270 -30.01 -1.43 -32.51
N ALA F 271 -30.11 -0.14 -32.69
CA ALA F 271 -31.11 0.62 -31.93
C ALA F 271 -31.81 1.63 -32.85
N MET F 272 -33.01 2.01 -32.45
CA MET F 272 -33.80 3.01 -33.21
C MET F 272 -34.44 3.99 -32.23
N LEU F 273 -34.37 5.28 -32.53
CA LEU F 273 -35.07 6.35 -31.79
C LEU F 273 -36.15 6.97 -32.68
N GLU F 274 -37.35 7.07 -32.16
CA GLU F 274 -38.41 7.86 -32.83
C GLU F 274 -38.71 9.08 -31.96
N LEU F 275 -38.70 10.27 -32.54
CA LEU F 275 -39.07 11.50 -31.80
C LEU F 275 -40.22 12.23 -32.50
N CYS F 276 -41.19 12.63 -31.72
CA CYS F 276 -42.22 13.57 -32.20
C CYS F 276 -42.56 14.56 -31.09
N MET F 277 -42.35 15.87 -31.36
CA MET F 277 -42.62 16.93 -30.35
C MET F 277 -44.01 17.55 -30.60
N PHE F 278 -44.88 16.92 -31.40
CA PHE F 278 -46.28 17.39 -31.57
C PHE F 278 -47.25 16.22 -31.38
N ALA F 279 -46.84 15.22 -30.60
CA ALA F 279 -47.66 14.05 -30.25
C ALA F 279 -48.11 14.18 -28.78
N ASP F 280 -48.70 15.35 -28.44
CA ASP F 280 -49.19 15.71 -27.09
C ASP F 280 -50.16 14.65 -26.56
N GLY F 281 -50.97 14.00 -27.41
CA GLY F 281 -52.07 13.15 -26.94
C GLY F 281 -51.62 11.75 -26.56
N ALA F 282 -50.36 11.37 -26.80
CA ALA F 282 -49.89 10.01 -26.51
C ALA F 282 -50.01 9.73 -25.01
N ARG F 283 -50.62 8.60 -24.67
CA ARG F 283 -50.81 8.19 -23.26
C ARG F 283 -49.46 8.11 -22.55
N TYR F 284 -48.49 7.48 -23.18
CA TYR F 284 -47.13 7.33 -22.64
C TYR F 284 -46.19 8.20 -23.45
N GLN F 285 -45.46 9.04 -22.76
CA GLN F 285 -44.47 9.93 -23.41
C GLN F 285 -43.26 9.10 -23.93
N GLU F 286 -42.72 8.20 -23.13
CA GLU F 286 -41.63 7.34 -23.61
C GLU F 286 -42.11 5.91 -23.63
N THR F 287 -41.76 5.19 -24.69
CA THR F 287 -41.86 3.72 -24.70
C THR F 287 -40.52 3.19 -25.14
N ILE F 288 -40.07 2.12 -24.50
CA ILE F 288 -38.74 1.56 -24.77
C ILE F 288 -38.93 0.05 -24.83
N SER F 289 -38.52 -0.56 -25.94
CA SER F 289 -38.63 -2.03 -26.23
C SER F 289 -37.22 -2.61 -26.37
N ALA F 290 -36.90 -3.74 -25.71
CA ALA F 290 -35.67 -4.52 -25.90
C ALA F 290 -36.09 -5.94 -26.29
N VAL F 291 -35.54 -6.44 -27.37
CA VAL F 291 -35.87 -7.76 -27.92
C VAL F 291 -34.58 -8.58 -28.11
N GLY F 292 -34.64 -9.84 -27.68
CA GLY F 292 -33.62 -10.84 -28.01
C GLY F 292 -34.24 -12.23 -28.20
N PRO F 293 -33.37 -13.26 -28.32
CA PRO F 293 -33.81 -14.60 -28.70
C PRO F 293 -34.72 -15.28 -27.67
N ALA F 294 -34.75 -14.80 -26.43
CA ALA F 294 -35.56 -15.43 -25.33
C ALA F 294 -36.82 -14.64 -25.00
N GLY F 295 -37.00 -13.43 -25.52
CA GLY F 295 -38.18 -12.64 -25.18
C GLY F 295 -37.98 -11.15 -25.45
N LYS F 296 -39.00 -10.39 -25.04
CA LYS F 296 -39.15 -8.94 -25.25
C LYS F 296 -39.56 -8.29 -23.91
N ILE F 297 -39.01 -7.11 -23.61
CA ILE F 297 -39.51 -6.31 -22.49
C ILE F 297 -39.79 -4.91 -23.02
N GLU F 298 -40.84 -4.27 -22.50
CA GLU F 298 -41.19 -2.90 -22.97
C GLU F 298 -41.62 -2.08 -21.76
N ALA F 299 -41.15 -0.83 -21.69
CA ALA F 299 -41.46 0.13 -20.62
C ALA F 299 -42.39 1.18 -21.23
N PHE F 300 -43.37 1.57 -20.46
CA PHE F 300 -44.41 2.58 -20.81
C PHE F 300 -44.34 3.67 -19.74
N VAL F 301 -43.85 4.84 -20.13
CA VAL F 301 -43.43 5.89 -19.15
C VAL F 301 -44.32 7.10 -19.38
N PRO F 302 -45.10 7.49 -18.38
CA PRO F 302 -45.96 8.67 -18.46
C PRO F 302 -45.15 9.96 -18.54
N GLY F 303 -45.75 10.99 -19.16
CA GLY F 303 -45.19 12.34 -19.12
C GLY F 303 -45.37 13.00 -17.75
N PRO F 304 -44.94 14.26 -17.60
CA PRO F 304 -45.04 14.95 -16.32
C PRO F 304 -46.49 15.06 -15.87
N THR F 305 -46.79 14.74 -14.60
CA THR F 305 -48.19 14.75 -14.12
C THR F 305 -48.79 16.15 -14.22
N ARG F 306 -47.99 17.22 -14.15
CA ARG F 306 -48.57 18.58 -14.14
C ARG F 306 -49.15 18.87 -15.49
N PHE F 307 -48.83 18.10 -16.53
CA PHE F 307 -49.38 18.42 -17.89
C PHE F 307 -50.55 17.49 -18.21
N TRP F 308 -51.01 16.72 -17.26
CA TRP F 308 -52.18 15.81 -17.46
C TRP F 308 -53.38 16.48 -16.83
N PRO F 309 -54.27 17.17 -17.60
CA PRO F 309 -55.36 17.91 -17.00
C PRO F 309 -56.40 17.05 -16.20
N GLY F 310 -56.79 17.55 -15.02
CA GLY F 310 -57.63 16.82 -14.05
C GLY F 310 -58.97 16.43 -14.65
N ASP F 311 -59.39 17.15 -15.70
CA ASP F 311 -60.63 16.82 -16.45
C ASP F 311 -60.44 15.51 -17.23
N LEU F 312 -59.22 14.98 -17.32
CA LEU F 312 -58.97 13.68 -18.03
C LEU F 312 -59.08 12.49 -17.05
N GLY F 313 -59.30 12.71 -15.73
CA GLY F 313 -59.20 11.62 -14.73
C GLY F 313 -57.73 11.33 -14.38
N ALA F 314 -57.43 10.24 -13.65
CA ALA F 314 -56.08 9.96 -13.11
C ALA F 314 -55.05 9.80 -14.25
N PRO F 315 -53.83 10.29 -14.03
CA PRO F 315 -52.81 10.15 -15.05
C PRO F 315 -52.43 8.68 -15.23
N PRO F 316 -51.90 8.32 -16.40
CA PRO F 316 -51.51 6.95 -16.63
C PRO F 316 -50.45 6.49 -15.60
N VAL F 317 -50.53 5.23 -15.23
CA VAL F 317 -49.58 4.54 -14.32
C VAL F 317 -48.41 4.02 -15.15
N PRO F 318 -47.13 4.15 -14.74
CA PRO F 318 -46.06 3.51 -15.48
C PRO F 318 -46.19 1.99 -15.50
N LEU F 319 -45.86 1.38 -16.62
CA LEU F 319 -45.99 -0.10 -16.84
C LEU F 319 -44.70 -0.68 -17.42
N ILE F 320 -44.48 -1.95 -17.14
CA ILE F 320 -43.52 -2.75 -17.93
C ILE F 320 -44.31 -3.97 -18.40
N GLU F 321 -44.05 -4.43 -19.61
CA GLU F 321 -44.70 -5.61 -20.16
C GLU F 321 -43.59 -6.61 -20.52
N ILE F 322 -43.71 -7.81 -20.00
CA ILE F 322 -42.78 -8.95 -20.25
C ILE F 322 -43.44 -9.93 -21.22
N SER F 323 -42.77 -10.23 -22.32
CA SER F 323 -43.32 -11.09 -23.38
C SER F 323 -42.31 -12.19 -23.71
N PRO F 324 -42.28 -13.30 -22.91
CA PRO F 324 -41.35 -14.41 -23.15
C PRO F 324 -41.69 -15.05 -24.51
N ARG F 325 -40.65 -15.36 -25.27
CA ARG F 325 -40.82 -15.82 -26.67
C ARG F 325 -41.47 -17.21 -26.71
N LEU F 326 -40.90 -18.15 -25.95
CA LEU F 326 -41.35 -19.57 -26.09
C LEU F 326 -42.63 -19.82 -25.30
N SER F 327 -42.75 -19.29 -24.08
CA SER F 327 -43.99 -19.46 -23.25
C SER F 327 -45.17 -18.67 -23.80
N LYS F 328 -44.93 -17.51 -24.41
CA LYS F 328 -46.03 -16.60 -24.86
C LYS F 328 -46.91 -16.11 -23.71
N GLN F 329 -46.48 -16.28 -22.45
CA GLN F 329 -47.24 -15.88 -21.23
C GLN F 329 -46.86 -14.43 -20.86
N ILE F 330 -47.64 -13.48 -21.33
CA ILE F 330 -47.32 -12.05 -21.13
C ILE F 330 -47.65 -11.63 -19.70
N LYS F 331 -46.74 -10.88 -19.09
CA LYS F 331 -47.01 -10.27 -17.77
C LYS F 331 -46.90 -8.74 -17.85
N VAL F 332 -47.81 -8.07 -17.16
CA VAL F 332 -47.75 -6.59 -17.01
C VAL F 332 -47.60 -6.24 -15.55
N HIS F 333 -46.69 -5.29 -15.27
CA HIS F 333 -46.45 -4.76 -13.90
C HIS F 333 -46.66 -3.25 -13.88
N GLU F 334 -47.45 -2.78 -12.91
CA GLU F 334 -47.50 -1.33 -12.60
C GLU F 334 -46.23 -1.00 -11.82
N ILE F 335 -45.61 0.13 -12.11
CA ILE F 335 -44.41 0.60 -11.38
C ILE F 335 -44.64 2.06 -11.00
N PRO F 336 -45.49 2.30 -9.97
CA PRO F 336 -45.84 3.66 -9.59
C PRO F 336 -44.67 4.41 -8.94
N VAL F 337 -44.65 5.73 -9.15
CA VAL F 337 -43.69 6.65 -8.51
C VAL F 337 -44.29 7.11 -7.18
N ASP F 338 -43.45 7.16 -6.13
CA ASP F 338 -43.84 7.76 -4.83
C ASP F 338 -44.50 9.13 -5.10
N PRO F 339 -45.69 9.44 -4.52
CA PRO F 339 -46.33 10.74 -4.73
C PRO F 339 -45.46 11.94 -4.35
N LYS F 340 -44.60 11.82 -3.34
CA LYS F 340 -43.72 12.93 -2.90
C LYS F 340 -42.76 13.25 -4.06
N LEU F 341 -42.33 12.25 -4.79
CA LEU F 341 -41.37 12.44 -5.90
C LEU F 341 -42.12 13.02 -7.10
N LEU F 342 -43.38 12.62 -7.31
CA LEU F 342 -44.17 13.28 -8.36
C LEU F 342 -44.41 14.77 -8.04
N LYS F 343 -44.57 15.15 -6.77
CA LYS F 343 -44.76 16.60 -6.41
C LYS F 343 -43.47 17.40 -6.67
N ALA F 344 -42.29 16.80 -6.62
CA ALA F 344 -40.99 17.51 -6.63
C ALA F 344 -40.47 17.70 -8.05
N GLY F 345 -41.06 17.08 -9.08
CA GLY F 345 -40.48 17.21 -10.44
C GLY F 345 -41.30 16.64 -11.56
N ASP F 346 -40.76 16.77 -12.78
CA ASP F 346 -41.41 16.40 -14.05
C ASP F 346 -40.83 15.07 -14.60
N HIS F 347 -39.94 14.39 -13.87
CA HIS F 347 -39.18 13.24 -14.41
C HIS F 347 -39.39 11.97 -13.60
N ASN F 348 -40.63 11.72 -13.16
CA ASN F 348 -40.98 10.42 -12.51
C ASN F 348 -40.02 10.12 -11.37
N GLY F 349 -39.61 11.13 -10.65
CA GLY F 349 -38.79 10.95 -9.43
C GLY F 349 -37.31 10.74 -9.75
N ALA F 350 -36.95 10.70 -11.02
CA ALA F 350 -35.58 10.31 -11.43
C ALA F 350 -34.59 11.33 -10.87
N THR F 351 -34.98 12.58 -10.75
CA THR F 351 -34.02 13.63 -10.26
C THR F 351 -33.61 13.29 -8.81
N TYR F 352 -34.54 12.75 -8.02
CA TYR F 352 -34.27 12.39 -6.62
C TYR F 352 -33.31 11.23 -6.57
N PHE F 353 -33.58 10.16 -7.34
CA PHE F 353 -32.68 8.97 -7.34
C PHE F 353 -31.26 9.36 -7.78
N GLN F 354 -31.18 10.24 -8.78
CA GLN F 354 -29.89 10.75 -9.30
C GLN F 354 -29.14 11.40 -8.15
N HIS F 355 -29.82 12.30 -7.44
CA HIS F 355 -29.17 13.03 -6.31
C HIS F 355 -28.77 12.05 -5.22
N GLN F 356 -29.57 11.03 -4.92
CA GLN F 356 -29.15 10.08 -3.87
C GLN F 356 -27.78 9.49 -4.24
N ARG F 357 -27.59 9.14 -5.52
CA ARG F 357 -26.33 8.50 -5.95
C ARG F 357 -25.20 9.51 -6.02
N PHE F 358 -25.49 10.71 -6.53
CA PHE F 358 -24.46 11.77 -6.60
C PHE F 358 -24.02 12.16 -5.17
N MET F 359 -24.97 12.30 -4.25
CA MET F 359 -24.63 12.69 -2.86
C MET F 359 -23.71 11.60 -2.22
N ALA F 360 -23.98 10.32 -2.46
CA ALA F 360 -23.19 9.23 -1.83
C ALA F 360 -21.77 9.34 -2.36
N LEU F 361 -21.62 9.68 -3.63
CA LEU F 361 -20.29 9.91 -4.27
C LEU F 361 -19.58 11.09 -3.60
N VAL F 362 -20.28 12.21 -3.42
CA VAL F 362 -19.68 13.41 -2.80
C VAL F 362 -19.24 13.07 -1.37
N GLN F 363 -20.04 12.32 -0.64
CA GLN F 363 -19.77 11.95 0.77
C GLN F 363 -18.62 10.95 0.85
N GLY F 364 -18.42 10.17 -0.17
CA GLY F 364 -17.37 9.14 -0.17
C GLY F 364 -17.89 7.78 0.23
N SER F 365 -19.20 7.60 0.32
CA SER F 365 -19.81 6.25 0.58
C SER F 365 -19.78 5.44 -0.74
N SER F 366 -19.67 6.09 -1.88
CA SER F 366 -19.62 5.47 -3.23
C SER F 366 -18.39 6.00 -3.97
N THR F 367 -17.80 5.24 -4.91
CA THR F 367 -16.65 5.74 -5.71
C THR F 367 -17.10 5.93 -7.18
N GLU F 368 -18.32 5.50 -7.51
CA GLU F 368 -18.73 5.28 -8.93
C GLU F 368 -19.49 6.53 -9.47
N THR F 369 -18.95 7.17 -10.49
CA THR F 369 -19.71 8.15 -11.29
C THR F 369 -20.54 7.35 -12.29
N GLU F 370 -21.87 7.26 -12.15
CA GLU F 370 -22.68 6.35 -13.00
C GLU F 370 -22.82 6.93 -14.40
N VAL F 371 -22.89 8.24 -14.53
CA VAL F 371 -22.98 8.88 -15.86
C VAL F 371 -21.77 9.81 -15.98
N SER F 372 -20.77 9.36 -16.70
CA SER F 372 -19.44 10.01 -16.77
C SER F 372 -19.44 11.12 -17.83
N PHE F 373 -18.41 11.95 -17.78
CA PHE F 373 -18.12 12.92 -18.84
C PHE F 373 -18.15 12.20 -20.19
N SER F 374 -17.47 11.06 -20.23
CA SER F 374 -17.39 10.22 -21.45
C SER F 374 -18.80 9.77 -21.91
N ASP F 375 -19.65 9.37 -21.00
CA ASP F 375 -21.05 8.98 -21.36
C ASP F 375 -21.78 10.22 -21.90
N GLY F 376 -21.59 11.38 -21.23
CA GLY F 376 -22.19 12.63 -21.70
C GLY F 376 -21.72 12.96 -23.12
N LEU F 377 -20.41 12.81 -23.37
CA LEU F 377 -19.83 13.22 -24.67
C LEU F 377 -20.33 12.26 -25.75
N TRP F 378 -20.34 10.99 -25.47
CA TRP F 378 -20.84 10.01 -26.47
C TRP F 378 -22.28 10.39 -26.87
N ALA F 379 -23.11 10.69 -25.88
CA ALA F 379 -24.52 10.97 -26.14
C ALA F 379 -24.62 12.20 -27.04
N VAL F 380 -23.80 13.22 -26.81
CA VAL F 380 -23.83 14.46 -27.63
C VAL F 380 -23.32 14.14 -29.04
N ARG F 381 -22.24 13.37 -29.15
CA ARG F 381 -21.67 13.04 -30.48
C ARG F 381 -22.70 12.24 -31.28
N MET F 382 -23.45 11.38 -30.62
CA MET F 382 -24.53 10.63 -31.31
C MET F 382 -25.60 11.62 -31.84
N GLY F 383 -26.04 12.58 -31.02
CA GLY F 383 -27.01 13.60 -31.48
C GLY F 383 -26.43 14.42 -32.64
N MET F 384 -25.15 14.82 -32.53
CA MET F 384 -24.51 15.61 -33.61
C MET F 384 -24.49 14.80 -34.92
N ALA F 385 -24.18 13.52 -34.85
CA ALA F 385 -24.12 12.64 -36.03
C ALA F 385 -25.53 12.45 -36.58
N ALA F 386 -26.53 12.29 -35.73
CA ALA F 386 -27.94 12.17 -36.19
C ALA F 386 -28.33 13.45 -36.93
N GLN F 387 -27.96 14.61 -36.41
CA GLN F 387 -28.35 15.88 -37.07
C GLN F 387 -27.63 16.03 -38.42
N HIS F 388 -26.36 15.66 -38.49
CA HIS F 388 -25.60 15.72 -39.76
C HIS F 388 -26.20 14.72 -40.77
N SER F 389 -26.51 13.51 -40.29
CA SER F 389 -27.11 12.49 -41.19
C SER F 389 -28.44 13.00 -41.77
N ALA F 390 -29.29 13.56 -40.93
CA ALA F 390 -30.61 14.06 -41.35
C ALA F 390 -30.43 15.24 -42.33
N ALA F 391 -29.39 16.06 -42.14
CA ALA F 391 -29.15 17.24 -42.99
C ALA F 391 -28.63 16.84 -44.36
N THR F 392 -27.87 15.75 -44.45
CA THR F 392 -27.18 15.36 -45.71
C THR F 392 -27.84 14.15 -46.35
N GLY F 393 -28.73 13.44 -45.66
CA GLY F 393 -29.32 12.20 -46.22
C GLY F 393 -28.30 11.08 -46.36
N GLN F 394 -27.27 11.10 -45.51
CA GLN F 394 -26.19 10.10 -45.59
C GLN F 394 -25.95 9.50 -44.20
N ALA F 395 -25.42 8.28 -44.16
CA ALA F 395 -24.96 7.66 -42.93
C ALA F 395 -23.74 8.42 -42.39
N VAL F 396 -23.61 8.45 -41.08
CA VAL F 396 -22.48 9.14 -40.43
C VAL F 396 -21.79 8.11 -39.54
N THR F 397 -20.48 7.93 -39.76
N THR F 397 -20.55 7.94 -39.83
CA THR F 397 -19.71 7.01 -38.91
CA THR F 397 -19.77 7.02 -38.98
C THR F 397 -19.29 7.74 -37.63
C THR F 397 -19.36 7.75 -37.70
N LEU F 398 -19.07 7.01 -36.53
CA LEU F 398 -18.47 7.56 -35.29
C LEU F 398 -17.23 6.73 -34.91
N GLU F 399 -16.17 7.37 -34.39
CA GLU F 399 -14.93 6.66 -33.97
C GLU F 399 -14.73 6.69 -32.43
#